data_6PFA
#
_entry.id   6PFA
#
_cell.length_a   213.210
_cell.length_b   117.294
_cell.length_c   222.817
_cell.angle_alpha   90.00
_cell.angle_beta   95.72
_cell.angle_gamma   90.00
#
_symmetry.space_group_name_H-M   'C 1 2 1'
#
loop_
_entity.id
_entity.type
_entity.pdbx_description
1 polymer 'Bifunctional dihydrofolate reductase-thymidylate synthase'
2 non-polymer 'NADPH DIHYDRO-NICOTINAMIDE-ADENINE-DINUCLEOTIDE PHOSPHATE'
3 non-polymer "5-FLUORO-2'-DEOXYURIDINE-5'-MONOPHOSPHATE"
4 non-polymer '2-[({4-[(2-amino-4-oxo-4,7-dihydro-3H-pyrrolo[2,3-d]pyrimidin-5-yl)methyl]benzene-1-carbonyl}amino)methyl]benzoic acid'
5 non-polymer METHOTREXATE
6 non-polymer 'SULFATE ION'
7 water water
#
_entity_poly.entity_id   1
_entity_poly.type   'polypeptide(L)'
_entity_poly.pdbx_seq_one_letter_code
;MSEKNVSIVVAASVLSSGIGINGQLPWSISEDLKFFSKITNNKCDSNKKNALIMGRKTWDSIGRRPLKNRIIVVISSSLP
QDEADPNVVVFRNLEDSIENLMNDDSIENIFVCGGESIYRDALKDNFVDRIYLTRVALEDIEFDTYFPEIPETFLPVYMS
QTFCTKNISYDFMIFEKQEKKTLQNCDPARGQLKSIDDTVDLLGEIFGIRKMGNRHKFPKEEIYNTPSIRFGREHYEFQY
LDLLSRVLENGAYRENRTGISTYSIFGQMMRFDMRESFPLLTTKKVAIRSIFEELIWFIKGDTNGNHLIEKKVYIWSGNG
SKEYLERIGLGHREENDLGPIYGFQWRHYNGEYKTMHDDYTGVGVDQLAKLIETLKNNPKDRRHILTAWNPSALSQMALP
PCHVLSQYYVTNDNCLSCNLYQRSCDLGLGSPFNIASYAILTMMLAQVCGYEPGELAIFIGDAHIYENHLTQLKEQLSRT
PRPFPQLKFKRKVENIEDFKWEDIELIGYYPYPTIKMDMAV
;
_entity_poly.pdbx_strand_id   A,B,C,D,E
#
# COMPACT_ATOMS: atom_id res chain seq x y z
N GLU A 3 20.82 -55.90 31.96
CA GLU A 3 21.51 -54.80 31.32
C GLU A 3 21.63 -53.59 32.26
N LYS A 4 22.71 -53.55 33.02
CA LYS A 4 22.99 -52.47 33.96
C LYS A 4 24.26 -51.73 33.51
N ASN A 5 24.73 -50.82 34.36
CA ASN A 5 25.82 -49.93 34.00
C ASN A 5 27.16 -50.52 34.37
N VAL A 6 28.17 -50.25 33.53
CA VAL A 6 29.54 -50.70 33.75
C VAL A 6 30.46 -49.50 33.64
N SER A 7 31.16 -49.19 34.73
CA SER A 7 32.00 -47.99 34.79
C SER A 7 33.42 -48.37 35.17
N ILE A 8 34.38 -47.69 34.56
CA ILE A 8 35.78 -47.83 34.92
C ILE A 8 36.13 -46.77 35.95
N VAL A 9 36.81 -47.17 37.03
CA VAL A 9 37.38 -46.25 38.00
C VAL A 9 38.89 -46.39 37.93
N VAL A 10 39.59 -45.27 37.75
CA VAL A 10 41.02 -45.29 37.54
C VAL A 10 41.62 -43.95 37.98
N ALA A 11 42.84 -44.01 38.49
CA ALA A 11 43.64 -42.83 38.80
C ALA A 11 44.92 -42.91 37.98
N ALA A 12 45.07 -42.00 37.02
CA ALA A 12 46.21 -42.03 36.10
C ALA A 12 46.87 -40.66 36.04
N SER A 13 48.16 -40.66 35.73
CA SER A 13 48.91 -39.42 35.64
C SER A 13 48.41 -38.58 34.47
N VAL A 14 48.74 -37.28 34.51
CA VAL A 14 48.09 -36.31 33.62
C VAL A 14 48.53 -36.50 32.18
N LEU A 15 49.80 -36.82 31.95
CA LEU A 15 50.34 -36.91 30.59
C LEU A 15 50.45 -38.36 30.11
N SER A 16 51.25 -39.18 30.78
CA SER A 16 51.53 -40.54 30.32
C SER A 16 50.49 -41.56 30.78
N SER A 17 49.57 -41.18 31.66
CA SER A 17 48.50 -42.07 32.13
C SER A 17 49.06 -43.28 32.89
N GLY A 18 50.07 -43.04 33.71
CA GLY A 18 50.61 -44.10 34.54
C GLY A 18 49.76 -44.33 35.78
N ILE A 19 49.60 -45.60 36.15
CA ILE A 19 48.70 -45.94 37.24
C ILE A 19 49.38 -46.80 38.31
N GLY A 20 50.57 -47.32 38.02
CA GLY A 20 51.19 -48.23 38.96
C GLY A 20 52.69 -48.35 38.78
N ILE A 21 53.35 -48.83 39.84
CA ILE A 21 54.78 -49.06 39.83
C ILE A 21 55.14 -50.10 40.87
N ASN A 22 55.77 -51.19 40.45
CA ASN A 22 56.23 -52.25 41.35
C ASN A 22 55.10 -52.77 42.24
N GLY A 23 53.94 -52.99 41.63
CA GLY A 23 52.81 -53.54 42.34
C GLY A 23 52.12 -52.62 43.32
N GLN A 24 52.30 -51.31 43.18
CA GLN A 24 51.62 -50.36 44.06
C GLN A 24 51.38 -49.07 43.30
N LEU A 25 50.67 -48.14 43.94
CA LEU A 25 50.39 -46.86 43.33
C LEU A 25 51.61 -45.96 43.41
N PRO A 26 51.87 -45.14 42.39
CA PRO A 26 53.00 -44.22 42.44
C PRO A 26 52.77 -42.97 43.28
N TRP A 27 51.68 -42.91 44.04
CA TRP A 27 51.37 -41.78 44.89
C TRP A 27 50.51 -42.26 46.04
N SER A 28 50.23 -41.36 46.98
CA SER A 28 49.37 -41.66 48.12
C SER A 28 48.45 -40.46 48.36
N ILE A 29 47.29 -40.47 47.71
CA ILE A 29 46.30 -39.41 47.82
C ILE A 29 45.10 -39.98 48.57
N SER A 30 44.92 -39.54 49.82
CA SER A 30 43.87 -40.09 50.67
C SER A 30 42.48 -39.79 50.12
N GLU A 31 42.26 -38.57 49.64
CA GLU A 31 40.93 -38.20 49.16
C GLU A 31 40.53 -38.99 47.92
N ASP A 32 41.50 -39.45 47.13
CA ASP A 32 41.17 -40.25 45.96
C ASP A 32 40.62 -41.62 46.35
N LEU A 33 41.15 -42.21 47.44
CA LEU A 33 40.59 -43.46 47.92
C LEU A 33 39.17 -43.27 48.43
N LYS A 34 38.91 -42.16 49.12
CA LYS A 34 37.55 -41.87 49.57
C LYS A 34 36.62 -41.71 48.39
N PHE A 35 37.11 -41.12 47.29
CA PHE A 35 36.32 -41.04 46.07
C PHE A 35 36.02 -42.43 45.53
N PHE A 36 37.05 -43.28 45.44
CA PHE A 36 36.86 -44.65 44.99
C PHE A 36 35.84 -45.36 45.86
N SER A 37 35.88 -45.13 47.17
CA SER A 37 34.95 -45.79 48.08
C SER A 37 33.52 -45.30 47.86
N LYS A 38 33.33 -43.98 47.78
CA LYS A 38 31.98 -43.45 47.66
C LYS A 38 31.37 -43.70 46.29
N ILE A 39 32.20 -43.76 45.25
CA ILE A 39 31.67 -43.97 43.91
C ILE A 39 31.31 -45.43 43.67
N THR A 40 32.00 -46.36 44.32
CA THR A 40 31.69 -47.78 44.16
C THR A 40 30.60 -48.26 45.10
N ASN A 41 30.37 -47.55 46.20
CA ASN A 41 29.25 -47.84 47.10
C ASN A 41 27.97 -47.15 46.67
N ASN A 42 28.04 -46.26 45.68
CA ASN A 42 26.87 -45.50 45.25
C ASN A 42 25.87 -46.43 44.59
N LYS A 43 24.76 -46.71 45.29
CA LYS A 43 23.73 -47.60 44.80
C LYS A 43 22.36 -47.01 45.07
N CYS A 44 21.35 -47.54 44.38
CA CYS A 44 19.98 -47.08 44.54
C CYS A 44 19.11 -48.03 45.36
N ASP A 45 19.43 -49.32 45.36
CA ASP A 45 18.65 -50.33 46.08
C ASP A 45 19.44 -50.81 47.29
N SER A 46 18.80 -50.77 48.47
CA SER A 46 19.48 -51.19 49.69
C SER A 46 19.65 -52.70 49.75
N ASN A 47 18.87 -53.47 48.99
CA ASN A 47 18.98 -54.92 48.96
C ASN A 47 19.86 -55.41 47.82
N LYS A 48 20.74 -54.55 47.30
CA LYS A 48 21.64 -54.92 46.22
C LYS A 48 23.03 -54.41 46.54
N LYS A 49 24.03 -55.06 45.94
CA LYS A 49 25.43 -54.69 46.07
C LYS A 49 26.01 -54.37 44.70
N ASN A 50 27.17 -53.73 44.70
CA ASN A 50 27.89 -53.44 43.47
C ASN A 50 29.06 -54.39 43.33
N ALA A 51 29.37 -54.78 42.09
CA ALA A 51 30.45 -55.70 41.80
C ALA A 51 31.67 -54.91 41.33
N LEU A 52 32.83 -55.21 41.92
CA LEU A 52 34.08 -54.55 41.57
C LEU A 52 35.00 -55.56 40.91
N ILE A 53 35.15 -55.46 39.60
CA ILE A 53 36.00 -56.37 38.85
C ILE A 53 37.44 -55.88 38.91
N MET A 54 38.38 -56.78 39.19
CA MET A 54 39.78 -56.42 39.26
C MET A 54 40.63 -57.63 38.91
N GLY A 55 41.83 -57.38 38.40
CA GLY A 55 42.78 -58.44 38.12
C GLY A 55 43.42 -58.98 39.37
N ARG A 56 44.15 -60.09 39.20
CA ARG A 56 44.72 -60.78 40.35
C ARG A 56 45.79 -59.93 41.02
N LYS A 57 46.64 -59.26 40.25
CA LYS A 57 47.70 -58.47 40.85
C LYS A 57 47.15 -57.28 41.63
N THR A 58 46.04 -56.71 41.17
CA THR A 58 45.37 -55.67 41.96
C THR A 58 44.75 -56.26 43.22
N TRP A 59 44.19 -57.47 43.11
CA TRP A 59 43.68 -58.18 44.28
C TRP A 59 44.79 -58.42 45.30
N ASP A 60 46.02 -58.66 44.84
CA ASP A 60 47.14 -58.72 45.77
C ASP A 60 47.47 -57.35 46.34
N SER A 61 47.30 -56.29 45.54
CA SER A 61 47.68 -54.95 45.98
C SER A 61 46.88 -54.49 47.19
N ILE A 62 45.64 -54.95 47.32
CA ILE A 62 44.77 -54.58 48.41
C ILE A 62 44.81 -55.61 49.54
N GLY A 63 45.84 -56.45 49.57
CA GLY A 63 46.01 -57.42 50.64
C GLY A 63 45.08 -58.60 50.60
N ARG A 64 44.38 -58.82 49.48
CA ARG A 64 43.44 -59.94 49.34
C ARG A 64 42.41 -59.95 50.45
N ARG A 65 41.91 -58.77 50.79
CA ARG A 65 40.87 -58.65 51.80
C ARG A 65 39.65 -57.97 51.20
N PRO A 66 38.44 -58.38 51.60
CA PRO A 66 37.24 -57.85 50.96
C PRO A 66 36.99 -56.39 51.29
N LEU A 67 36.28 -55.73 50.38
CA LEU A 67 35.86 -54.34 50.56
C LEU A 67 34.44 -54.31 51.10
N LYS A 68 34.24 -53.55 52.17
CA LYS A 68 32.96 -53.56 52.88
C LYS A 68 31.81 -53.18 51.97
N ASN A 69 30.69 -53.90 52.13
CA ASN A 69 29.42 -53.63 51.45
C ASN A 69 29.51 -53.81 49.94
N ARG A 70 30.53 -54.50 49.44
CA ARG A 70 30.70 -54.70 48.01
C ARG A 70 31.19 -56.12 47.75
N ILE A 71 30.95 -56.58 46.53
CA ILE A 71 31.38 -57.90 46.07
C ILE A 71 32.55 -57.69 45.12
N ILE A 72 33.70 -58.26 45.48
CA ILE A 72 34.91 -58.16 44.66
C ILE A 72 34.95 -59.34 43.70
N VAL A 73 35.20 -59.05 42.43
CA VAL A 73 35.30 -60.07 41.39
C VAL A 73 36.75 -60.07 40.89
N VAL A 74 37.45 -61.16 41.15
CA VAL A 74 38.86 -61.29 40.78
C VAL A 74 38.97 -62.10 39.50
N ILE A 75 39.64 -61.53 38.50
CA ILE A 75 39.92 -62.23 37.26
C ILE A 75 41.28 -62.91 37.40
N SER A 76 41.29 -64.24 37.31
CA SER A 76 42.53 -64.98 37.48
C SER A 76 42.37 -66.35 36.86
N SER A 77 43.48 -66.84 36.29
CA SER A 77 43.50 -68.17 35.72
C SER A 77 43.97 -69.24 36.70
N SER A 78 44.58 -68.84 37.82
CA SER A 78 45.14 -69.78 38.77
C SER A 78 44.45 -69.77 40.12
N LEU A 79 43.82 -68.67 40.50
CA LEU A 79 43.19 -68.59 41.82
C LEU A 79 42.09 -69.64 41.95
N PRO A 80 41.98 -70.30 43.10
CA PRO A 80 40.90 -71.28 43.28
C PRO A 80 39.56 -70.58 43.33
N GLN A 81 38.60 -71.10 42.57
CA GLN A 81 37.24 -70.57 42.58
C GLN A 81 36.61 -70.85 43.94
N ASP A 82 37.05 -70.11 44.96
CA ASP A 82 36.60 -70.37 46.32
C ASP A 82 35.18 -69.91 46.52
N GLU A 83 34.45 -70.64 47.37
CA GLU A 83 33.10 -70.29 47.75
C GLU A 83 32.95 -70.03 49.24
N ALA A 84 34.04 -70.11 50.01
CA ALA A 84 33.98 -69.83 51.44
C ALA A 84 33.65 -68.36 51.69
N ASP A 85 34.33 -67.46 50.98
CA ASP A 85 34.06 -66.04 51.10
C ASP A 85 32.94 -65.65 50.13
N PRO A 86 31.79 -65.20 50.62
CA PRO A 86 30.70 -64.80 49.71
C PRO A 86 30.90 -63.42 49.10
N ASN A 87 31.85 -62.64 49.59
CA ASN A 87 32.14 -61.31 49.07
C ASN A 87 33.29 -61.31 48.07
N VAL A 88 33.89 -62.46 47.80
CA VAL A 88 34.96 -62.59 46.82
C VAL A 88 34.63 -63.78 45.93
N VAL A 89 34.61 -63.54 44.61
CA VAL A 89 34.35 -64.58 43.64
C VAL A 89 35.39 -64.45 42.52
N VAL A 90 35.77 -65.60 41.96
CA VAL A 90 36.84 -65.65 40.96
C VAL A 90 36.24 -66.14 39.64
N PHE A 91 36.61 -65.46 38.55
CA PHE A 91 36.26 -65.88 37.20
C PHE A 91 37.52 -66.07 36.37
N ARG A 92 37.44 -66.95 35.38
CA ARG A 92 38.61 -67.30 34.60
C ARG A 92 38.94 -66.29 33.51
N ASN A 93 37.99 -65.44 33.12
CA ASN A 93 38.24 -64.42 32.12
C ASN A 93 37.25 -63.27 32.33
N LEU A 94 37.58 -62.13 31.74
CA LEU A 94 36.75 -60.94 31.94
C LEU A 94 35.38 -61.11 31.31
N GLU A 95 35.31 -61.77 30.15
CA GLU A 95 34.04 -61.89 29.43
C GLU A 95 33.02 -62.70 30.24
N ASP A 96 33.46 -63.82 30.80
CA ASP A 96 32.56 -64.64 31.61
C ASP A 96 32.12 -63.92 32.88
N SER A 97 32.96 -63.05 33.43
CA SER A 97 32.64 -62.37 34.68
C SER A 97 31.53 -61.33 34.50
N ILE A 98 31.19 -60.96 33.27
CA ILE A 98 30.11 -60.02 33.02
C ILE A 98 28.77 -60.77 33.15
N GLU A 99 28.83 -62.00 33.66
CA GLU A 99 27.61 -62.73 34.01
C GLU A 99 26.73 -61.95 34.99
N ASN A 100 27.31 -60.98 35.72
CA ASN A 100 26.49 -60.11 36.56
C ASN A 100 25.39 -59.40 35.76
N LEU A 101 25.56 -59.26 34.44
CA LEU A 101 24.51 -58.74 33.59
C LEU A 101 23.45 -59.80 33.31
N MET A 102 23.88 -61.01 32.94
CA MET A 102 22.94 -62.04 32.46
C MET A 102 21.95 -62.44 33.54
N ASN A 103 22.42 -62.61 34.78
CA ASN A 103 21.55 -62.89 35.90
C ASN A 103 22.04 -62.11 37.11
N ASP A 104 21.96 -62.71 38.29
CA ASP A 104 22.38 -62.08 39.53
C ASP A 104 21.76 -60.69 39.67
N ASP A 105 20.44 -60.70 39.87
CA ASP A 105 19.69 -59.47 40.05
C ASP A 105 20.01 -58.77 41.36
N SER A 106 20.83 -59.39 42.22
CA SER A 106 21.28 -58.75 43.44
C SER A 106 22.45 -57.79 43.23
N ILE A 107 22.98 -57.71 42.01
CA ILE A 107 24.05 -56.78 41.67
C ILE A 107 23.43 -55.65 40.86
N GLU A 108 23.57 -54.41 41.35
CA GLU A 108 22.98 -53.26 40.68
C GLU A 108 23.93 -52.64 39.66
N ASN A 109 25.14 -52.29 40.09
CA ASN A 109 26.11 -51.66 39.20
C ASN A 109 27.41 -52.46 39.20
N ILE A 110 28.17 -52.30 38.13
CA ILE A 110 29.43 -53.01 37.93
C ILE A 110 30.53 -51.98 37.73
N PHE A 111 31.65 -52.17 38.42
CA PHE A 111 32.80 -51.27 38.32
C PHE A 111 34.03 -52.07 37.93
N VAL A 112 34.75 -51.58 36.93
CA VAL A 112 36.00 -52.16 36.48
C VAL A 112 37.12 -51.39 37.17
N CYS A 113 37.77 -52.03 38.15
CA CYS A 113 38.76 -51.37 38.98
C CYS A 113 40.16 -51.92 38.76
N GLY A 114 40.32 -52.89 37.87
CA GLY A 114 41.53 -53.68 37.80
C GLY A 114 42.75 -52.97 37.29
N GLY A 115 43.75 -53.72 36.83
CA GLY A 115 44.98 -53.16 36.35
C GLY A 115 44.95 -52.91 34.86
N GLU A 116 46.14 -52.68 34.30
CA GLU A 116 46.27 -52.40 32.88
C GLU A 116 45.65 -53.52 32.04
N SER A 117 45.87 -54.77 32.42
CA SER A 117 45.34 -55.89 31.64
C SER A 117 43.82 -55.87 31.62
N ILE A 118 43.19 -55.57 32.77
CA ILE A 118 41.73 -55.57 32.83
C ILE A 118 41.17 -54.33 32.14
N TYR A 119 41.84 -53.19 32.28
CA TYR A 119 41.38 -51.98 31.61
C TYR A 119 41.44 -52.15 30.09
N ARG A 120 42.52 -52.75 29.59
CA ARG A 120 42.78 -52.75 28.15
C ARG A 120 41.72 -53.55 27.40
N ASP A 121 41.37 -54.73 27.88
CA ASP A 121 40.40 -55.57 27.19
C ASP A 121 38.99 -55.41 27.75
N ALA A 122 38.78 -54.48 28.68
CA ALA A 122 37.42 -54.02 28.96
C ALA A 122 36.97 -52.98 27.95
N LEU A 123 37.91 -52.18 27.45
CA LEU A 123 37.62 -51.24 26.38
C LEU A 123 37.64 -51.91 25.02
N LYS A 124 38.57 -52.85 24.81
CA LYS A 124 38.60 -53.59 23.55
C LYS A 124 37.35 -54.42 23.37
N ASP A 125 36.85 -55.04 24.45
CA ASP A 125 35.61 -55.80 24.38
C ASP A 125 34.38 -54.92 24.38
N ASN A 126 34.53 -53.61 24.56
CA ASN A 126 33.44 -52.66 24.46
C ASN A 126 32.36 -52.94 25.52
N PHE A 127 32.80 -53.11 26.77
CA PHE A 127 31.91 -53.33 27.89
C PHE A 127 31.66 -52.09 28.72
N VAL A 128 32.45 -51.04 28.52
CA VAL A 128 32.50 -49.90 29.42
C VAL A 128 31.57 -48.80 28.91
N ASP A 129 30.69 -48.33 29.79
CA ASP A 129 29.77 -47.24 29.50
C ASP A 129 30.31 -45.90 29.97
N ARG A 130 31.01 -45.88 31.11
CA ARG A 130 31.45 -44.65 31.74
C ARG A 130 32.86 -44.83 32.26
N ILE A 131 33.59 -43.72 32.37
CA ILE A 131 34.96 -43.72 32.90
C ILE A 131 35.05 -42.64 33.97
N TYR A 132 35.44 -43.03 35.18
CA TYR A 132 35.73 -42.11 36.26
C TYR A 132 37.24 -41.98 36.36
N LEU A 133 37.80 -40.91 35.81
CA LEU A 133 39.23 -40.71 35.73
C LEU A 133 39.68 -39.67 36.75
N THR A 134 40.71 -40.01 37.52
CA THR A 134 41.34 -39.08 38.46
C THR A 134 42.72 -38.73 37.89
N ARG A 135 42.84 -37.56 37.29
CA ARG A 135 44.09 -37.12 36.69
C ARG A 135 45.01 -36.59 37.78
N VAL A 136 46.21 -37.18 37.90
CA VAL A 136 47.18 -36.79 38.90
C VAL A 136 48.35 -36.10 38.22
N ALA A 137 48.79 -34.98 38.80
CA ALA A 137 49.85 -34.16 38.21
C ALA A 137 51.22 -34.59 38.72
N LEU A 138 51.60 -35.81 38.35
CA LEU A 138 52.91 -36.38 38.65
C LEU A 138 53.40 -37.09 37.40
N GLU A 139 54.54 -36.66 36.84
CA GLU A 139 54.98 -37.21 35.57
C GLU A 139 56.46 -37.56 35.54
N ASP A 140 57.28 -36.86 36.31
CA ASP A 140 58.72 -37.12 36.30
C ASP A 140 59.10 -38.23 37.28
N ILE A 141 58.28 -39.27 37.37
CA ILE A 141 58.60 -40.45 38.16
C ILE A 141 58.51 -41.66 37.24
N GLU A 142 58.64 -42.86 37.80
CA GLU A 142 58.71 -44.09 37.02
C GLU A 142 57.41 -44.86 37.13
N PHE A 143 56.90 -45.32 35.99
CA PHE A 143 55.72 -46.18 35.93
C PHE A 143 56.07 -47.45 35.19
N ASP A 144 55.38 -48.54 35.54
CA ASP A 144 55.45 -49.79 34.79
C ASP A 144 54.06 -50.28 34.40
N THR A 145 53.01 -49.55 34.72
CA THR A 145 51.64 -49.93 34.42
C THR A 145 50.88 -48.67 34.03
N TYR A 146 50.21 -48.70 32.88
CA TYR A 146 49.57 -47.52 32.33
C TYR A 146 48.11 -47.78 32.06
N PHE A 147 47.33 -46.71 32.12
CA PHE A 147 45.94 -46.78 31.68
C PHE A 147 45.88 -46.56 30.17
N PRO A 148 45.20 -47.43 29.43
CA PRO A 148 45.22 -47.31 27.96
C PRO A 148 44.58 -46.01 27.50
N GLU A 149 44.90 -45.63 26.26
CA GLU A 149 44.33 -44.43 25.69
C GLU A 149 42.82 -44.58 25.56
N ILE A 150 42.10 -43.54 25.95
CA ILE A 150 40.64 -43.55 25.91
C ILE A 150 40.18 -43.55 24.46
N PRO A 151 39.37 -44.51 24.04
CA PRO A 151 38.92 -44.56 22.65
C PRO A 151 38.04 -43.37 22.29
N GLU A 152 38.02 -43.05 20.99
CA GLU A 152 37.29 -41.90 20.47
C GLU A 152 35.79 -42.01 20.70
N THR A 153 35.27 -43.20 21.02
CA THR A 153 33.85 -43.35 21.29
C THR A 153 33.43 -42.72 22.62
N PHE A 154 34.38 -42.29 23.44
CA PHE A 154 34.09 -41.64 24.72
C PHE A 154 34.27 -40.13 24.58
N LEU A 155 33.44 -39.39 25.31
CA LEU A 155 33.53 -37.94 25.35
C LEU A 155 33.44 -37.46 26.79
N PRO A 156 34.25 -36.48 27.18
CA PRO A 156 34.20 -35.97 28.55
C PRO A 156 32.91 -35.18 28.80
N VAL A 157 32.31 -35.44 29.96
CA VAL A 157 31.09 -34.74 30.35
C VAL A 157 31.24 -33.98 31.66
N TYR A 158 32.38 -34.11 32.35
CA TYR A 158 32.58 -33.40 33.61
C TYR A 158 34.07 -33.27 33.88
N MET A 159 34.47 -32.13 34.43
CA MET A 159 35.85 -31.89 34.85
C MET A 159 35.81 -31.02 36.08
N SER A 160 36.21 -31.58 37.22
CA SER A 160 36.10 -30.89 38.50
C SER A 160 37.15 -29.79 38.61
N GLN A 161 37.07 -29.04 39.70
CA GLN A 161 38.11 -28.11 40.06
C GLN A 161 39.38 -28.87 40.45
N THR A 162 40.49 -28.15 40.51
CA THR A 162 41.75 -28.76 40.91
C THR A 162 41.85 -28.80 42.43
N PHE A 163 42.11 -29.99 42.97
CA PHE A 163 42.32 -30.19 44.39
C PHE A 163 43.81 -30.37 44.67
N CYS A 164 44.16 -30.32 45.96
CA CYS A 164 45.55 -30.40 46.38
C CYS A 164 45.69 -31.33 47.58
N THR A 165 46.65 -32.24 47.49
CA THR A 165 46.99 -33.14 48.60
C THR A 165 48.50 -33.30 48.61
N LYS A 166 49.14 -32.89 49.70
CA LYS A 166 50.60 -32.94 49.83
C LYS A 166 51.28 -32.24 48.65
N ASN A 167 50.74 -31.07 48.29
CA ASN A 167 51.25 -30.27 47.18
C ASN A 167 51.13 -31.00 45.84
N ILE A 168 50.16 -31.91 45.71
CA ILE A 168 49.92 -32.64 44.47
C ILE A 168 48.55 -32.26 43.95
N SER A 169 48.50 -31.75 42.73
CA SER A 169 47.26 -31.35 42.08
C SER A 169 46.60 -32.54 41.41
N TYR A 170 45.26 -32.57 41.44
CA TYR A 170 44.53 -33.63 40.77
C TYR A 170 43.11 -33.19 40.43
N ASP A 171 42.56 -33.82 39.39
CA ASP A 171 41.25 -33.53 38.84
C ASP A 171 40.33 -34.74 39.00
N PHE A 172 39.06 -34.53 38.71
CA PHE A 172 38.07 -35.61 38.61
C PHE A 172 37.27 -35.41 37.33
N MET A 173 37.31 -36.39 36.43
CA MET A 173 36.62 -36.31 35.16
C MET A 173 35.71 -37.50 34.97
N ILE A 174 34.66 -37.30 34.16
CA ILE A 174 33.74 -38.36 33.77
C ILE A 174 33.69 -38.42 32.26
N PHE A 175 33.92 -39.61 31.70
CA PHE A 175 33.78 -39.85 30.27
C PHE A 175 32.60 -40.79 30.02
N GLU A 176 31.82 -40.49 29.01
CA GLU A 176 30.68 -41.33 28.65
C GLU A 176 30.77 -41.70 27.18
N LYS A 177 30.39 -42.94 26.87
CA LYS A 177 30.44 -43.42 25.49
C LYS A 177 29.19 -43.01 24.74
N GLN A 178 29.39 -42.35 23.59
CA GLN A 178 28.27 -41.89 22.78
C GLN A 178 27.64 -43.05 22.04
N GLU A 179 26.33 -43.19 22.16
CA GLU A 179 25.60 -44.28 21.51
C GLU A 179 24.81 -43.76 20.31
N LEU A 193 13.18 -27.73 29.42
CA LEU A 193 11.95 -28.07 28.70
C LEU A 193 11.96 -27.44 27.31
N LYS A 194 11.36 -28.13 26.34
CA LYS A 194 11.37 -27.65 24.97
C LYS A 194 10.46 -26.44 24.79
N SER A 195 9.39 -26.33 25.59
CA SER A 195 8.48 -25.20 25.45
C SER A 195 9.15 -23.89 25.84
N ILE A 196 10.12 -23.94 26.75
CA ILE A 196 10.83 -22.72 27.13
C ILE A 196 11.85 -22.34 26.06
N ASP A 197 12.60 -23.31 25.55
CA ASP A 197 13.59 -23.02 24.52
C ASP A 197 12.93 -22.43 23.28
N ASP A 198 11.75 -22.93 22.91
CA ASP A 198 11.05 -22.42 21.74
C ASP A 198 10.55 -21.00 21.98
N THR A 199 10.00 -20.74 23.16
CA THR A 199 9.47 -19.41 23.45
C THR A 199 10.56 -18.35 23.42
N VAL A 200 11.75 -18.68 23.95
CA VAL A 200 12.85 -17.72 23.92
C VAL A 200 13.34 -17.52 22.49
N ASP A 201 13.38 -18.59 21.69
CA ASP A 201 13.78 -18.46 20.30
C ASP A 201 12.81 -17.57 19.53
N LEU A 202 11.51 -17.76 19.75
CA LEU A 202 10.52 -16.95 19.04
C LEU A 202 10.59 -15.49 19.46
N LEU A 203 10.78 -15.22 20.76
CA LEU A 203 10.97 -13.84 21.19
C LEU A 203 12.23 -13.23 20.61
N GLY A 204 13.25 -14.05 20.38
CA GLY A 204 14.47 -13.57 19.74
C GLY A 204 14.32 -13.32 18.26
N GLU A 205 13.31 -13.91 17.63
CA GLU A 205 13.04 -13.61 16.22
C GLU A 205 12.24 -12.34 16.08
N ILE A 206 11.33 -12.08 17.02
CA ILE A 206 10.53 -10.87 17.03
C ILE A 206 11.45 -9.68 17.33
N PHE A 207 11.96 -9.62 18.55
CA PHE A 207 12.93 -8.60 18.92
C PHE A 207 14.32 -9.04 18.46
N GLY A 208 15.03 -8.14 17.79
CA GLY A 208 16.37 -8.44 17.35
C GLY A 208 17.36 -8.28 18.48
N ILE A 209 18.22 -7.26 18.38
CA ILE A 209 19.10 -6.92 19.49
C ILE A 209 18.40 -6.17 20.61
N ARG A 210 17.08 -5.95 20.49
CA ARG A 210 16.35 -5.35 21.60
C ARG A 210 16.24 -6.32 22.76
N LYS A 211 16.19 -7.63 22.49
CA LYS A 211 16.24 -8.64 23.53
C LYS A 211 17.69 -8.84 23.94
N MET A 212 17.99 -8.56 25.22
CA MET A 212 19.37 -8.53 25.68
C MET A 212 20.07 -9.88 25.49
N GLY A 213 19.32 -10.98 25.55
CA GLY A 213 19.91 -12.27 25.31
C GLY A 213 20.57 -12.39 23.95
N ASN A 214 20.03 -11.69 22.95
CA ASN A 214 20.62 -11.73 21.61
C ASN A 214 21.93 -10.97 21.53
N ARG A 215 22.19 -10.06 22.48
CA ARG A 215 23.49 -9.42 22.59
C ARG A 215 24.47 -10.24 23.41
N HIS A 216 24.01 -11.31 24.07
CA HIS A 216 24.86 -12.23 24.81
C HIS A 216 24.59 -13.65 24.34
N LYS A 217 24.77 -13.88 23.04
CA LYS A 217 24.49 -15.20 22.47
C LYS A 217 25.46 -16.24 23.00
N PHE A 218 24.94 -17.43 23.26
CA PHE A 218 25.79 -18.53 23.71
C PHE A 218 26.78 -18.90 22.62
N PRO A 219 28.04 -19.19 22.97
CA PRO A 219 29.04 -19.46 21.93
C PRO A 219 28.71 -20.70 21.12
N LYS A 220 28.98 -20.62 19.82
CA LYS A 220 28.77 -21.76 18.96
C LYS A 220 29.73 -22.89 19.34
N GLU A 221 29.35 -24.12 18.98
CA GLU A 221 30.13 -25.28 19.37
C GLU A 221 31.54 -25.23 18.79
N GLU A 222 31.70 -24.66 17.58
CA GLU A 222 33.00 -24.63 16.92
C GLU A 222 34.02 -23.74 17.63
N ILE A 223 33.58 -22.90 18.57
CA ILE A 223 34.49 -22.04 19.33
C ILE A 223 34.33 -22.26 20.83
N TYR A 224 33.74 -23.38 21.22
CA TYR A 224 33.52 -23.72 22.62
C TYR A 224 34.54 -24.79 23.01
N ASN A 225 35.37 -24.49 24.01
CA ASN A 225 36.43 -25.40 24.40
C ASN A 225 35.85 -26.66 25.05
N THR A 226 36.22 -27.83 24.53
CA THR A 226 35.75 -29.12 24.99
C THR A 226 34.22 -29.10 25.04
N PRO A 227 33.56 -29.07 23.87
CA PRO A 227 32.12 -28.80 23.86
C PRO A 227 31.28 -29.87 24.53
N SER A 228 31.76 -31.12 24.62
CA SER A 228 30.97 -32.19 25.20
C SER A 228 30.70 -31.98 26.68
N ILE A 229 31.54 -31.21 27.37
CA ILE A 229 31.31 -30.90 28.78
C ILE A 229 30.32 -29.74 28.86
N ARG A 230 29.03 -30.06 29.01
CA ARG A 230 27.98 -29.05 29.02
C ARG A 230 27.63 -28.61 30.44
N PHE A 231 27.34 -29.55 31.32
CA PHE A 231 26.88 -29.25 32.67
C PHE A 231 27.95 -29.43 33.73
N GLY A 232 29.18 -29.75 33.33
CA GLY A 232 30.24 -29.99 34.30
C GLY A 232 31.51 -29.20 34.07
N ARG A 233 31.37 -27.91 33.75
CA ARG A 233 32.55 -27.07 33.52
C ARG A 233 33.01 -26.44 34.84
N GLU A 234 33.40 -27.33 35.76
CA GLU A 234 33.78 -26.90 37.10
C GLU A 234 35.20 -26.35 37.15
N HIS A 235 36.10 -26.90 36.32
CA HIS A 235 37.48 -26.44 36.29
C HIS A 235 37.52 -24.95 35.95
N TYR A 236 38.16 -24.17 36.83
CA TYR A 236 38.10 -22.72 36.74
C TYR A 236 38.96 -22.14 35.64
N GLU A 237 39.69 -22.97 34.87
CA GLU A 237 40.27 -22.46 33.64
C GLU A 237 39.21 -22.22 32.59
N PHE A 238 38.06 -22.89 32.70
CA PHE A 238 36.93 -22.60 31.81
C PHE A 238 36.42 -21.18 32.00
N GLN A 239 36.63 -20.60 33.19
CA GLN A 239 36.26 -19.21 33.40
C GLN A 239 37.02 -18.28 32.45
N TYR A 240 38.22 -18.67 32.04
CA TYR A 240 38.99 -17.90 31.06
C TYR A 240 38.69 -18.34 29.64
N LEU A 241 38.59 -19.65 29.40
CA LEU A 241 38.36 -20.14 28.05
C LEU A 241 36.98 -19.80 27.53
N ASP A 242 35.97 -19.79 28.41
CA ASP A 242 34.62 -19.44 27.96
C ASP A 242 34.50 -17.95 27.68
N LEU A 243 35.30 -17.12 28.35
CA LEU A 243 35.30 -15.69 28.03
C LEU A 243 35.86 -15.44 26.64
N LEU A 244 36.91 -16.18 26.25
CA LEU A 244 37.38 -16.13 24.87
C LEU A 244 36.28 -16.50 23.89
N SER A 245 35.53 -17.56 24.21
CA SER A 245 34.46 -18.00 23.33
C SER A 245 33.36 -16.93 23.21
N ARG A 246 33.01 -16.30 24.33
CA ARG A 246 31.96 -15.28 24.28
C ARG A 246 32.39 -14.08 23.45
N VAL A 247 33.68 -13.74 23.46
CA VAL A 247 34.14 -12.62 22.64
C VAL A 247 34.13 -13.00 21.17
N LEU A 248 34.56 -14.21 20.84
CA LEU A 248 34.52 -14.66 19.46
C LEU A 248 33.08 -14.72 18.94
N GLU A 249 32.11 -14.91 19.84
CA GLU A 249 30.71 -15.03 19.46
C GLU A 249 30.02 -13.67 19.36
N ASN A 250 30.24 -12.78 20.34
CA ASN A 250 29.51 -11.52 20.42
C ASN A 250 30.39 -10.29 20.27
N GLY A 251 31.68 -10.46 20.00
CA GLY A 251 32.59 -9.31 19.99
C GLY A 251 32.32 -8.41 18.81
N ALA A 252 32.16 -7.11 19.08
CA ALA A 252 31.98 -6.12 18.02
C ALA A 252 33.35 -5.69 17.50
N TYR A 253 33.48 -5.65 16.17
CA TYR A 253 34.72 -5.21 15.55
C TYR A 253 34.89 -3.71 15.77
N ARG A 254 35.94 -3.33 16.49
CA ARG A 254 36.13 -1.95 16.90
C ARG A 254 37.59 -1.56 16.72
N GLU A 255 37.80 -0.29 16.37
CA GLU A 255 39.13 0.28 16.23
C GLU A 255 39.53 0.96 17.54
N ASN A 256 40.83 0.99 17.81
CA ASN A 256 41.34 1.58 19.05
C ASN A 256 42.58 2.40 18.72
N ARG A 257 43.26 2.86 19.78
CA ARG A 257 44.42 3.75 19.62
C ARG A 257 45.57 3.09 18.88
N THR A 258 45.60 1.76 18.79
CA THR A 258 46.61 1.04 18.03
C THR A 258 46.10 0.75 16.63
N GLY A 259 47.03 0.40 15.74
CA GLY A 259 46.63 0.01 14.41
C GLY A 259 45.90 -1.32 14.32
N ILE A 260 45.91 -2.10 15.40
CA ILE A 260 45.30 -3.43 15.42
C ILE A 260 43.91 -3.30 16.05
N SER A 261 42.87 -3.56 15.26
CA SER A 261 41.52 -3.53 15.79
C SER A 261 41.22 -4.79 16.59
N THR A 262 40.18 -4.71 17.43
CA THR A 262 39.82 -5.80 18.31
C THR A 262 38.34 -6.16 18.14
N TYR A 263 37.99 -7.32 18.68
CA TYR A 263 36.60 -7.70 18.89
C TYR A 263 36.31 -7.56 20.38
N SER A 264 35.32 -6.76 20.73
CA SER A 264 35.15 -6.29 22.10
C SER A 264 33.74 -6.55 22.61
N ILE A 265 33.65 -6.85 23.91
CA ILE A 265 32.40 -6.84 24.65
C ILE A 265 32.66 -6.14 25.98
N PHE A 266 31.57 -5.72 26.64
CA PHE A 266 31.65 -4.91 27.84
C PHE A 266 30.95 -5.60 29.00
N GLY A 267 31.64 -5.70 30.14
CA GLY A 267 31.06 -6.25 31.34
C GLY A 267 31.14 -7.76 31.46
N GLN A 268 32.26 -8.27 31.95
CA GLN A 268 32.45 -9.70 32.14
C GLN A 268 33.14 -9.95 33.47
N MET A 269 33.18 -11.22 33.88
CA MET A 269 33.83 -11.58 35.13
C MET A 269 34.34 -13.01 35.07
N MET A 270 35.33 -13.29 35.92
CA MET A 270 35.93 -14.61 36.06
C MET A 270 36.17 -14.89 37.54
N ARG A 271 35.90 -16.13 37.95
CA ARG A 271 36.20 -16.58 39.31
C ARG A 271 37.32 -17.60 39.27
N PHE A 272 38.18 -17.57 40.29
CA PHE A 272 39.27 -18.52 40.41
C PHE A 272 39.43 -18.90 41.87
N ASP A 273 39.65 -20.19 42.10
CA ASP A 273 40.00 -20.68 43.42
C ASP A 273 41.50 -20.54 43.64
N MET A 274 41.87 -20.22 44.88
CA MET A 274 43.28 -20.19 45.28
C MET A 274 43.56 -21.06 46.49
N ARG A 275 42.55 -21.74 47.04
CA ARG A 275 42.76 -22.57 48.21
C ARG A 275 43.46 -23.88 47.86
N GLU A 276 43.01 -24.55 46.80
CA GLU A 276 43.49 -25.87 46.43
C GLU A 276 44.28 -25.87 45.13
N SER A 277 44.56 -24.70 44.55
CA SER A 277 45.30 -24.63 43.29
C SER A 277 45.72 -23.20 43.05
N PHE A 278 46.51 -23.00 42.00
CA PHE A 278 47.00 -21.69 41.58
C PHE A 278 46.53 -21.43 40.15
N PRO A 279 45.77 -20.36 39.91
CA PRO A 279 45.19 -20.17 38.57
C PRO A 279 46.19 -19.75 37.51
N LEU A 280 47.10 -20.67 37.14
CA LEU A 280 48.01 -20.48 36.02
C LEU A 280 47.52 -21.35 34.87
N LEU A 281 47.20 -20.73 33.73
CA LEU A 281 46.58 -21.47 32.63
C LEU A 281 47.44 -22.64 32.20
N THR A 282 46.78 -23.76 31.88
CA THR A 282 47.48 -24.95 31.41
C THR A 282 47.38 -25.14 29.90
N THR A 283 46.40 -24.53 29.25
CA THR A 283 46.26 -24.67 27.80
C THR A 283 47.34 -23.89 27.04
N LYS A 284 48.18 -23.14 27.74
CA LYS A 284 49.32 -22.44 27.15
C LYS A 284 50.36 -22.25 28.24
N LYS A 285 51.62 -22.48 27.90
CA LYS A 285 52.71 -22.25 28.85
C LYS A 285 52.87 -20.75 29.11
N VAL A 286 52.61 -20.33 30.34
CA VAL A 286 52.65 -18.92 30.72
C VAL A 286 53.99 -18.63 31.38
N ALA A 287 54.61 -17.52 30.99
CA ALA A 287 55.88 -17.09 31.55
C ALA A 287 55.71 -16.61 32.99
N ILE A 288 55.81 -17.54 33.95
CA ILE A 288 55.55 -17.20 35.34
C ILE A 288 56.62 -16.27 35.91
N ARG A 289 57.87 -16.40 35.44
CA ARG A 289 58.94 -15.58 36.01
C ARG A 289 58.75 -14.10 35.67
N SER A 290 58.36 -13.80 34.44
CA SER A 290 58.15 -12.40 34.05
C SER A 290 56.97 -11.80 34.81
N ILE A 291 55.96 -12.60 35.14
CA ILE A 291 54.83 -12.11 35.92
C ILE A 291 55.28 -11.71 37.31
N PHE A 292 56.09 -12.56 37.95
CA PHE A 292 56.55 -12.25 39.31
C PHE A 292 57.44 -11.02 39.33
N GLU A 293 58.38 -10.94 38.39
CA GLU A 293 59.33 -9.83 38.40
C GLU A 293 58.64 -8.50 38.16
N GLU A 294 57.51 -8.51 37.46
CA GLU A 294 56.70 -7.29 37.31
C GLU A 294 55.94 -6.99 38.59
N LEU A 295 55.45 -8.02 39.29
CA LEU A 295 54.66 -7.79 40.49
C LEU A 295 55.52 -7.23 41.62
N ILE A 296 56.69 -7.82 41.84
CA ILE A 296 57.60 -7.28 42.85
C ILE A 296 58.10 -5.91 42.43
N TRP A 297 58.14 -5.65 41.12
CA TRP A 297 58.47 -4.32 40.62
C TRP A 297 57.42 -3.30 41.04
N PHE A 298 56.14 -3.70 41.01
CA PHE A 298 55.07 -2.83 41.50
C PHE A 298 55.20 -2.64 43.02
N ILE A 299 55.41 -3.74 43.75
CA ILE A 299 55.42 -3.69 45.20
C ILE A 299 56.53 -2.78 45.71
N LYS A 300 57.71 -2.85 45.08
CA LYS A 300 58.83 -2.03 45.50
C LYS A 300 58.64 -0.55 45.20
N GLY A 301 57.56 -0.18 44.50
CA GLY A 301 57.32 1.21 44.17
C GLY A 301 58.07 1.71 42.96
N ASP A 302 58.59 0.82 42.13
CA ASP A 302 59.49 1.20 41.05
C ASP A 302 58.73 1.49 39.76
N THR A 303 59.16 2.55 39.07
CA THR A 303 58.66 2.88 37.74
C THR A 303 59.78 2.92 36.70
N ASN A 304 60.99 2.51 37.08
CA ASN A 304 62.13 2.46 36.18
C ASN A 304 62.01 1.24 35.29
N GLY A 305 61.73 1.46 34.00
CA GLY A 305 61.55 0.36 33.07
C GLY A 305 62.81 -0.42 32.78
N ASN A 306 63.98 0.14 33.10
CA ASN A 306 65.22 -0.57 32.83
C ASN A 306 65.44 -1.73 33.80
N HIS A 307 64.94 -1.59 35.04
CA HIS A 307 65.14 -2.65 36.03
C HIS A 307 64.47 -3.95 35.60
N LEU A 308 63.40 -3.87 34.80
CA LEU A 308 62.80 -5.08 34.25
C LEU A 308 63.61 -5.62 33.08
N ILE A 309 64.15 -4.72 32.25
CA ILE A 309 64.97 -5.16 31.12
C ILE A 309 66.27 -5.75 31.61
N GLU A 310 66.83 -5.23 32.69
CA GLU A 310 68.05 -5.78 33.26
C GLU A 310 67.83 -7.20 33.76
N LYS A 311 66.61 -7.53 34.19
CA LYS A 311 66.24 -8.87 34.59
C LYS A 311 65.63 -9.68 33.44
N LYS A 312 65.85 -9.24 32.20
CA LYS A 312 65.40 -9.95 31.00
C LYS A 312 63.87 -10.08 30.95
N VAL A 313 63.18 -9.01 31.30
CA VAL A 313 61.72 -8.92 31.23
C VAL A 313 61.38 -7.74 30.33
N TYR A 314 60.86 -8.02 29.13
CA TYR A 314 60.68 -7.00 28.11
C TYR A 314 59.20 -6.71 27.82
N ILE A 315 58.33 -6.86 28.82
CA ILE A 315 56.91 -6.65 28.57
C ILE A 315 56.59 -5.16 28.51
N TRP A 316 57.39 -4.30 29.15
CA TRP A 316 57.17 -2.86 29.14
C TRP A 316 58.11 -2.14 28.17
N SER A 317 58.71 -2.86 27.22
CA SER A 317 59.59 -2.21 26.26
C SER A 317 58.79 -1.43 25.23
N GLY A 318 57.64 -1.97 24.80
CA GLY A 318 56.87 -1.30 23.76
C GLY A 318 56.30 0.03 24.20
N ASN A 319 55.71 0.08 25.40
CA ASN A 319 55.15 1.31 25.94
C ASN A 319 56.19 2.17 26.64
N GLY A 320 57.47 1.83 26.54
CA GLY A 320 58.52 2.62 27.16
C GLY A 320 59.71 2.84 26.24
N SER A 321 59.45 3.09 24.96
CA SER A 321 60.49 3.40 23.99
C SER A 321 60.47 4.89 23.66
N LYS A 322 61.59 5.36 23.09
CA LYS A 322 61.69 6.77 22.72
C LYS A 322 60.67 7.15 21.66
N GLU A 323 60.41 6.23 20.72
CA GLU A 323 59.47 6.52 19.65
C GLU A 323 58.03 6.55 20.17
N TYR A 324 57.72 5.68 21.13
CA TYR A 324 56.37 5.66 21.69
C TYR A 324 56.11 6.87 22.58
N LEU A 325 57.10 7.24 23.41
CA LEU A 325 56.91 8.34 24.34
C LEU A 325 56.78 9.68 23.63
N GLU A 326 57.57 9.90 22.57
CA GLU A 326 57.46 11.14 21.82
C GLU A 326 56.12 11.26 21.10
N ARG A 327 55.54 10.13 20.69
CA ARG A 327 54.28 10.16 19.96
C ARG A 327 53.12 10.55 20.87
N ILE A 328 53.15 10.13 22.14
CA ILE A 328 52.05 10.42 23.06
C ILE A 328 52.27 11.72 23.83
N GLY A 329 53.33 12.46 23.55
CA GLY A 329 53.54 13.74 24.18
C GLY A 329 54.53 13.76 25.33
N LEU A 330 55.39 12.75 25.47
CA LEU A 330 56.36 12.72 26.55
C LEU A 330 57.78 12.65 26.01
N GLY A 331 58.12 13.56 25.10
CA GLY A 331 59.44 13.54 24.48
C GLY A 331 60.57 13.87 25.43
N HIS A 332 60.30 14.69 26.45
CA HIS A 332 61.32 15.05 27.43
C HIS A 332 61.59 13.95 28.44
N ARG A 333 60.76 12.91 28.47
CA ARG A 333 60.95 11.80 29.38
C ARG A 333 62.08 10.90 28.92
N GLU A 334 62.77 10.30 29.88
CA GLU A 334 63.87 9.38 29.58
C GLU A 334 63.33 8.12 28.90
N GLU A 335 64.25 7.36 28.30
CA GLU A 335 63.94 6.18 27.48
C GLU A 335 62.88 5.28 28.11
N ASN A 336 63.19 4.68 29.25
CA ASN A 336 62.28 3.73 29.89
C ASN A 336 61.66 4.31 31.17
N ASP A 337 61.50 5.62 31.23
CA ASP A 337 60.86 6.27 32.37
C ASP A 337 59.36 6.28 32.11
N LEU A 338 58.65 5.35 32.74
CA LEU A 338 57.22 5.18 32.47
C LEU A 338 56.36 6.19 33.22
N GLY A 339 56.92 6.93 34.17
CA GLY A 339 56.16 7.90 34.92
C GLY A 339 55.38 7.26 36.06
N PRO A 340 54.50 8.03 36.70
CA PRO A 340 53.75 7.49 37.84
C PRO A 340 52.69 6.50 37.43
N ILE A 341 52.93 5.22 37.69
CA ILE A 341 52.02 4.16 37.22
C ILE A 341 51.81 3.21 38.39
N TYR A 342 51.43 1.97 38.09
CA TYR A 342 51.41 0.94 39.12
C TYR A 342 52.69 0.99 39.94
N GLY A 343 52.53 0.84 41.25
CA GLY A 343 53.63 0.93 42.18
C GLY A 343 54.09 2.32 42.54
N PHE A 344 53.69 3.34 41.79
CA PHE A 344 53.90 4.68 42.30
C PHE A 344 52.64 5.23 42.93
N GLN A 345 51.47 4.87 42.39
CA GLN A 345 50.23 5.10 43.09
C GLN A 345 50.01 4.12 44.23
N TRP A 346 50.70 2.96 44.18
CA TRP A 346 50.60 1.99 45.28
C TRP A 346 51.30 2.50 46.52
N ARG A 347 52.51 3.04 46.36
CA ARG A 347 53.34 3.43 47.49
C ARG A 347 53.40 4.93 47.72
N HIS A 348 53.14 5.75 46.70
CA HIS A 348 53.22 7.20 46.81
C HIS A 348 52.06 7.85 46.06
N TYR A 349 50.83 7.57 46.50
CA TYR A 349 49.66 8.13 45.82
C TYR A 349 49.60 9.64 46.01
N ASN A 350 49.29 10.34 44.91
CA ASN A 350 49.25 11.80 44.83
C ASN A 350 50.61 12.45 45.04
N GLY A 351 51.69 11.66 45.01
CA GLY A 351 53.02 12.21 45.17
C GLY A 351 53.48 12.91 43.90
N GLU A 352 54.06 14.10 44.07
CA GLU A 352 54.54 14.86 42.93
C GLU A 352 55.68 14.11 42.24
N TYR A 353 55.46 13.73 40.99
CA TYR A 353 56.42 12.95 40.25
C TYR A 353 57.45 13.85 39.58
N LYS A 354 58.71 13.42 39.63
CA LYS A 354 59.78 14.15 38.96
C LYS A 354 60.35 13.28 37.85
N THR A 355 61.25 12.36 38.21
CA THR A 355 61.79 11.36 37.30
C THR A 355 61.79 10.01 38.01
N MET A 356 62.29 8.99 37.33
CA MET A 356 62.40 7.67 37.93
C MET A 356 63.65 7.51 38.80
N HIS A 357 64.53 8.51 38.83
CA HIS A 357 65.76 8.43 39.61
C HIS A 357 65.67 9.13 40.96
N ASP A 358 64.66 9.96 41.18
CA ASP A 358 64.56 10.73 42.41
C ASP A 358 64.14 9.84 43.57
N ASP A 359 64.30 10.38 44.78
CA ASP A 359 63.97 9.69 46.02
C ASP A 359 62.58 10.11 46.49
N TYR A 360 61.66 9.15 46.60
CA TYR A 360 60.29 9.42 46.99
C TYR A 360 59.93 8.85 48.35
N THR A 361 60.91 8.42 49.14
CA THR A 361 60.63 7.85 50.46
C THR A 361 60.04 8.93 51.36
N GLY A 362 58.75 8.81 51.68
CA GLY A 362 58.05 9.74 52.55
C GLY A 362 56.91 10.47 51.88
N VAL A 363 57.02 10.71 50.57
CA VAL A 363 56.01 11.48 49.84
C VAL A 363 54.89 10.56 49.37
N GLY A 364 53.67 11.13 49.30
CA GLY A 364 52.53 10.38 48.83
C GLY A 364 51.91 9.52 49.92
N VAL A 365 50.79 8.89 49.57
CA VAL A 365 50.07 7.99 50.46
C VAL A 365 50.50 6.56 50.12
N ASP A 366 51.01 5.85 51.13
CA ASP A 366 51.46 4.47 50.95
C ASP A 366 50.26 3.56 51.14
N GLN A 367 49.55 3.29 50.05
CA GLN A 367 48.36 2.44 50.13
C GLN A 367 48.71 1.01 50.53
N LEU A 368 49.77 0.45 49.95
CA LEU A 368 50.13 -0.93 50.23
C LEU A 368 50.45 -1.15 51.70
N ALA A 369 51.17 -0.22 52.32
CA ALA A 369 51.46 -0.33 53.74
C ALA A 369 50.19 -0.21 54.57
N LYS A 370 49.36 0.79 54.28
CA LYS A 370 48.11 0.94 55.02
C LYS A 370 47.18 -0.24 54.77
N LEU A 371 47.23 -0.82 53.58
CA LEU A 371 46.43 -2.02 53.30
C LEU A 371 46.86 -3.18 54.17
N ILE A 372 48.18 -3.43 54.24
CA ILE A 372 48.69 -4.54 55.03
C ILE A 372 48.38 -4.32 56.50
N GLU A 373 48.58 -3.10 57.00
CA GLU A 373 48.31 -2.82 58.40
C GLU A 373 46.83 -2.98 58.73
N THR A 374 45.95 -2.58 57.81
CA THR A 374 44.53 -2.71 58.03
C THR A 374 44.05 -4.15 57.96
N LEU A 375 44.70 -4.98 57.13
CA LEU A 375 44.24 -6.35 56.95
C LEU A 375 44.39 -7.16 58.22
N LYS A 376 45.41 -6.88 59.03
CA LYS A 376 45.63 -7.64 60.25
C LYS A 376 45.15 -6.94 61.51
N ASN A 377 44.85 -5.64 61.45
CA ASN A 377 44.31 -4.93 62.60
C ASN A 377 42.79 -4.83 62.59
N ASN A 378 42.18 -4.77 61.41
CA ASN A 378 40.72 -4.72 61.28
C ASN A 378 40.32 -5.54 60.06
N PRO A 379 40.27 -6.87 60.21
CA PRO A 379 40.01 -7.71 59.03
C PRO A 379 38.60 -7.56 58.47
N LYS A 380 37.59 -7.44 59.33
CA LYS A 380 36.22 -7.32 58.86
C LYS A 380 35.88 -5.91 58.36
N ASP A 381 36.88 -5.03 58.25
CA ASP A 381 36.68 -3.74 57.62
C ASP A 381 36.34 -3.93 56.15
N ARG A 382 35.43 -3.10 55.64
CA ARG A 382 34.97 -3.23 54.26
C ARG A 382 35.61 -2.20 53.34
N ARG A 383 36.85 -1.80 53.64
CA ARG A 383 37.52 -0.74 52.89
C ARG A 383 38.95 -1.13 52.50
N HIS A 384 39.26 -2.43 52.43
CA HIS A 384 40.59 -2.88 52.04
C HIS A 384 40.74 -2.68 50.52
N ILE A 385 41.05 -1.44 50.14
CA ILE A 385 41.02 -1.04 48.73
C ILE A 385 42.40 -0.51 48.34
N LEU A 386 42.87 -0.96 47.17
CA LEU A 386 44.10 -0.47 46.55
C LEU A 386 43.75 0.04 45.16
N THR A 387 43.95 1.33 44.92
CA THR A 387 43.57 1.95 43.65
C THR A 387 44.79 2.47 42.91
N ALA A 388 44.65 2.55 41.58
CA ALA A 388 45.69 3.11 40.73
C ALA A 388 45.18 4.20 39.80
N TRP A 389 43.88 4.47 39.80
CA TRP A 389 43.32 5.49 38.92
C TRP A 389 43.44 6.84 39.60
N ASN A 390 44.38 7.65 39.12
CA ASN A 390 44.59 9.00 39.65
C ASN A 390 44.40 10.00 38.53
N PRO A 391 43.25 10.68 38.46
CA PRO A 391 43.03 11.66 37.38
C PRO A 391 44.07 12.76 37.32
N SER A 392 44.75 13.06 38.44
CA SER A 392 45.75 14.12 38.42
C SER A 392 47.03 13.68 37.71
N ALA A 393 47.36 12.39 37.74
CA ALA A 393 48.61 11.89 37.20
C ALA A 393 48.43 11.17 35.86
N LEU A 394 47.22 11.11 35.31
CA LEU A 394 46.98 10.35 34.09
C LEU A 394 47.82 10.89 32.92
N SER A 395 47.95 12.21 32.82
CA SER A 395 48.68 12.79 31.70
C SER A 395 50.16 12.43 31.72
N GLN A 396 50.75 12.29 32.91
CA GLN A 396 52.16 11.95 33.03
C GLN A 396 52.45 10.48 32.76
N MET A 397 51.43 9.62 32.70
CA MET A 397 51.66 8.19 32.57
C MET A 397 51.95 7.80 31.14
N ALA A 398 52.83 6.81 30.97
CA ALA A 398 53.06 6.25 29.64
C ALA A 398 51.85 5.47 29.15
N LEU A 399 51.01 4.98 30.06
CA LEU A 399 49.80 4.25 29.74
C LEU A 399 48.93 4.18 31.00
N PRO A 400 47.67 4.58 30.93
CA PRO A 400 46.81 4.57 32.12
C PRO A 400 46.66 3.16 32.66
N PRO A 401 46.34 3.02 33.95
CA PRO A 401 46.25 1.69 34.56
C PRO A 401 45.13 0.87 33.95
N CYS A 402 45.44 -0.40 33.66
CA CYS A 402 44.43 -1.33 33.19
C CYS A 402 43.75 -2.06 34.34
N HIS A 403 44.53 -2.72 35.21
CA HIS A 403 43.99 -3.17 36.48
C HIS A 403 43.91 -1.93 37.38
N VAL A 404 42.70 -1.41 37.52
CA VAL A 404 42.48 -0.06 38.03
C VAL A 404 42.32 -0.06 39.55
N LEU A 405 41.50 -0.96 40.08
CA LEU A 405 41.17 -0.95 41.49
C LEU A 405 40.95 -2.37 41.98
N SER A 406 41.43 -2.65 43.19
CA SER A 406 41.31 -3.98 43.77
C SER A 406 40.89 -3.88 45.23
N GLN A 407 40.03 -4.80 45.65
CA GLN A 407 39.55 -4.88 47.02
C GLN A 407 39.87 -6.24 47.60
N TYR A 408 40.09 -6.29 48.91
CA TYR A 408 40.50 -7.52 49.59
C TYR A 408 39.58 -7.76 50.77
N TYR A 409 39.44 -9.04 51.13
CA TYR A 409 38.38 -9.48 52.04
C TYR A 409 38.91 -10.66 52.84
N VAL A 410 38.77 -10.57 54.16
CA VAL A 410 39.21 -11.62 55.08
C VAL A 410 37.99 -12.42 55.49
N THR A 411 38.01 -13.72 55.18
CA THR A 411 36.89 -14.58 55.53
C THR A 411 36.96 -14.96 57.01
N ASN A 412 35.86 -15.54 57.50
CA ASN A 412 35.81 -15.94 58.90
C ASN A 412 36.77 -17.08 59.23
N ASP A 413 37.17 -17.88 58.23
CA ASP A 413 38.16 -18.92 58.43
C ASP A 413 39.56 -18.47 58.00
N ASN A 414 39.84 -17.17 58.14
CA ASN A 414 41.18 -16.61 57.98
C ASN A 414 41.76 -16.90 56.59
N CYS A 415 40.94 -16.68 55.56
CA CYS A 415 41.39 -16.72 54.18
C CYS A 415 41.25 -15.34 53.58
N LEU A 416 42.13 -15.02 52.63
CA LEU A 416 42.18 -13.71 52.00
C LEU A 416 41.72 -13.84 50.56
N SER A 417 40.58 -13.23 50.24
CA SER A 417 40.08 -13.18 48.87
C SER A 417 40.37 -11.82 48.25
N CYS A 418 40.32 -11.76 46.92
CA CYS A 418 40.66 -10.55 46.18
C CYS A 418 39.66 -10.33 45.05
N ASN A 419 39.26 -9.08 44.88
CA ASN A 419 38.47 -8.62 43.73
C ASN A 419 39.26 -7.58 42.98
N LEU A 420 39.21 -7.65 41.65
CA LEU A 420 39.91 -6.70 40.78
C LEU A 420 38.97 -6.20 39.70
N TYR A 421 38.96 -4.88 39.49
CA TYR A 421 38.27 -4.31 38.34
C TYR A 421 39.30 -3.93 37.28
N GLN A 422 39.11 -4.43 36.06
CA GLN A 422 40.03 -4.20 34.95
C GLN A 422 39.28 -3.45 33.85
N ARG A 423 39.71 -2.23 33.57
CA ARG A 423 39.01 -1.41 32.58
C ARG A 423 39.21 -1.92 31.16
N SER A 424 40.38 -2.48 30.86
CA SER A 424 40.70 -2.98 29.53
C SER A 424 41.50 -4.25 29.68
N CYS A 425 41.16 -5.28 28.90
CA CYS A 425 41.71 -6.61 29.10
C CYS A 425 42.10 -7.20 27.75
N ASP A 426 43.40 -7.25 27.49
CA ASP A 426 43.94 -8.02 26.36
C ASP A 426 43.86 -9.49 26.72
N LEU A 427 42.84 -10.18 26.20
CA LEU A 427 42.59 -11.56 26.59
C LEU A 427 43.67 -12.52 26.10
N GLY A 428 44.47 -12.12 25.13
CA GLY A 428 45.53 -12.99 24.62
C GLY A 428 46.80 -12.93 25.43
N LEU A 429 47.15 -11.73 25.92
CA LEU A 429 48.42 -11.53 26.60
C LEU A 429 48.23 -11.03 28.03
N GLY A 430 47.55 -9.89 28.22
CA GLY A 430 47.46 -9.31 29.54
C GLY A 430 46.67 -10.16 30.51
N SER A 431 45.57 -10.76 30.04
CA SER A 431 44.68 -11.49 30.94
C SER A 431 45.37 -12.67 31.64
N PRO A 432 46.08 -13.57 30.94
CA PRO A 432 46.79 -14.63 31.67
C PRO A 432 47.80 -14.07 32.65
N PHE A 433 48.41 -12.93 32.35
CA PHE A 433 49.32 -12.28 33.28
C PHE A 433 48.55 -11.71 34.47
N ASN A 434 47.42 -11.02 34.21
CA ASN A 434 46.65 -10.42 35.30
C ASN A 434 46.12 -11.47 36.26
N ILE A 435 45.69 -12.62 35.72
CA ILE A 435 45.15 -13.68 36.58
C ILE A 435 46.21 -14.18 37.53
N ALA A 436 47.40 -14.48 37.01
CA ALA A 436 48.47 -15.01 37.86
C ALA A 436 49.07 -13.92 38.74
N SER A 437 49.17 -12.69 38.24
CA SER A 437 49.81 -11.63 39.01
C SER A 437 49.03 -11.32 40.28
N TYR A 438 47.72 -11.06 40.14
CA TYR A 438 46.93 -10.77 41.33
C TYR A 438 46.69 -12.01 42.19
N ALA A 439 46.90 -13.21 41.65
CA ALA A 439 46.90 -14.40 42.50
C ALA A 439 48.11 -14.42 43.41
N ILE A 440 49.29 -14.15 42.85
CA ILE A 440 50.51 -14.09 43.65
C ILE A 440 50.43 -12.98 44.68
N LEU A 441 49.92 -11.81 44.27
CA LEU A 441 49.82 -10.68 45.20
C LEU A 441 48.93 -11.01 46.39
N THR A 442 47.83 -11.74 46.15
CA THR A 442 46.95 -12.11 47.25
C THR A 442 47.63 -13.11 48.18
N MET A 443 48.43 -14.02 47.62
CA MET A 443 49.16 -14.98 48.44
C MET A 443 50.24 -14.29 49.26
N MET A 444 50.94 -13.32 48.66
CA MET A 444 51.94 -12.55 49.40
C MET A 444 51.29 -11.81 50.56
N LEU A 445 50.20 -11.09 50.29
CA LEU A 445 49.49 -10.40 51.34
C LEU A 445 48.97 -11.36 52.40
N ALA A 446 48.63 -12.59 52.00
CA ALA A 446 48.12 -13.56 52.96
C ALA A 446 49.20 -14.00 53.93
N GLN A 447 50.41 -14.26 53.43
CA GLN A 447 51.49 -14.71 54.31
C GLN A 447 51.96 -13.59 55.24
N VAL A 448 52.07 -12.37 54.70
CA VAL A 448 52.52 -11.24 55.52
C VAL A 448 51.51 -10.91 56.60
N CYS A 449 50.22 -11.16 56.34
CA CYS A 449 49.16 -10.88 57.29
C CYS A 449 48.75 -12.10 58.10
N GLY A 450 49.32 -13.27 57.81
CA GLY A 450 49.01 -14.46 58.58
C GLY A 450 47.73 -15.17 58.20
N TYR A 451 47.35 -15.13 56.92
CA TYR A 451 46.14 -15.76 56.44
C TYR A 451 46.51 -16.81 55.38
N GLU A 452 45.49 -17.50 54.87
CA GLU A 452 45.61 -18.44 53.78
C GLU A 452 44.99 -17.83 52.52
N PRO A 453 45.44 -18.24 51.33
CA PRO A 453 44.83 -17.72 50.10
C PRO A 453 43.37 -18.14 49.98
N GLY A 454 42.54 -17.22 49.47
CA GLY A 454 41.12 -17.47 49.31
C GLY A 454 40.69 -17.61 47.87
N GLU A 455 39.87 -16.68 47.39
CA GLU A 455 39.36 -16.69 46.03
C GLU A 455 39.83 -15.44 45.29
N LEU A 456 39.81 -15.53 43.95
CA LEU A 456 40.17 -14.42 43.08
C LEU A 456 39.06 -14.19 42.07
N ALA A 457 38.49 -12.98 42.06
CA ALA A 457 37.48 -12.58 41.09
C ALA A 457 37.98 -11.37 40.30
N ILE A 458 37.80 -11.40 38.99
CA ILE A 458 38.25 -10.32 38.10
C ILE A 458 37.05 -9.82 37.32
N PHE A 459 36.70 -8.55 37.54
CA PHE A 459 35.59 -7.90 36.84
C PHE A 459 36.16 -7.04 35.72
N ILE A 460 35.71 -7.29 34.50
CA ILE A 460 36.32 -6.73 33.29
C ILE A 460 35.35 -5.76 32.62
N GLY A 461 35.86 -4.58 32.26
CA GLY A 461 35.13 -3.66 31.45
C GLY A 461 35.20 -4.02 29.97
N ASP A 462 36.21 -3.51 29.27
CA ASP A 462 36.37 -3.77 27.84
C ASP A 462 37.23 -5.02 27.67
N ALA A 463 36.56 -6.18 27.60
CA ALA A 463 37.22 -7.43 27.27
C ALA A 463 37.28 -7.57 25.75
N HIS A 464 38.49 -7.79 25.22
CA HIS A 464 38.66 -7.76 23.78
C HIS A 464 39.74 -8.73 23.34
N ILE A 465 39.75 -9.00 22.03
CA ILE A 465 40.71 -9.88 21.39
C ILE A 465 41.26 -9.15 20.18
N TYR A 466 42.57 -8.96 20.13
CA TYR A 466 43.19 -8.33 18.97
C TYR A 466 43.10 -9.25 17.76
N GLU A 467 42.88 -8.65 16.59
CA GLU A 467 42.58 -9.45 15.40
C GLU A 467 43.76 -10.31 14.94
N ASN A 468 44.99 -9.95 15.33
CA ASN A 468 46.14 -10.80 15.02
C ASN A 468 46.31 -11.95 16.01
N HIS A 469 45.44 -12.07 17.00
CA HIS A 469 45.45 -13.19 17.95
C HIS A 469 44.40 -14.24 17.63
N LEU A 470 43.67 -14.09 16.52
CA LEU A 470 42.54 -14.97 16.26
C LEU A 470 42.99 -16.41 16.01
N THR A 471 43.99 -16.60 15.14
CA THR A 471 44.47 -17.94 14.88
C THR A 471 45.05 -18.58 16.13
N GLN A 472 45.79 -17.79 16.92
CA GLN A 472 46.43 -18.33 18.12
C GLN A 472 45.40 -18.73 19.18
N LEU A 473 44.45 -17.85 19.46
CA LEU A 473 43.47 -18.12 20.50
C LEU A 473 42.54 -19.26 20.12
N LYS A 474 42.22 -19.39 18.82
CA LYS A 474 41.44 -20.55 18.39
C LYS A 474 42.22 -21.84 18.55
N GLU A 475 43.54 -21.78 18.36
CA GLU A 475 44.37 -22.95 18.63
C GLU A 475 44.32 -23.32 20.11
N GLN A 476 44.39 -22.31 20.99
CA GLN A 476 44.33 -22.58 22.43
C GLN A 476 43.00 -23.18 22.83
N LEU A 477 41.91 -22.81 22.14
CA LEU A 477 40.60 -23.35 22.46
C LEU A 477 40.46 -24.82 22.08
N SER A 478 41.36 -25.35 21.27
CA SER A 478 41.31 -26.76 20.88
C SER A 478 41.96 -27.69 21.89
N ARG A 479 42.52 -27.15 22.97
CA ARG A 479 43.26 -27.92 23.95
C ARG A 479 42.42 -28.11 25.22
N THR A 480 42.16 -29.36 25.58
CA THR A 480 41.40 -29.64 26.80
C THR A 480 42.26 -29.29 28.02
N PRO A 481 41.72 -28.55 28.99
CA PRO A 481 42.54 -28.11 30.13
C PRO A 481 43.03 -29.27 30.98
N ARG A 482 44.12 -29.02 31.68
CA ARG A 482 44.74 -29.91 32.65
C ARG A 482 44.67 -29.26 34.03
N PRO A 483 44.81 -30.04 35.10
CA PRO A 483 44.67 -29.46 36.44
C PRO A 483 45.67 -28.35 36.71
N PHE A 484 45.22 -27.35 37.46
CA PHE A 484 46.06 -26.22 37.83
C PHE A 484 47.27 -26.69 38.64
N PRO A 485 48.40 -26.00 38.53
CA PRO A 485 49.56 -26.35 39.36
C PRO A 485 49.42 -25.85 40.79
N GLN A 486 50.49 -25.96 41.56
CA GLN A 486 50.56 -25.40 42.89
C GLN A 486 51.67 -24.35 42.94
N LEU A 487 51.52 -23.38 43.83
CA LEU A 487 52.55 -22.37 44.05
C LEU A 487 52.73 -22.20 45.55
N LYS A 488 53.93 -22.51 46.04
CA LYS A 488 54.25 -22.43 47.45
C LYS A 488 55.49 -21.57 47.64
N PHE A 489 55.54 -20.87 48.78
CA PHE A 489 56.70 -20.08 49.14
C PHE A 489 57.66 -20.92 49.99
N LYS A 490 58.96 -20.73 49.74
CA LYS A 490 59.97 -21.51 50.45
C LYS A 490 60.28 -20.96 51.83
N ARG A 491 60.04 -19.67 52.06
CA ARG A 491 60.33 -19.06 53.35
C ARG A 491 59.26 -18.02 53.66
N LYS A 492 59.17 -17.67 54.93
CA LYS A 492 58.27 -16.62 55.39
C LYS A 492 59.04 -15.32 55.50
N VAL A 493 58.67 -14.34 54.68
CA VAL A 493 59.34 -13.05 54.71
C VAL A 493 58.77 -12.20 55.85
N GLU A 494 59.52 -11.18 56.24
CA GLU A 494 59.04 -10.25 57.26
C GLU A 494 58.36 -9.04 56.65
N ASN A 495 58.89 -8.53 55.53
CA ASN A 495 58.25 -7.46 54.77
C ASN A 495 57.93 -7.96 53.37
N ILE A 496 56.82 -7.46 52.81
CA ILE A 496 56.35 -7.95 51.51
C ILE A 496 57.35 -7.66 50.40
N GLU A 497 58.22 -6.67 50.59
CA GLU A 497 59.19 -6.30 49.56
C GLU A 497 60.34 -7.29 49.45
N ASP A 498 60.47 -8.21 50.41
CA ASP A 498 61.62 -9.10 50.46
C ASP A 498 61.46 -10.36 49.61
N PHE A 499 60.35 -10.50 48.89
CA PHE A 499 60.15 -11.69 48.07
C PHE A 499 61.10 -11.70 46.88
N LYS A 500 61.67 -12.87 46.62
CA LYS A 500 62.56 -13.07 45.47
C LYS A 500 62.06 -14.25 44.66
N TRP A 501 62.50 -14.30 43.39
CA TRP A 501 62.05 -15.37 42.50
C TRP A 501 62.50 -16.74 43.00
N GLU A 502 63.62 -16.80 43.71
CA GLU A 502 64.06 -18.08 44.26
C GLU A 502 63.16 -18.59 45.37
N ASP A 503 62.37 -17.70 45.98
CA ASP A 503 61.48 -18.09 47.07
C ASP A 503 60.21 -18.78 46.60
N ILE A 504 59.95 -18.81 45.29
CA ILE A 504 58.71 -19.33 44.74
C ILE A 504 58.97 -20.71 44.14
N GLU A 505 58.14 -21.68 44.51
CA GLU A 505 58.21 -23.05 44.00
C GLU A 505 56.93 -23.36 43.25
N LEU A 506 57.06 -23.66 41.96
CA LEU A 506 55.92 -23.99 41.10
C LEU A 506 55.85 -25.50 40.94
N ILE A 507 54.90 -26.12 41.62
CA ILE A 507 54.82 -27.58 41.73
C ILE A 507 53.75 -28.10 40.79
N GLY A 508 54.12 -29.03 39.91
CA GLY A 508 53.17 -29.74 39.09
C GLY A 508 52.48 -28.91 38.02
N TYR A 509 53.27 -28.26 37.17
CA TYR A 509 52.76 -27.45 36.06
C TYR A 509 53.13 -28.13 34.75
N TYR A 510 52.13 -28.70 34.07
CA TYR A 510 52.32 -29.41 32.81
C TYR A 510 51.45 -28.77 31.74
N PRO A 511 51.87 -27.62 31.21
CA PRO A 511 51.03 -26.90 30.24
C PRO A 511 51.23 -27.38 28.81
N TYR A 512 50.29 -27.00 27.95
CA TYR A 512 50.45 -27.17 26.52
C TYR A 512 51.52 -26.21 26.00
N PRO A 513 52.07 -26.50 24.81
CA PRO A 513 53.18 -25.68 24.31
C PRO A 513 52.83 -24.21 24.22
N THR A 514 53.85 -23.38 24.35
CA THR A 514 53.65 -21.93 24.35
C THR A 514 53.13 -21.46 22.99
N ILE A 515 52.39 -20.35 23.01
CA ILE A 515 51.79 -19.77 21.82
C ILE A 515 52.26 -18.33 21.71
N LYS A 516 52.89 -18.00 20.58
CA LYS A 516 53.45 -16.67 20.39
C LYS A 516 52.37 -15.70 19.92
N MET A 517 52.29 -14.54 20.57
CA MET A 517 51.32 -13.51 20.23
C MET A 517 51.98 -12.14 20.39
N ASP A 518 51.88 -11.31 19.35
CA ASP A 518 52.53 -10.01 19.35
C ASP A 518 51.68 -8.97 20.08
N MET A 519 52.34 -8.13 20.87
CA MET A 519 51.64 -7.08 21.60
C MET A 519 51.40 -5.86 20.70
N ALA A 520 50.24 -5.26 20.85
CA ALA A 520 49.90 -4.03 20.13
C ALA A 520 50.41 -2.82 20.90
N VAL A 521 51.20 -1.99 20.24
CA VAL A 521 51.82 -0.83 20.86
C VAL A 521 50.91 0.39 20.75
N GLU B 3 -4.57 -37.57 22.50
CA GLU B 3 -4.10 -36.81 23.66
C GLU B 3 -2.93 -35.92 23.29
N LYS B 4 -3.23 -34.69 22.89
CA LYS B 4 -2.23 -33.70 22.53
C LYS B 4 -2.31 -32.53 23.52
N ASN B 5 -1.56 -31.48 23.24
CA ASN B 5 -1.39 -30.37 24.17
C ASN B 5 -2.45 -29.29 23.95
N VAL B 6 -2.88 -28.67 25.04
CA VAL B 6 -3.85 -27.58 25.02
C VAL B 6 -3.26 -26.41 25.81
N SER B 7 -3.05 -25.29 25.14
CA SER B 7 -2.41 -24.12 25.75
C SER B 7 -3.29 -22.89 25.60
N ILE B 8 -3.30 -22.06 26.63
CA ILE B 8 -3.98 -20.78 26.60
C ILE B 8 -2.99 -19.71 26.17
N VAL B 9 -3.38 -18.85 25.23
CA VAL B 9 -2.64 -17.66 24.86
C VAL B 9 -3.50 -16.46 25.22
N VAL B 10 -2.94 -15.54 26.01
CA VAL B 10 -3.72 -14.42 26.52
C VAL B 10 -2.77 -13.27 26.83
N ALA B 11 -3.25 -12.04 26.63
CA ALA B 11 -2.56 -10.82 27.02
C ALA B 11 -3.46 -10.07 27.99
N ALA B 12 -3.03 -9.95 29.25
CA ALA B 12 -3.82 -9.33 30.30
C ALA B 12 -2.98 -8.31 31.05
N SER B 13 -3.66 -7.32 31.64
CA SER B 13 -2.96 -6.29 32.38
C SER B 13 -2.31 -6.87 33.63
N VAL B 14 -1.34 -6.13 34.16
CA VAL B 14 -0.42 -6.67 35.16
C VAL B 14 -1.12 -6.94 36.48
N LEU B 15 -2.04 -6.06 36.89
CA LEU B 15 -2.68 -6.17 38.20
C LEU B 15 -4.07 -6.79 38.11
N SER B 16 -5.00 -6.14 37.40
CA SER B 16 -6.38 -6.59 37.32
C SER B 16 -6.65 -7.63 36.25
N SER B 17 -5.67 -7.91 35.38
CA SER B 17 -5.82 -8.94 34.34
C SER B 17 -6.93 -8.59 33.35
N GLY B 18 -7.02 -7.33 32.96
CA GLY B 18 -7.98 -6.92 31.94
C GLY B 18 -7.48 -7.26 30.54
N ILE B 19 -8.39 -7.72 29.69
CA ILE B 19 -8.00 -8.20 28.37
C ILE B 19 -8.80 -7.52 27.26
N GLY B 20 -9.87 -6.81 27.61
CA GLY B 20 -10.70 -6.23 26.56
C GLY B 20 -11.53 -5.05 27.04
N ILE B 21 -11.99 -4.27 26.08
CA ILE B 21 -12.85 -3.12 26.33
C ILE B 21 -13.63 -2.79 25.05
N ASN B 22 -14.97 -2.80 25.15
CA ASN B 22 -15.85 -2.46 24.03
C ASN B 22 -15.55 -3.32 22.80
N GLY B 23 -15.34 -4.61 23.00
CA GLY B 23 -15.13 -5.52 21.90
C GLY B 23 -13.79 -5.42 21.22
N GLN B 24 -12.79 -4.83 21.87
CA GLN B 24 -11.45 -4.73 21.30
C GLN B 24 -10.43 -4.74 22.43
N LEU B 25 -9.15 -4.76 22.05
CA LEU B 25 -8.07 -4.77 23.03
C LEU B 25 -7.85 -3.37 23.58
N PRO B 26 -7.53 -3.25 24.87
CA PRO B 26 -7.26 -1.93 25.46
C PRO B 26 -5.89 -1.36 25.14
N TRP B 27 -5.15 -1.97 24.21
CA TRP B 27 -3.83 -1.49 23.82
C TRP B 27 -3.56 -1.94 22.38
N SER B 28 -2.44 -1.48 21.83
CA SER B 28 -2.01 -1.86 20.48
C SER B 28 -0.51 -2.10 20.51
N ILE B 29 -0.12 -3.34 20.81
CA ILE B 29 1.29 -3.75 20.89
C ILE B 29 1.55 -4.70 19.74
N SER B 30 2.30 -4.22 18.74
CA SER B 30 2.52 -5.01 17.53
C SER B 30 3.33 -6.28 17.81
N GLU B 31 4.35 -6.18 18.65
CA GLU B 31 5.20 -7.34 18.90
C GLU B 31 4.43 -8.45 19.60
N ASP B 32 3.38 -8.11 20.35
CA ASP B 32 2.57 -9.13 21.00
C ASP B 32 1.77 -9.94 19.99
N LEU B 33 1.29 -9.29 18.93
CA LEU B 33 0.60 -10.03 17.87
C LEU B 33 1.54 -10.98 17.15
N LYS B 34 2.78 -10.54 16.90
CA LYS B 34 3.75 -11.44 16.29
C LYS B 34 4.03 -12.64 17.19
N PHE B 35 4.04 -12.42 18.50
CA PHE B 35 4.18 -13.54 19.43
C PHE B 35 3.01 -14.49 19.31
N PHE B 36 1.79 -13.96 19.30
CA PHE B 36 0.61 -14.80 19.11
C PHE B 36 0.71 -15.59 17.82
N SER B 37 1.21 -14.96 16.75
CA SER B 37 1.30 -15.64 15.47
C SER B 37 2.34 -16.76 15.53
N LYS B 38 3.53 -16.47 16.06
CA LYS B 38 4.59 -17.46 16.05
C LYS B 38 4.33 -18.59 17.03
N ILE B 39 3.64 -18.31 18.13
CA ILE B 39 3.39 -19.36 19.12
C ILE B 39 2.26 -20.28 18.68
N THR B 40 1.29 -19.78 17.91
CA THR B 40 0.19 -20.62 17.45
C THR B 40 0.52 -21.36 16.15
N ASN B 41 1.48 -20.87 15.36
CA ASN B 41 1.95 -21.58 14.18
C ASN B 41 3.06 -22.58 14.49
N ASN B 42 3.56 -22.58 15.72
CA ASN B 42 4.67 -23.47 16.10
C ASN B 42 4.19 -24.91 16.10
N LYS B 43 4.64 -25.69 15.11
CA LYS B 43 4.24 -27.07 14.96
C LYS B 43 5.46 -27.92 14.63
N CYS B 44 5.31 -29.23 14.79
CA CYS B 44 6.38 -30.16 14.50
C CYS B 44 6.18 -30.93 13.19
N ASP B 45 4.92 -31.10 12.77
CA ASP B 45 4.59 -31.85 11.56
C ASP B 45 4.12 -30.88 10.49
N SER B 46 4.74 -30.96 9.30
CA SER B 46 4.35 -30.08 8.21
C SER B 46 3.02 -30.46 7.60
N ASN B 47 2.55 -31.70 7.82
CA ASN B 47 1.27 -32.15 7.31
C ASN B 47 0.14 -32.02 8.34
N LYS B 48 0.33 -31.15 9.34
CA LYS B 48 -0.67 -30.92 10.37
C LYS B 48 -0.82 -29.43 10.61
N LYS B 49 -1.97 -29.05 11.14
CA LYS B 49 -2.27 -27.67 11.49
C LYS B 49 -2.61 -27.59 12.97
N ASN B 50 -2.58 -26.38 13.51
CA ASN B 50 -2.96 -26.13 14.89
C ASN B 50 -4.36 -25.53 14.94
N ALA B 51 -5.13 -25.89 15.96
CA ALA B 51 -6.49 -25.43 16.13
C ALA B 51 -6.52 -24.28 17.14
N LEU B 52 -7.19 -23.19 16.78
CA LEU B 52 -7.31 -22.02 17.64
C LEU B 52 -8.77 -21.87 18.05
N ILE B 53 -9.07 -22.23 19.29
CA ILE B 53 -10.43 -22.13 19.81
C ILE B 53 -10.67 -20.71 20.31
N MET B 54 -11.81 -20.13 19.94
CA MET B 54 -12.15 -18.78 20.38
C MET B 54 -13.66 -18.63 20.41
N GLY B 55 -14.12 -17.72 21.27
CA GLY B 55 -15.53 -17.41 21.35
C GLY B 55 -16.00 -16.57 20.18
N ARG B 56 -17.32 -16.42 20.08
CA ARG B 56 -17.90 -15.73 18.93
C ARG B 56 -17.51 -14.26 18.91
N LYS B 57 -17.53 -13.59 20.06
CA LYS B 57 -17.21 -12.17 20.09
C LYS B 57 -15.75 -11.91 19.72
N THR B 58 -14.85 -12.83 20.08
CA THR B 58 -13.47 -12.71 19.62
C THR B 58 -13.38 -12.98 18.12
N TRP B 59 -14.16 -13.94 17.62
CA TRP B 59 -14.26 -14.17 16.19
C TRP B 59 -14.76 -12.92 15.46
N ASP B 60 -15.65 -12.15 16.08
CA ASP B 60 -16.04 -10.87 15.51
C ASP B 60 -14.90 -9.85 15.58
N SER B 61 -14.10 -9.92 16.66
CA SER B 61 -13.05 -8.93 16.87
C SER B 61 -11.99 -8.99 15.78
N ILE B 62 -11.75 -10.16 15.19
CA ILE B 62 -10.75 -10.32 14.16
C ILE B 62 -11.36 -10.21 12.76
N GLY B 63 -12.56 -9.65 12.65
CA GLY B 63 -13.20 -9.45 11.37
C GLY B 63 -13.77 -10.69 10.72
N ARG B 64 -13.89 -11.79 11.46
CA ARG B 64 -14.43 -13.05 10.93
C ARG B 64 -13.67 -13.51 9.69
N ARG B 65 -12.34 -13.38 9.75
CA ARG B 65 -11.50 -13.83 8.64
C ARG B 65 -10.50 -14.87 9.14
N PRO B 66 -10.20 -15.88 8.34
CA PRO B 66 -9.35 -16.97 8.82
C PRO B 66 -7.91 -16.52 9.03
N LEU B 67 -7.23 -17.25 9.91
CA LEU B 67 -5.82 -17.02 10.19
C LEU B 67 -4.99 -18.00 9.38
N LYS B 68 -3.97 -17.48 8.69
CA LYS B 68 -3.19 -18.28 7.75
C LYS B 68 -2.55 -19.48 8.45
N ASN B 69 -2.58 -20.62 7.76
CA ASN B 69 -1.94 -21.87 8.18
C ASN B 69 -2.53 -22.44 9.46
N ARG B 70 -3.73 -22.00 9.86
CA ARG B 70 -4.33 -22.47 11.09
C ARG B 70 -5.83 -22.66 10.88
N ILE B 71 -6.42 -23.50 11.73
CA ILE B 71 -7.86 -23.77 11.72
C ILE B 71 -8.47 -23.08 12.93
N ILE B 72 -9.39 -22.15 12.68
CA ILE B 72 -10.07 -21.44 13.75
C ILE B 72 -11.32 -22.19 14.14
N VAL B 73 -11.51 -22.40 15.44
CA VAL B 73 -12.66 -23.09 15.99
C VAL B 73 -13.46 -22.08 16.78
N VAL B 74 -14.66 -21.76 16.31
CA VAL B 74 -15.52 -20.76 16.92
C VAL B 74 -16.57 -21.46 17.76
N ILE B 75 -16.65 -21.09 19.04
CA ILE B 75 -17.68 -21.59 19.94
C ILE B 75 -18.85 -20.62 19.90
N SER B 76 -20.01 -21.10 19.46
CA SER B 76 -21.18 -20.25 19.34
C SER B 76 -22.42 -21.11 19.35
N SER B 77 -23.49 -20.58 19.92
CA SER B 77 -24.77 -21.26 19.94
C SER B 77 -25.66 -20.88 18.76
N SER B 78 -25.35 -19.78 18.07
CA SER B 78 -26.20 -19.29 16.99
C SER B 78 -25.55 -19.34 15.62
N LEU B 79 -24.23 -19.32 15.53
CA LEU B 79 -23.58 -19.29 14.23
C LEU B 79 -23.90 -20.57 13.45
N PRO B 80 -24.18 -20.46 12.15
CA PRO B 80 -24.45 -21.66 11.36
C PRO B 80 -23.18 -22.49 11.21
N GLN B 81 -23.30 -23.79 11.46
CA GLN B 81 -22.18 -24.69 11.28
C GLN B 81 -21.84 -24.79 9.79
N ASP B 82 -21.20 -23.75 9.27
CA ASP B 82 -20.89 -23.67 7.85
C ASP B 82 -19.76 -24.62 7.48
N GLU B 83 -19.84 -25.15 6.28
CA GLU B 83 -18.80 -26.02 5.75
C GLU B 83 -18.14 -25.47 4.49
N ALA B 84 -18.51 -24.27 4.05
CA ALA B 84 -17.87 -23.67 2.88
C ALA B 84 -16.41 -23.34 3.19
N ASP B 85 -16.15 -22.74 4.34
CA ASP B 85 -14.78 -22.41 4.75
C ASP B 85 -14.15 -23.60 5.46
N PRO B 86 -13.10 -24.21 4.90
CA PRO B 86 -12.47 -25.35 5.58
C PRO B 86 -11.53 -24.95 6.72
N ASN B 87 -11.20 -23.66 6.84
CA ASN B 87 -10.33 -23.17 7.91
C ASN B 87 -11.11 -22.61 9.09
N VAL B 88 -12.44 -22.62 9.04
CA VAL B 88 -13.29 -22.15 10.12
C VAL B 88 -14.36 -23.20 10.37
N VAL B 89 -14.46 -23.65 11.62
CA VAL B 89 -15.46 -24.64 12.01
C VAL B 89 -16.12 -24.17 13.30
N VAL B 90 -17.40 -24.48 13.45
CA VAL B 90 -18.21 -24.00 14.57
C VAL B 90 -18.65 -25.19 15.40
N PHE B 91 -18.52 -25.06 16.72
CA PHE B 91 -19.03 -26.04 17.68
C PHE B 91 -19.99 -25.34 18.64
N ARG B 92 -20.93 -26.11 19.18
CA ARG B 92 -21.97 -25.54 20.02
C ARG B 92 -21.51 -25.30 21.45
N ASN B 93 -20.43 -25.93 21.89
CA ASN B 93 -19.91 -25.72 23.23
C ASN B 93 -18.43 -26.05 23.24
N LEU B 94 -17.74 -25.59 24.29
CA LEU B 94 -16.30 -25.81 24.38
C LEU B 94 -15.97 -27.28 24.57
N GLU B 95 -16.80 -28.02 25.32
CA GLU B 95 -16.50 -29.42 25.60
C GLU B 95 -16.52 -30.26 24.34
N ASP B 96 -17.53 -30.06 23.47
CA ASP B 96 -17.60 -30.82 22.23
C ASP B 96 -16.44 -30.50 21.31
N SER B 97 -15.91 -29.27 21.36
CA SER B 97 -14.83 -28.88 20.47
C SER B 97 -13.51 -29.57 20.81
N ILE B 98 -13.39 -30.16 22.00
CA ILE B 98 -12.17 -30.87 22.38
C ILE B 98 -12.16 -32.25 21.71
N GLU B 99 -13.12 -32.50 20.81
CA GLU B 99 -13.09 -33.67 19.95
C GLU B 99 -11.80 -33.78 19.14
N ASN B 100 -11.08 -32.65 18.96
CA ASN B 100 -9.78 -32.68 18.31
C ASN B 100 -8.80 -33.62 19.01
N LEU B 101 -9.04 -33.93 20.28
CA LEU B 101 -8.23 -34.93 20.97
C LEU B 101 -8.62 -36.35 20.55
N MET B 102 -9.92 -36.63 20.47
CA MET B 102 -10.39 -38.00 20.24
C MET B 102 -9.96 -38.50 18.88
N ASN B 103 -10.08 -37.68 17.84
CA ASN B 103 -9.61 -38.04 16.52
C ASN B 103 -8.96 -36.84 15.86
N ASP B 104 -9.17 -36.67 14.55
CA ASP B 104 -8.59 -35.60 13.76
C ASP B 104 -7.09 -35.51 14.01
N ASP B 105 -6.40 -36.53 13.50
CA ASP B 105 -4.95 -36.63 13.63
C ASP B 105 -4.22 -35.57 12.81
N SER B 106 -4.94 -34.77 12.03
CA SER B 106 -4.34 -33.65 11.30
C SER B 106 -4.15 -32.42 12.16
N ILE B 107 -4.62 -32.44 13.41
CA ILE B 107 -4.43 -31.34 14.34
C ILE B 107 -3.36 -31.76 15.34
N GLU B 108 -2.29 -30.98 15.41
CA GLU B 108 -1.17 -31.31 16.29
C GLU B 108 -1.33 -30.69 17.68
N ASN B 109 -1.51 -29.37 17.73
CA ASN B 109 -1.64 -28.65 18.99
C ASN B 109 -2.94 -27.86 18.99
N ILE B 110 -3.41 -27.55 20.19
CA ILE B 110 -4.66 -26.84 20.40
C ILE B 110 -4.36 -25.59 21.23
N PHE B 111 -4.88 -24.45 20.80
CA PHE B 111 -4.68 -23.19 21.50
C PHE B 111 -6.03 -22.57 21.84
N VAL B 112 -6.20 -22.18 23.09
CA VAL B 112 -7.41 -21.51 23.56
C VAL B 112 -7.12 -20.01 23.53
N CYS B 113 -7.74 -19.30 22.58
CA CYS B 113 -7.46 -17.89 22.36
C CYS B 113 -8.64 -16.99 22.68
N GLY B 114 -9.77 -17.56 23.11
CA GLY B 114 -11.03 -16.85 23.14
C GLY B 114 -11.13 -15.76 24.18
N GLY B 115 -12.35 -15.38 24.54
CA GLY B 115 -12.56 -14.31 25.50
C GLY B 115 -12.67 -14.84 26.92
N GLU B 116 -13.16 -13.96 27.79
CA GLU B 116 -13.29 -14.32 29.20
C GLU B 116 -14.14 -15.58 29.38
N SER B 117 -15.24 -15.68 28.62
CA SER B 117 -16.12 -16.84 28.77
C SER B 117 -15.40 -18.13 28.41
N ILE B 118 -14.60 -18.12 27.36
CA ILE B 118 -13.90 -19.33 26.95
C ILE B 118 -12.75 -19.64 27.90
N TYR B 119 -12.04 -18.61 28.37
CA TYR B 119 -10.96 -18.83 29.32
C TYR B 119 -11.47 -19.42 30.62
N ARG B 120 -12.61 -18.92 31.11
CA ARG B 120 -13.04 -19.24 32.47
C ARG B 120 -13.39 -20.73 32.60
N ASP B 121 -14.15 -21.28 31.66
CA ASP B 121 -14.52 -22.68 31.73
C ASP B 121 -13.61 -23.58 30.91
N ALA B 122 -12.54 -23.04 30.34
CA ALA B 122 -11.46 -23.91 29.88
C ALA B 122 -10.59 -24.31 31.06
N LEU B 123 -10.46 -23.41 32.05
CA LEU B 123 -9.79 -23.75 33.29
C LEU B 123 -10.73 -24.48 34.25
N LYS B 124 -12.00 -24.09 34.29
CA LYS B 124 -12.96 -24.78 35.13
C LYS B 124 -13.17 -26.22 34.69
N ASP B 125 -13.22 -26.46 33.38
CA ASP B 125 -13.35 -27.81 32.84
C ASP B 125 -12.04 -28.58 32.86
N ASN B 126 -10.94 -27.94 33.25
CA ASN B 126 -9.65 -28.60 33.45
C ASN B 126 -9.11 -29.20 32.16
N PHE B 127 -9.12 -28.40 31.09
CA PHE B 127 -8.61 -28.81 29.79
C PHE B 127 -7.23 -28.25 29.47
N VAL B 128 -6.75 -27.27 30.24
CA VAL B 128 -5.59 -26.47 29.86
C VAL B 128 -4.33 -27.05 30.49
N ASP B 129 -3.30 -27.28 29.68
CA ASP B 129 -2.01 -27.74 30.15
C ASP B 129 -1.01 -26.63 30.35
N ARG B 130 -1.05 -25.58 29.54
CA ARG B 130 -0.05 -24.52 29.56
C ARG B 130 -0.74 -23.17 29.38
N ILE B 131 -0.11 -22.13 29.89
CA ILE B 131 -0.61 -20.76 29.78
C ILE B 131 0.52 -19.87 29.27
N TYR B 132 0.29 -19.20 28.14
CA TYR B 132 1.20 -18.20 27.60
C TYR B 132 0.62 -16.83 27.94
N LEU B 133 1.16 -16.20 28.98
CA LEU B 133 0.64 -14.94 29.49
C LEU B 133 1.55 -13.79 29.08
N THR B 134 0.94 -12.74 28.53
CA THR B 134 1.64 -11.49 28.20
C THR B 134 1.13 -10.43 29.17
N ARG B 135 1.94 -10.14 30.19
CA ARG B 135 1.55 -9.16 31.20
C ARG B 135 1.84 -7.77 30.67
N VAL B 136 0.80 -6.93 30.59
CA VAL B 136 0.93 -5.57 30.06
C VAL B 136 0.79 -4.60 31.23
N ALA B 137 1.67 -3.60 31.26
CA ALA B 137 1.74 -2.65 32.37
C ALA B 137 0.85 -1.44 32.09
N LEU B 138 -0.46 -1.72 32.04
CA LEU B 138 -1.49 -0.69 31.89
C LEU B 138 -2.61 -1.00 32.86
N GLU B 139 -2.88 -0.07 33.78
CA GLU B 139 -3.88 -0.35 34.81
C GLU B 139 -4.86 0.78 35.08
N ASP B 140 -4.49 2.04 34.86
CA ASP B 140 -5.40 3.15 35.14
C ASP B 140 -6.30 3.47 33.95
N ILE B 141 -6.75 2.43 33.25
CA ILE B 141 -7.73 2.57 32.18
C ILE B 141 -8.91 1.67 32.51
N GLU B 142 -9.87 1.56 31.60
CA GLU B 142 -11.11 0.84 31.86
C GLU B 142 -11.14 -0.48 31.08
N PHE B 143 -11.56 -1.54 31.78
CA PHE B 143 -11.76 -2.85 31.19
C PHE B 143 -13.20 -3.29 31.42
N ASP B 144 -13.70 -4.13 30.52
CA ASP B 144 -14.98 -4.80 30.72
C ASP B 144 -14.88 -6.30 30.55
N THR B 145 -13.67 -6.82 30.30
CA THR B 145 -13.43 -8.24 30.09
C THR B 145 -12.10 -8.59 30.75
N TYR B 146 -12.11 -9.63 31.58
CA TYR B 146 -10.93 -9.95 32.38
C TYR B 146 -10.53 -11.40 32.19
N PHE B 147 -9.24 -11.65 32.36
CA PHE B 147 -8.72 -13.01 32.38
C PHE B 147 -8.87 -13.57 33.79
N PRO B 148 -9.45 -14.76 33.95
CA PRO B 148 -9.69 -15.29 35.30
C PRO B 148 -8.38 -15.52 36.05
N GLU B 149 -8.49 -15.59 37.37
CA GLU B 149 -7.33 -15.87 38.20
C GLU B 149 -6.80 -17.27 37.88
N ILE B 150 -5.47 -17.36 37.74
CA ILE B 150 -4.83 -18.63 37.41
C ILE B 150 -4.95 -19.57 38.60
N PRO B 151 -5.51 -20.76 38.42
CA PRO B 151 -5.68 -21.69 39.54
C PRO B 151 -4.35 -22.17 40.10
N GLU B 152 -4.38 -22.57 41.37
CA GLU B 152 -3.18 -22.98 42.09
C GLU B 152 -2.50 -24.20 41.49
N THR B 153 -3.18 -24.93 40.60
CA THR B 153 -2.58 -26.08 39.94
C THR B 153 -1.52 -25.68 38.92
N PHE B 154 -1.39 -24.39 38.60
CA PHE B 154 -0.39 -23.90 37.67
C PHE B 154 0.77 -23.26 38.41
N LEU B 155 1.96 -23.39 37.83
CA LEU B 155 3.16 -22.76 38.37
C LEU B 155 3.93 -22.10 37.23
N PRO B 156 4.47 -20.90 37.46
CA PRO B 156 5.25 -20.23 36.41
C PRO B 156 6.60 -20.92 36.21
N VAL B 157 6.95 -21.10 34.94
CA VAL B 157 8.23 -21.71 34.58
C VAL B 157 9.10 -20.80 33.74
N TYR B 158 8.61 -19.63 33.33
CA TYR B 158 9.38 -18.72 32.50
C TYR B 158 8.86 -17.30 32.69
N MET B 159 9.78 -16.34 32.73
CA MET B 159 9.44 -14.93 32.81
C MET B 159 10.49 -14.15 32.05
N SER B 160 10.10 -13.56 30.92
CA SER B 160 11.06 -12.90 30.05
C SER B 160 11.51 -11.56 30.64
N GLN B 161 12.45 -10.93 29.96
CA GLN B 161 12.81 -9.56 30.27
C GLN B 161 11.66 -8.62 29.92
N THR B 162 11.74 -7.39 30.42
CA THR B 162 10.71 -6.41 30.11
C THR B 162 11.00 -5.76 28.77
N PHE B 163 10.01 -5.78 27.88
CA PHE B 163 10.09 -5.11 26.59
C PHE B 163 9.27 -3.82 26.63
N CYS B 164 9.44 -3.01 25.59
CA CYS B 164 8.79 -1.70 25.54
C CYS B 164 8.22 -1.44 24.16
N THR B 165 6.97 -0.99 24.11
CA THR B 165 6.32 -0.57 22.87
C THR B 165 5.49 0.66 23.18
N LYS B 166 5.83 1.78 22.53
CA LYS B 166 5.14 3.06 22.75
C LYS B 166 5.12 3.42 24.23
N ASN B 167 6.26 3.24 24.90
CA ASN B 167 6.41 3.52 26.34
C ASN B 167 5.50 2.65 27.19
N ILE B 168 5.19 1.43 26.73
CA ILE B 168 4.40 0.47 27.48
C ILE B 168 5.27 -0.73 27.77
N SER B 169 5.42 -1.07 29.05
CA SER B 169 6.20 -2.23 29.46
C SER B 169 5.34 -3.48 29.42
N TYR B 170 5.94 -4.60 29.02
CA TYR B 170 5.20 -5.85 29.03
C TYR B 170 6.17 -7.04 29.16
N ASP B 171 5.64 -8.14 29.70
CA ASP B 171 6.38 -9.36 29.96
C ASP B 171 5.81 -10.50 29.13
N PHE B 172 6.54 -11.62 29.13
CA PHE B 172 6.06 -12.87 28.56
C PHE B 172 6.34 -13.98 29.56
N MET B 173 5.28 -14.65 30.02
CA MET B 173 5.40 -15.71 31.01
C MET B 173 4.77 -16.99 30.49
N ILE B 174 5.26 -18.12 31.01
CA ILE B 174 4.70 -19.43 30.72
C ILE B 174 4.32 -20.09 32.04
N PHE B 175 3.08 -20.55 32.13
CA PHE B 175 2.62 -21.30 33.28
C PHE B 175 2.36 -22.74 32.85
N GLU B 176 2.76 -23.69 33.69
CA GLU B 176 2.56 -25.09 33.37
C GLU B 176 1.81 -25.75 34.53
N LYS B 177 0.92 -26.66 34.19
CA LYS B 177 0.12 -27.35 35.18
C LYS B 177 0.90 -28.53 35.75
N GLN B 178 1.07 -28.57 37.07
CA GLN B 178 1.80 -29.64 37.72
C GLN B 178 0.94 -30.89 37.81
N GLU B 179 1.58 -32.05 37.64
CA GLU B 179 0.88 -33.33 37.70
C GLU B 179 1.19 -34.07 39.00
N LEU B 193 22.48 -34.73 33.73
CA LEU B 193 22.64 -36.16 33.95
C LEU B 193 22.79 -36.47 35.44
N LYS B 194 22.27 -37.62 35.86
CA LYS B 194 22.32 -37.97 37.29
C LYS B 194 23.72 -38.35 37.73
N SER B 195 24.54 -38.90 36.82
CA SER B 195 25.89 -39.29 37.19
C SER B 195 26.77 -38.10 37.53
N ILE B 196 26.49 -36.94 36.93
CA ILE B 196 27.26 -35.75 37.23
C ILE B 196 26.83 -35.15 38.57
N ASP B 197 25.52 -35.07 38.81
CA ASP B 197 25.05 -34.52 40.08
C ASP B 197 25.54 -35.36 41.25
N ASP B 198 25.57 -36.69 41.10
CA ASP B 198 26.05 -37.55 42.18
C ASP B 198 27.55 -37.39 42.38
N THR B 199 28.31 -37.32 41.30
CA THR B 199 29.76 -37.19 41.42
C THR B 199 30.13 -35.88 42.12
N VAL B 200 29.42 -34.79 41.81
CA VAL B 200 29.68 -33.52 42.46
C VAL B 200 29.27 -33.58 43.94
N ASP B 201 28.15 -34.25 44.23
CA ASP B 201 27.73 -34.40 45.62
C ASP B 201 28.76 -35.19 46.42
N LEU B 202 29.28 -36.28 45.85
CA LEU B 202 30.25 -37.10 46.57
C LEU B 202 31.53 -36.34 46.82
N LEU B 203 32.01 -35.59 45.82
CA LEU B 203 33.19 -34.76 46.02
C LEU B 203 32.94 -33.68 47.07
N GLY B 204 31.69 -33.22 47.19
CA GLY B 204 31.34 -32.28 48.24
C GLY B 204 31.29 -32.89 49.63
N GLU B 205 31.14 -34.20 49.72
CA GLU B 205 31.19 -34.87 51.01
C GLU B 205 32.62 -35.15 51.44
N ILE B 206 33.51 -35.42 50.48
CA ILE B 206 34.93 -35.65 50.75
C ILE B 206 35.57 -34.35 51.23
N PHE B 207 35.67 -33.38 50.33
CA PHE B 207 36.18 -32.06 50.68
C PHE B 207 35.07 -31.24 51.31
N GLY B 208 35.38 -30.56 52.40
CA GLY B 208 34.39 -29.72 53.04
C GLY B 208 34.26 -28.40 52.32
N ILE B 209 34.68 -27.32 52.98
CA ILE B 209 34.75 -26.02 52.32
C ILE B 209 35.96 -25.90 51.40
N ARG B 210 36.74 -26.98 51.26
CA ARG B 210 37.85 -26.96 50.32
C ARG B 210 37.37 -26.94 48.87
N LYS B 211 36.23 -27.56 48.61
CA LYS B 211 35.62 -27.48 47.28
C LYS B 211 34.87 -26.16 47.17
N MET B 212 35.28 -25.33 46.20
CA MET B 212 34.76 -23.96 46.13
C MET B 212 33.25 -23.93 45.92
N GLY B 213 32.69 -24.96 45.29
CA GLY B 213 31.25 -25.02 45.13
C GLY B 213 30.51 -25.01 46.45
N ASN B 214 31.11 -25.57 47.50
CA ASN B 214 30.48 -25.60 48.81
C ASN B 214 30.44 -24.23 49.47
N ARG B 215 31.29 -23.30 49.04
CA ARG B 215 31.22 -21.91 49.49
C ARG B 215 30.25 -21.07 48.66
N HIS B 216 29.75 -21.62 47.56
CA HIS B 216 28.75 -20.96 46.72
C HIS B 216 27.57 -21.91 46.52
N LYS B 217 26.98 -22.34 47.63
CA LYS B 217 25.88 -23.29 47.57
C LYS B 217 24.65 -22.65 46.93
N PHE B 218 23.95 -23.43 46.10
CA PHE B 218 22.74 -22.93 45.48
C PHE B 218 21.69 -22.67 46.54
N PRO B 219 20.93 -21.58 46.45
CA PRO B 219 19.99 -21.24 47.52
C PRO B 219 18.88 -22.29 47.65
N LYS B 220 18.51 -22.56 48.91
CA LYS B 220 17.42 -23.47 49.17
C LYS B 220 16.11 -22.90 48.64
N GLU B 221 15.16 -23.80 48.38
CA GLU B 221 13.89 -23.39 47.78
C GLU B 221 13.14 -22.39 48.67
N GLU B 222 13.25 -22.54 49.99
CA GLU B 222 12.51 -21.68 50.91
C GLU B 222 12.97 -20.23 50.88
N ILE B 223 14.13 -19.95 50.27
CA ILE B 223 14.64 -18.59 50.17
C ILE B 223 14.88 -18.18 48.72
N TYR B 224 14.30 -18.94 47.78
CA TYR B 224 14.44 -18.68 46.35
C TYR B 224 13.14 -18.08 45.85
N ASN B 225 13.23 -16.89 45.27
CA ASN B 225 12.03 -16.20 44.80
C ASN B 225 11.42 -16.92 43.61
N THR B 226 10.12 -17.23 43.71
CA THR B 226 9.35 -17.93 42.69
C THR B 226 10.11 -19.19 42.26
N PRO B 227 10.18 -20.21 43.13
CA PRO B 227 11.10 -21.33 42.87
C PRO B 227 10.75 -22.15 41.64
N SER B 228 9.50 -22.15 41.19
CA SER B 228 9.12 -22.96 40.04
C SER B 228 9.80 -22.50 38.76
N ILE B 229 10.24 -21.24 38.70
CA ILE B 229 10.98 -20.75 37.54
C ILE B 229 12.43 -21.15 37.71
N ARG B 230 12.80 -22.29 37.13
CA ARG B 230 14.14 -22.86 37.28
C ARG B 230 15.06 -22.46 36.14
N PHE B 231 14.64 -22.68 34.89
CA PHE B 231 15.46 -22.43 33.72
C PHE B 231 15.04 -21.18 32.95
N GLY B 232 14.08 -20.42 33.46
CA GLY B 232 13.59 -19.25 32.74
C GLY B 232 13.61 -17.98 33.55
N ARG B 233 14.69 -17.72 34.28
CA ARG B 233 14.80 -16.51 35.09
C ARG B 233 15.37 -15.36 34.25
N GLU B 234 14.62 -14.99 33.21
CA GLU B 234 15.12 -13.98 32.28
C GLU B 234 14.92 -12.56 32.80
N HIS B 235 13.83 -12.31 33.53
CA HIS B 235 13.59 -10.98 34.07
C HIS B 235 14.74 -10.55 34.96
N TYR B 236 15.33 -9.40 34.63
CA TYR B 236 16.58 -8.99 35.26
C TYR B 236 16.40 -8.47 36.68
N GLU B 237 15.17 -8.43 37.20
CA GLU B 237 15.02 -8.21 38.63
C GLU B 237 15.49 -9.42 39.44
N PHE B 238 15.50 -10.61 38.82
CA PHE B 238 16.07 -11.77 39.49
C PHE B 238 17.55 -11.62 39.75
N GLN B 239 18.24 -10.79 38.98
CA GLN B 239 19.65 -10.51 39.26
C GLN B 239 19.83 -9.92 40.65
N TYR B 240 18.82 -9.21 41.15
CA TYR B 240 18.85 -8.67 42.50
C TYR B 240 18.26 -9.65 43.50
N LEU B 241 17.15 -10.32 43.14
CA LEU B 241 16.50 -11.23 44.07
C LEU B 241 17.34 -12.48 44.32
N ASP B 242 18.03 -12.97 43.29
CA ASP B 242 18.87 -14.14 43.48
C ASP B 242 20.11 -13.81 44.29
N LEU B 243 20.58 -12.55 44.24
CA LEU B 243 21.69 -12.15 45.10
C LEU B 243 21.28 -12.15 46.57
N LEU B 244 20.05 -11.70 46.86
CA LEU B 244 19.53 -11.82 48.22
C LEU B 244 19.51 -13.28 48.67
N SER B 245 19.07 -14.18 47.78
CA SER B 245 19.01 -15.60 48.13
C SER B 245 20.39 -16.16 48.40
N ARG B 246 21.37 -15.79 47.55
CA ARG B 246 22.73 -16.30 47.75
C ARG B 246 23.33 -15.83 49.05
N VAL B 247 22.98 -14.63 49.50
CA VAL B 247 23.49 -14.15 50.78
C VAL B 247 22.84 -14.88 51.94
N LEU B 248 21.53 -15.11 51.85
CA LEU B 248 20.84 -15.86 52.90
C LEU B 248 21.37 -17.29 52.99
N GLU B 249 21.90 -17.83 51.89
CA GLU B 249 22.38 -19.20 51.86
C GLU B 249 23.84 -19.31 52.32
N ASN B 250 24.70 -18.42 51.85
CA ASN B 250 26.13 -18.51 52.10
C ASN B 250 26.70 -17.36 52.91
N GLY B 251 25.86 -16.44 53.38
CA GLY B 251 26.38 -15.25 54.05
C GLY B 251 26.99 -15.60 55.40
N ALA B 252 28.22 -15.14 55.61
CA ALA B 252 28.89 -15.34 56.89
C ALA B 252 28.47 -14.25 57.87
N TYR B 253 28.11 -14.65 59.08
CA TYR B 253 27.74 -13.70 60.12
C TYR B 253 29.00 -12.96 60.57
N ARG B 254 29.02 -11.64 60.36
CA ARG B 254 30.21 -10.84 60.61
C ARG B 254 29.82 -9.54 61.29
N GLU B 255 30.72 -9.05 62.14
CA GLU B 255 30.55 -7.77 62.81
C GLU B 255 31.23 -6.67 62.00
N ASN B 256 30.68 -5.46 62.09
CA ASN B 256 31.21 -4.33 61.33
C ASN B 256 31.25 -3.10 62.22
N ARG B 257 31.55 -1.95 61.62
CA ARG B 257 31.70 -0.70 62.37
C ARG B 257 30.41 -0.27 63.06
N THR B 258 29.26 -0.80 62.63
CA THR B 258 27.98 -0.54 63.27
C THR B 258 27.67 -1.67 64.25
N GLY B 259 26.73 -1.39 65.15
CA GLY B 259 26.28 -2.41 66.09
C GLY B 259 25.46 -3.52 65.46
N ILE B 260 25.04 -3.36 64.20
CA ILE B 260 24.20 -4.33 63.51
C ILE B 260 25.11 -5.20 62.65
N SER B 261 25.20 -6.48 62.99
CA SER B 261 25.99 -7.43 62.21
C SER B 261 25.26 -7.80 60.94
N THR B 262 26.01 -8.33 59.97
CA THR B 262 25.48 -8.68 58.66
C THR B 262 25.83 -10.11 58.31
N TYR B 263 25.14 -10.62 57.30
CA TYR B 263 25.52 -11.86 56.63
C TYR B 263 26.13 -11.47 55.29
N SER B 264 27.38 -11.87 55.06
CA SER B 264 28.19 -11.31 54.00
C SER B 264 28.78 -12.38 53.10
N ILE B 265 28.88 -12.05 51.80
CA ILE B 265 29.67 -12.79 50.83
C ILE B 265 30.46 -11.78 50.01
N PHE B 266 31.49 -12.28 49.32
CA PHE B 266 32.44 -11.43 48.61
C PHE B 266 32.49 -11.80 47.13
N GLY B 267 32.37 -10.79 46.27
CA GLY B 267 32.48 -10.99 44.83
C GLY B 267 31.21 -11.44 44.15
N GLN B 268 30.34 -10.49 43.82
CA GLN B 268 29.08 -10.79 43.15
C GLN B 268 28.85 -9.76 42.05
N MET B 269 27.86 -10.03 41.20
CA MET B 269 27.54 -9.11 40.11
C MET B 269 26.08 -9.22 39.73
N MET B 270 25.57 -8.15 39.11
CA MET B 270 24.21 -8.06 38.61
C MET B 270 24.22 -7.37 37.25
N ARG B 271 23.41 -7.87 36.33
CA ARG B 271 23.21 -7.25 35.03
C ARG B 271 21.80 -6.69 34.92
N PHE B 272 21.66 -5.56 34.23
CA PHE B 272 20.36 -4.96 34.00
C PHE B 272 20.31 -4.39 32.60
N ASP B 273 19.19 -4.60 31.92
CA ASP B 273 18.95 -3.97 30.63
C ASP B 273 18.38 -2.58 30.84
N MET B 274 18.79 -1.64 29.97
CA MET B 274 18.22 -0.30 29.97
C MET B 274 17.68 0.10 28.62
N ARG B 275 17.72 -0.78 27.62
CA ARG B 275 17.20 -0.44 26.30
C ARG B 275 15.68 -0.47 26.28
N GLU B 276 15.07 -1.49 26.86
CA GLU B 276 13.64 -1.71 26.78
C GLU B 276 12.93 -1.52 28.12
N SER B 277 13.63 -1.08 29.16
CA SER B 277 13.02 -0.90 30.47
C SER B 277 13.98 -0.13 31.37
N PHE B 278 13.50 0.20 32.55
CA PHE B 278 14.27 0.90 33.57
C PHE B 278 14.36 0.02 34.81
N PRO B 279 15.57 -0.36 35.26
CA PRO B 279 15.67 -1.33 36.37
C PRO B 279 15.29 -0.75 37.72
N LEU B 280 14.01 -0.44 37.91
CA LEU B 280 13.48 -0.04 39.20
C LEU B 280 12.68 -1.22 39.76
N LEU B 281 13.09 -1.69 40.93
CA LEU B 281 12.52 -2.93 41.48
C LEU B 281 11.01 -2.80 41.64
N THR B 282 10.32 -3.90 41.34
CA THR B 282 8.87 -3.95 41.48
C THR B 282 8.41 -4.70 42.72
N THR B 283 9.26 -5.55 43.30
CA THR B 283 8.91 -6.28 44.51
C THR B 283 8.86 -5.40 45.75
N LYS B 284 9.23 -4.12 45.61
CA LYS B 284 9.13 -3.13 46.68
C LYS B 284 9.02 -1.76 46.04
N LYS B 285 8.12 -0.92 46.57
CA LYS B 285 8.00 0.44 46.08
C LYS B 285 9.25 1.22 46.48
N VAL B 286 10.02 1.64 45.49
CA VAL B 286 11.29 2.34 45.72
C VAL B 286 11.07 3.84 45.55
N ALA B 287 11.62 4.61 46.48
CA ALA B 287 11.52 6.06 46.45
C ALA B 287 12.32 6.65 45.29
N ILE B 288 11.68 6.76 44.12
CA ILE B 288 12.40 7.19 42.93
C ILE B 288 12.82 8.66 43.04
N ARG B 289 12.04 9.49 43.73
CA ARG B 289 12.38 10.90 43.81
C ARG B 289 13.64 11.13 44.63
N SER B 290 13.78 10.41 45.75
CA SER B 290 14.99 10.56 46.56
C SER B 290 16.23 10.09 45.81
N ILE B 291 16.09 9.09 44.95
CA ILE B 291 17.21 8.63 44.14
C ILE B 291 17.67 9.73 43.20
N PHE B 292 16.72 10.37 42.51
CA PHE B 292 17.07 11.43 41.57
C PHE B 292 17.68 12.62 42.29
N GLU B 293 17.07 13.05 43.39
CA GLU B 293 17.53 14.24 44.09
C GLU B 293 18.93 14.04 44.68
N GLU B 294 19.29 12.80 44.99
CA GLU B 294 20.65 12.51 45.42
C GLU B 294 21.62 12.52 44.25
N LEU B 295 21.18 12.04 43.09
CA LEU B 295 22.07 11.96 41.93
C LEU B 295 22.38 13.35 41.39
N ILE B 296 21.36 14.20 41.25
CA ILE B 296 21.62 15.57 40.81
C ILE B 296 22.42 16.31 41.87
N TRP B 297 22.29 15.91 43.14
CA TRP B 297 23.12 16.43 44.20
C TRP B 297 24.58 16.06 43.99
N PHE B 298 24.82 14.83 43.51
CA PHE B 298 26.18 14.44 43.14
C PHE B 298 26.66 15.22 41.92
N ILE B 299 25.83 15.31 40.88
CA ILE B 299 26.26 15.92 39.63
C ILE B 299 26.64 17.38 39.84
N LYS B 300 25.85 18.10 40.64
CA LYS B 300 26.12 19.51 40.90
C LYS B 300 27.37 19.72 41.75
N GLY B 301 27.99 18.65 42.24
CA GLY B 301 29.18 18.79 43.05
C GLY B 301 28.94 19.13 44.51
N ASP B 302 27.72 18.93 44.99
CA ASP B 302 27.32 19.41 46.30
C ASP B 302 27.59 18.38 47.38
N THR B 303 28.09 18.84 48.52
CA THR B 303 28.25 18.01 49.71
C THR B 303 27.48 18.56 50.90
N ASN B 304 26.66 19.59 50.69
CA ASN B 304 25.85 20.16 51.76
C ASN B 304 24.65 19.25 51.98
N GLY B 305 24.63 18.56 53.13
CA GLY B 305 23.54 17.64 53.43
C GLY B 305 22.21 18.30 53.68
N ASN B 306 22.21 19.61 53.94
CA ASN B 306 20.95 20.31 54.20
C ASN B 306 20.13 20.47 52.93
N HIS B 307 20.79 20.59 51.77
CA HIS B 307 20.08 20.75 50.51
C HIS B 307 19.21 19.54 50.21
N LEU B 308 19.59 18.36 50.70
CA LEU B 308 18.73 17.19 50.56
C LEU B 308 17.60 17.22 51.58
N ILE B 309 17.89 17.67 52.81
CA ILE B 309 16.86 17.74 53.84
C ILE B 309 15.83 18.80 53.48
N GLU B 310 16.27 19.91 52.88
CA GLU B 310 15.33 20.95 52.46
C GLU B 310 14.38 20.46 51.39
N LYS B 311 14.81 19.49 50.57
CA LYS B 311 13.96 18.84 49.59
C LYS B 311 13.32 17.57 50.13
N LYS B 312 13.29 17.40 51.46
CA LYS B 312 12.63 16.27 52.11
C LYS B 312 13.26 14.93 51.70
N VAL B 313 14.58 14.89 51.65
CA VAL B 313 15.34 13.68 51.38
C VAL B 313 16.29 13.48 52.56
N TYR B 314 16.03 12.44 53.37
CA TYR B 314 16.73 12.25 54.64
C TYR B 314 17.63 11.02 54.64
N ILE B 315 18.16 10.63 53.49
CA ILE B 315 18.98 9.42 53.46
C ILE B 315 20.37 9.67 54.04
N TRP B 316 20.86 10.91 53.99
CA TRP B 316 22.17 11.25 54.51
C TRP B 316 22.12 11.94 55.86
N SER B 317 20.99 11.84 56.57
CA SER B 317 20.90 12.46 57.89
C SER B 317 21.71 11.70 58.93
N GLY B 318 21.72 10.37 58.83
CA GLY B 318 22.40 9.58 59.84
C GLY B 318 23.90 9.76 59.84
N ASN B 319 24.52 9.78 58.67
CA ASN B 319 25.96 9.97 58.56
C ASN B 319 26.35 11.44 58.57
N GLY B 320 25.41 12.33 58.84
CA GLY B 320 25.70 13.76 58.91
C GLY B 320 25.04 14.41 60.10
N SER B 321 25.09 13.74 61.25
CA SER B 321 24.57 14.28 62.49
C SER B 321 25.74 14.70 63.38
N LYS B 322 25.43 15.54 64.37
CA LYS B 322 26.48 16.01 65.27
C LYS B 322 27.08 14.86 66.06
N GLU B 323 26.24 13.89 66.46
CA GLU B 323 26.74 12.77 67.26
C GLU B 323 27.57 11.81 66.41
N TYR B 324 27.18 11.60 65.14
CA TYR B 324 27.95 10.71 64.29
C TYR B 324 29.27 11.34 63.89
N LEU B 325 29.27 12.64 63.56
CA LEU B 325 30.50 13.29 63.13
C LEU B 325 31.51 13.38 64.26
N GLU B 326 31.04 13.67 65.47
CA GLU B 326 31.95 13.71 66.62
C GLU B 326 32.49 12.32 66.95
N ARG B 327 31.70 11.27 66.69
CA ARG B 327 32.15 9.92 67.02
C ARG B 327 33.25 9.45 66.08
N ILE B 328 33.20 9.85 64.80
CA ILE B 328 34.19 9.38 63.84
C ILE B 328 35.40 10.32 63.75
N GLY B 329 35.46 11.35 64.58
CA GLY B 329 36.60 12.24 64.62
C GLY B 329 36.47 13.55 63.88
N LEU B 330 35.25 13.96 63.53
CA LEU B 330 35.03 15.22 62.84
C LEU B 330 34.10 16.11 63.64
N GLY B 331 34.41 16.30 64.93
CA GLY B 331 33.52 17.07 65.79
C GLY B 331 33.46 18.54 65.43
N HIS B 332 34.55 19.09 64.89
CA HIS B 332 34.57 20.47 64.49
C HIS B 332 33.85 20.72 63.16
N ARG B 333 33.44 19.65 62.48
CA ARG B 333 32.69 19.79 61.24
C ARG B 333 31.26 20.25 61.53
N GLU B 334 30.71 21.03 60.61
CA GLU B 334 29.34 21.52 60.76
C GLU B 334 28.36 20.35 60.71
N GLU B 335 27.12 20.61 61.17
CA GLU B 335 26.10 19.60 61.34
C GLU B 335 26.02 18.61 60.19
N ASN B 336 25.66 19.09 58.99
CA ASN B 336 25.48 18.22 57.83
C ASN B 336 26.57 18.42 56.79
N ASP B 337 27.77 18.80 57.22
CA ASP B 337 28.89 18.97 56.29
C ASP B 337 29.56 17.61 56.11
N LEU B 338 29.25 16.95 54.99
CA LEU B 338 29.72 15.58 54.77
C LEU B 338 31.15 15.50 54.29
N GLY B 339 31.78 16.62 53.93
CA GLY B 339 33.14 16.59 53.47
C GLY B 339 33.25 16.20 52.01
N PRO B 340 34.47 16.00 51.52
CA PRO B 340 34.65 15.67 50.10
C PRO B 340 34.21 14.26 49.77
N ILE B 341 33.07 14.11 49.12
CA ILE B 341 32.52 12.78 48.88
C ILE B 341 32.08 12.72 47.43
N TYR B 342 31.17 11.80 47.11
CA TYR B 342 30.56 11.79 45.78
C TYR B 342 30.18 13.20 45.36
N GLY B 343 30.46 13.52 44.10
CA GLY B 343 30.23 14.83 43.55
C GLY B 343 31.28 15.86 43.89
N PHE B 344 32.12 15.62 44.90
CA PHE B 344 33.26 16.49 45.06
C PHE B 344 34.50 15.88 44.43
N GLN B 345 34.63 14.56 44.50
CA GLN B 345 35.61 13.88 43.67
C GLN B 345 35.17 13.81 42.21
N TRP B 346 33.87 13.94 41.95
CA TRP B 346 33.39 13.97 40.57
C TRP B 346 33.78 15.28 39.89
N ARG B 347 33.59 16.41 40.59
CA ARG B 347 33.77 17.72 39.99
C ARG B 347 35.06 18.42 40.42
N HIS B 348 35.63 18.07 41.57
CA HIS B 348 36.82 18.72 42.07
C HIS B 348 37.76 17.67 42.68
N TYR B 349 38.25 16.76 41.85
CA TYR B 349 39.11 15.70 42.35
C TYR B 349 40.44 16.27 42.84
N ASN B 350 40.89 15.80 43.99
CA ASN B 350 42.10 16.24 44.68
C ASN B 350 42.03 17.69 45.13
N GLY B 351 40.86 18.32 45.09
CA GLY B 351 40.73 19.69 45.53
C GLY B 351 40.74 19.77 47.04
N GLU B 352 41.54 20.69 47.59
CA GLU B 352 41.64 20.83 49.03
C GLU B 352 40.31 21.31 49.59
N TYR B 353 39.69 20.48 50.44
CA TYR B 353 38.37 20.76 50.99
C TYR B 353 38.50 21.60 52.26
N LYS B 354 37.61 22.59 52.40
CA LYS B 354 37.52 23.37 53.62
C LYS B 354 36.19 23.11 54.29
N THR B 355 35.13 23.75 53.79
CA THR B 355 33.77 23.51 54.25
C THR B 355 32.86 23.39 53.04
N MET B 356 31.58 23.18 53.30
CA MET B 356 30.57 23.07 52.26
C MET B 356 30.09 24.43 51.77
N HIS B 357 30.53 25.53 52.38
CA HIS B 357 30.09 26.85 52.00
C HIS B 357 31.06 27.57 51.08
N ASP B 358 32.29 27.10 50.98
CA ASP B 358 33.30 27.78 50.18
C ASP B 358 33.06 27.55 48.69
N ASP B 359 33.74 28.34 47.88
CA ASP B 359 33.64 28.27 46.43
C ASP B 359 34.75 27.40 45.88
N TYR B 360 34.38 26.33 45.18
CA TYR B 360 35.35 25.39 44.61
C TYR B 360 35.36 25.43 43.09
N THR B 361 34.73 26.42 42.48
CA THR B 361 34.73 26.53 41.03
C THR B 361 36.15 26.82 40.54
N GLY B 362 36.76 25.83 39.88
CA GLY B 362 38.11 25.94 39.35
C GLY B 362 39.10 24.98 39.98
N VAL B 363 38.89 24.64 41.23
CA VAL B 363 39.82 23.76 41.95
C VAL B 363 39.43 22.31 41.66
N GLY B 364 40.44 21.44 41.66
CA GLY B 364 40.23 20.02 41.45
C GLY B 364 40.08 19.66 39.98
N VAL B 365 40.00 18.36 39.74
CA VAL B 365 39.82 17.80 38.40
C VAL B 365 38.34 17.50 38.20
N ASP B 366 37.77 18.08 37.13
CA ASP B 366 36.36 17.87 36.80
C ASP B 366 36.25 16.61 35.95
N GLN B 367 36.09 15.47 36.63
CA GLN B 367 35.98 14.20 35.92
C GLN B 367 34.72 14.14 35.08
N LEU B 368 33.59 14.63 35.62
CA LEU B 368 32.32 14.52 34.92
C LEU B 368 32.37 15.27 33.59
N ALA B 369 32.99 16.45 33.55
CA ALA B 369 33.12 17.18 32.29
C ALA B 369 34.04 16.45 31.32
N LYS B 370 35.20 15.98 31.81
CA LYS B 370 36.11 15.25 30.94
C LYS B 370 35.48 13.94 30.47
N LEU B 371 34.62 13.33 31.29
CA LEU B 371 33.92 12.12 30.87
C LEU B 371 32.97 12.42 29.71
N ILE B 372 32.17 13.47 29.86
CA ILE B 372 31.21 13.84 28.81
C ILE B 372 31.94 14.24 27.54
N GLU B 373 33.02 15.02 27.66
CA GLU B 373 33.77 15.45 26.49
C GLU B 373 34.41 14.26 25.78
N THR B 374 34.92 13.29 26.56
CA THR B 374 35.55 12.12 25.96
C THR B 374 34.52 11.17 25.36
N LEU B 375 33.31 11.13 25.93
CA LEU B 375 32.31 10.19 25.45
C LEU B 375 31.85 10.52 24.03
N LYS B 376 31.78 11.80 23.67
CA LYS B 376 31.32 12.17 22.35
C LYS B 376 32.45 12.55 21.38
N ASN B 377 33.66 12.78 21.87
CA ASN B 377 34.79 13.07 20.99
C ASN B 377 35.61 11.84 20.67
N ASN B 378 35.68 10.87 21.58
CA ASN B 378 36.41 9.62 21.36
C ASN B 378 35.57 8.50 21.98
N PRO B 379 34.54 8.03 21.25
CA PRO B 379 33.63 7.05 21.88
C PRO B 379 34.27 5.69 22.11
N LYS B 380 35.08 5.20 21.18
CA LYS B 380 35.70 3.89 21.33
C LYS B 380 36.90 3.90 22.27
N ASP B 381 37.15 5.02 22.93
CA ASP B 381 38.18 5.08 23.96
C ASP B 381 37.82 4.16 25.12
N ARG B 382 38.83 3.50 25.69
CA ARG B 382 38.63 2.54 26.76
C ARG B 382 38.97 3.11 28.13
N ARG B 383 38.80 4.42 28.30
CA ARG B 383 39.19 5.09 29.54
C ARG B 383 38.09 6.01 30.09
N HIS B 384 36.84 5.77 29.71
CA HIS B 384 35.71 6.56 30.22
C HIS B 384 35.42 6.12 31.66
N ILE B 385 36.22 6.65 32.59
CA ILE B 385 36.22 6.19 33.97
C ILE B 385 35.92 7.36 34.89
N LEU B 386 35.02 7.13 35.84
CA LEU B 386 34.68 8.09 36.89
C LEU B 386 34.94 7.43 38.24
N THR B 387 35.86 8.00 39.01
CA THR B 387 36.25 7.44 40.29
C THR B 387 35.91 8.39 41.42
N ALA B 388 35.71 7.82 42.61
CA ALA B 388 35.50 8.59 43.83
C ALA B 388 36.43 8.17 44.95
N TRP B 389 37.26 7.14 44.74
CA TRP B 389 38.17 6.67 45.77
C TRP B 389 39.44 7.53 45.75
N ASN B 390 39.56 8.41 46.73
CA ASN B 390 40.72 9.29 46.86
C ASN B 390 41.39 8.99 48.20
N PRO B 391 42.49 8.24 48.22
CA PRO B 391 43.15 7.93 49.49
C PRO B 391 43.55 9.17 50.29
N SER B 392 43.76 10.31 49.62
CA SER B 392 44.17 11.51 50.34
C SER B 392 43.01 12.13 51.11
N ALA B 393 41.78 11.96 50.61
CA ALA B 393 40.61 12.61 51.21
C ALA B 393 39.74 11.66 52.02
N LEU B 394 40.13 10.39 52.15
CA LEU B 394 39.29 9.42 52.85
C LEU B 394 39.04 9.82 54.30
N SER B 395 40.08 10.35 54.97
CA SER B 395 39.95 10.71 56.37
C SER B 395 38.96 11.85 56.58
N GLN B 396 38.87 12.78 55.64
CA GLN B 396 37.96 13.91 55.76
C GLN B 396 36.51 13.56 55.46
N MET B 397 36.24 12.39 54.90
CA MET B 397 34.88 12.06 54.48
C MET B 397 34.04 11.61 55.65
N ALA B 398 32.76 11.97 55.63
CA ALA B 398 31.82 11.45 56.61
C ALA B 398 31.61 9.95 56.45
N LEU B 399 31.84 9.42 55.25
CA LEU B 399 31.73 8.01 54.94
C LEU B 399 32.42 7.75 53.61
N PRO B 400 33.37 6.81 53.54
CA PRO B 400 34.07 6.55 52.30
C PRO B 400 33.12 6.09 51.21
N PRO B 401 33.50 6.26 49.93
CA PRO B 401 32.58 5.92 48.85
C PRO B 401 32.26 4.43 48.81
N CYS B 402 30.98 4.13 48.62
CA CYS B 402 30.53 2.76 48.43
C CYS B 402 30.52 2.37 46.96
N HIS B 403 29.82 3.15 46.13
CA HIS B 403 30.02 3.03 44.68
C HIS B 403 31.31 3.76 44.36
N VAL B 404 32.37 3.00 44.14
CA VAL B 404 33.74 3.52 44.17
C VAL B 404 34.20 3.97 42.80
N LEU B 405 33.95 3.16 41.77
CA LEU B 405 34.48 3.45 40.44
C LEU B 405 33.50 2.95 39.39
N SER B 406 33.34 3.74 38.32
CA SER B 406 32.42 3.38 37.23
C SER B 406 33.09 3.66 35.88
N GLN B 407 32.84 2.76 34.93
CA GLN B 407 33.35 2.86 33.57
C GLN B 407 32.20 2.86 32.59
N TYR B 408 32.39 3.54 31.46
CA TYR B 408 31.34 3.69 30.47
C TYR B 408 31.85 3.30 29.08
N TYR B 409 30.92 2.88 28.23
CA TYR B 409 31.27 2.18 26.99
C TYR B 409 30.23 2.51 25.93
N VAL B 410 30.69 2.91 24.75
CA VAL B 410 29.83 3.25 23.62
C VAL B 410 29.82 2.07 22.64
N THR B 411 28.65 1.51 22.40
CA THR B 411 28.54 0.38 21.49
C THR B 411 28.58 0.86 20.04
N ASN B 412 28.72 -0.11 19.12
CA ASN B 412 28.74 0.21 17.71
C ASN B 412 27.40 0.75 17.21
N ASP B 413 26.30 0.40 17.88
CA ASP B 413 24.99 0.94 17.55
C ASP B 413 24.61 2.11 18.47
N ASN B 414 25.62 2.85 18.93
CA ASN B 414 25.43 4.14 19.62
C ASN B 414 24.57 4.00 20.87
N CYS B 415 24.89 3.01 21.69
CA CYS B 415 24.28 2.87 23.01
C CYS B 415 25.36 3.04 24.07
N LEU B 416 24.96 3.56 25.23
CA LEU B 416 25.88 3.84 26.33
C LEU B 416 25.63 2.84 27.44
N SER B 417 26.61 1.96 27.69
CA SER B 417 26.58 1.01 28.78
C SER B 417 27.42 1.51 29.95
N CYS B 418 27.16 0.93 31.12
CA CYS B 418 27.82 1.36 32.35
C CYS B 418 28.22 0.14 33.19
N ASN B 419 29.44 0.19 33.73
CA ASN B 419 29.92 -0.76 34.72
C ASN B 419 30.26 0.00 36.00
N LEU B 420 29.90 -0.59 37.14
CA LEU B 420 30.17 0.03 38.43
C LEU B 420 30.76 -1.01 39.38
N TYR B 421 31.83 -0.64 40.08
CA TYR B 421 32.34 -1.46 41.17
C TYR B 421 31.93 -0.86 42.50
N GLN B 422 31.29 -1.67 43.33
CA GLN B 422 30.78 -1.26 44.64
C GLN B 422 31.50 -2.09 45.70
N ARG B 423 32.27 -1.41 46.56
CA ARG B 423 33.06 -2.12 47.56
C ARG B 423 32.20 -2.71 48.66
N SER B 424 31.10 -2.04 49.01
CA SER B 424 30.23 -2.46 50.09
C SER B 424 28.79 -2.19 49.67
N CYS B 425 27.92 -3.17 49.87
CA CYS B 425 26.57 -3.11 49.31
C CYS B 425 25.56 -3.52 50.37
N ASP B 426 24.84 -2.54 50.91
CA ASP B 426 23.66 -2.81 51.74
C ASP B 426 22.53 -3.25 50.82
N LEU B 427 22.29 -4.55 50.76
CA LEU B 427 21.31 -5.10 49.82
C LEU B 427 19.88 -4.70 50.15
N GLY B 428 19.62 -4.26 51.38
CA GLY B 428 18.27 -3.87 51.76
C GLY B 428 17.91 -2.45 51.38
N LEU B 429 18.87 -1.53 51.47
CA LEU B 429 18.61 -0.11 51.24
C LEU B 429 19.46 0.45 50.10
N GLY B 430 20.79 0.37 50.20
CA GLY B 430 21.63 1.01 49.20
C GLY B 430 21.52 0.38 47.82
N SER B 431 21.43 -0.95 47.76
CA SER B 431 21.46 -1.62 46.46
C SER B 431 20.29 -1.24 45.57
N PRO B 432 19.03 -1.22 46.01
CA PRO B 432 17.97 -0.73 45.13
C PRO B 432 18.19 0.71 44.70
N PHE B 433 18.79 1.53 45.56
CA PHE B 433 19.13 2.90 45.18
C PHE B 433 20.26 2.92 44.16
N ASN B 434 21.32 2.13 44.41
CA ASN B 434 22.48 2.13 43.51
C ASN B 434 22.11 1.66 42.11
N ILE B 435 21.21 0.68 42.01
CA ILE B 435 20.80 0.16 40.71
C ILE B 435 20.10 1.25 39.92
N ALA B 436 19.12 1.93 40.54
CA ALA B 436 18.37 2.95 39.81
C ALA B 436 19.19 4.22 39.60
N SER B 437 20.05 4.57 40.56
CA SER B 437 20.79 5.82 40.46
C SER B 437 21.75 5.80 39.27
N TYR B 438 22.57 4.75 39.16
CA TYR B 438 23.49 4.67 38.04
C TYR B 438 22.79 4.37 36.72
N ALA B 439 21.54 3.89 36.77
CA ALA B 439 20.76 3.79 35.55
C ALA B 439 20.35 5.17 35.05
N ILE B 440 19.87 6.02 35.97
CA ILE B 440 19.50 7.38 35.60
C ILE B 440 20.73 8.14 35.10
N LEU B 441 21.85 8.00 35.80
CA LEU B 441 23.07 8.70 35.40
C LEU B 441 23.53 8.28 34.02
N THR B 442 23.40 6.99 33.70
CA THR B 442 23.79 6.53 32.38
C THR B 442 22.85 7.09 31.31
N MET B 443 21.57 7.22 31.63
CA MET B 443 20.62 7.82 30.70
C MET B 443 20.88 9.31 30.52
N MET B 444 21.22 10.00 31.61
CA MET B 444 21.58 11.41 31.52
C MET B 444 22.80 11.61 30.62
N LEU B 445 23.86 10.84 30.88
CA LEU B 445 25.05 10.92 30.04
C LEU B 445 24.73 10.55 28.59
N ALA B 446 23.77 9.66 28.38
CA ALA B 446 23.43 9.27 27.01
C ALA B 446 22.76 10.40 26.26
N GLN B 447 21.84 11.13 26.90
CA GLN B 447 21.14 12.21 26.20
C GLN B 447 22.08 13.38 25.93
N VAL B 448 22.93 13.73 26.88
CA VAL B 448 23.85 14.85 26.69
C VAL B 448 24.88 14.53 25.61
N CYS B 449 25.23 13.25 25.44
CA CYS B 449 26.21 12.84 24.44
C CYS B 449 25.58 12.34 23.15
N GLY B 450 24.26 12.29 23.07
CA GLY B 450 23.60 11.89 21.84
C GLY B 450 23.54 10.40 21.60
N TYR B 451 23.43 9.61 22.66
CA TYR B 451 23.33 8.15 22.55
C TYR B 451 22.03 7.68 23.17
N GLU B 452 21.80 6.37 23.11
CA GLU B 452 20.69 5.69 23.75
C GLU B 452 21.20 4.89 24.94
N PRO B 453 20.37 4.65 25.94
CA PRO B 453 20.81 3.84 27.08
C PRO B 453 21.13 2.42 26.67
N GLY B 454 22.18 1.86 27.28
CA GLY B 454 22.62 0.52 26.96
C GLY B 454 22.35 -0.47 28.07
N GLU B 455 23.40 -1.01 28.68
CA GLU B 455 23.26 -1.99 29.77
C GLU B 455 23.92 -1.45 31.03
N LEU B 456 23.54 -2.02 32.17
CA LEU B 456 24.09 -1.67 33.47
C LEU B 456 24.56 -2.93 34.18
N ALA B 457 25.85 -2.98 34.51
CA ALA B 457 26.43 -4.08 35.26
C ALA B 457 27.04 -3.53 36.55
N ILE B 458 26.78 -4.20 37.67
CA ILE B 458 27.26 -3.79 38.98
C ILE B 458 28.06 -4.94 39.57
N PHE B 459 29.35 -4.71 39.79
CA PHE B 459 30.24 -5.69 40.40
C PHE B 459 30.45 -5.33 41.86
N ILE B 460 30.14 -6.28 42.75
CA ILE B 460 30.01 -6.02 44.18
C ILE B 460 31.10 -6.75 44.94
N GLY B 461 31.76 -6.03 45.84
CA GLY B 461 32.69 -6.65 46.78
C GLY B 461 31.96 -7.30 47.95
N ASP B 462 31.72 -6.54 49.02
CA ASP B 462 31.06 -7.05 50.21
C ASP B 462 29.55 -6.89 50.06
N ALA B 463 28.91 -7.92 49.52
CA ALA B 463 27.45 -7.98 49.45
C ALA B 463 26.93 -8.58 50.75
N HIS B 464 26.04 -7.85 51.44
CA HIS B 464 25.65 -8.26 52.78
C HIS B 464 24.20 -7.86 53.04
N ILE B 465 23.65 -8.46 54.11
CA ILE B 465 22.29 -8.19 54.57
C ILE B 465 22.36 -7.93 56.06
N TYR B 466 21.90 -6.76 56.49
CA TYR B 466 21.86 -6.46 57.91
C TYR B 466 20.81 -7.32 58.60
N GLU B 467 21.13 -7.75 59.83
CA GLU B 467 20.31 -8.76 60.50
C GLU B 467 18.93 -8.24 60.86
N ASN B 468 18.75 -6.92 60.96
CA ASN B 468 17.42 -6.36 61.20
C ASN B 468 16.59 -6.25 59.93
N HIS B 469 17.14 -6.63 58.78
CA HIS B 469 16.42 -6.64 57.50
C HIS B 469 15.97 -8.04 57.09
N LEU B 470 16.18 -9.04 57.95
CA LEU B 470 15.92 -10.42 57.55
C LEU B 470 14.45 -10.67 57.30
N THR B 471 13.59 -10.25 58.23
CA THR B 471 12.15 -10.44 58.05
C THR B 471 11.64 -9.69 56.83
N GLN B 472 12.14 -8.48 56.61
CA GLN B 472 11.67 -7.66 55.50
C GLN B 472 12.10 -8.26 54.16
N LEU B 473 13.38 -8.64 54.05
CA LEU B 473 13.87 -9.16 52.78
C LEU B 473 13.26 -10.51 52.45
N LYS B 474 12.96 -11.32 53.46
CA LYS B 474 12.25 -12.57 53.21
C LYS B 474 10.82 -12.29 52.76
N GLU B 475 10.20 -11.24 53.29
CA GLU B 475 8.89 -10.82 52.80
C GLU B 475 8.98 -10.39 51.34
N GLN B 476 10.02 -9.64 50.98
CA GLN B 476 10.17 -9.22 49.59
C GLN B 476 10.41 -10.41 48.68
N LEU B 477 11.07 -11.45 49.17
CA LEU B 477 11.34 -12.64 48.37
C LEU B 477 10.08 -13.45 48.09
N SER B 478 8.99 -13.21 48.80
CA SER B 478 7.74 -13.92 48.58
C SER B 478 6.90 -13.31 47.46
N ARG B 479 7.35 -12.22 46.85
CA ARG B 479 6.58 -11.50 45.85
C ARG B 479 7.15 -11.79 44.47
N THR B 480 6.32 -12.32 43.59
CA THR B 480 6.75 -12.59 42.22
C THR B 480 6.95 -11.27 41.49
N PRO B 481 8.07 -11.07 40.80
CA PRO B 481 8.32 -9.76 40.16
C PRO B 481 7.32 -9.45 39.07
N ARG B 482 7.18 -8.16 38.81
CA ARG B 482 6.35 -7.59 37.76
C ARG B 482 7.26 -6.87 36.76
N PRO B 483 6.79 -6.61 35.54
CA PRO B 483 7.67 -6.01 34.53
C PRO B 483 8.21 -4.66 34.99
N PHE B 484 9.45 -4.39 34.59
CA PHE B 484 10.09 -3.12 34.92
C PHE B 484 9.32 -1.96 34.29
N PRO B 485 9.33 -0.79 34.92
CA PRO B 485 8.66 0.37 34.32
C PRO B 485 9.49 0.99 33.22
N GLN B 486 9.06 2.16 32.74
CA GLN B 486 9.83 2.97 31.81
C GLN B 486 10.15 4.30 32.47
N LEU B 487 11.27 4.89 32.06
CA LEU B 487 11.66 6.22 32.53
C LEU B 487 12.09 7.02 31.31
N LYS B 488 11.39 8.12 31.06
CA LYS B 488 11.67 8.98 29.92
C LYS B 488 11.86 10.41 30.40
N PHE B 489 12.71 11.16 29.69
CA PHE B 489 12.92 12.56 29.96
C PHE B 489 11.94 13.39 29.13
N LYS B 490 11.41 14.45 29.73
CA LYS B 490 10.41 15.26 29.04
C LYS B 490 11.03 16.25 28.07
N ARG B 491 12.28 16.66 28.30
CA ARG B 491 12.93 17.64 27.44
C ARG B 491 14.42 17.28 27.32
N LYS B 492 15.05 17.83 26.29
CA LYS B 492 16.48 17.65 26.06
C LYS B 492 17.21 18.84 26.67
N VAL B 493 17.99 18.59 27.71
CA VAL B 493 18.74 19.64 28.38
C VAL B 493 20.02 19.93 27.61
N GLU B 494 20.61 21.10 27.89
CA GLU B 494 21.89 21.44 27.28
C GLU B 494 23.07 21.04 28.14
N ASN B 495 22.96 21.20 29.45
CA ASN B 495 23.98 20.74 30.38
C ASN B 495 23.37 19.73 31.33
N ILE B 496 24.19 18.75 31.73
CA ILE B 496 23.70 17.65 32.58
C ILE B 496 23.23 18.17 33.94
N GLU B 497 23.72 19.33 34.37
CA GLU B 497 23.32 19.87 35.67
C GLU B 497 21.91 20.45 35.66
N ASP B 498 21.29 20.62 34.49
CA ASP B 498 20.01 21.29 34.38
C ASP B 498 18.81 20.37 34.57
N PHE B 499 19.03 19.08 34.87
CA PHE B 499 17.93 18.16 35.05
C PHE B 499 17.15 18.48 36.32
N LYS B 500 15.82 18.42 36.22
CA LYS B 500 14.94 18.65 37.36
C LYS B 500 14.02 17.44 37.51
N TRP B 501 13.46 17.30 38.71
CA TRP B 501 12.57 16.16 38.97
C TRP B 501 11.35 16.19 38.08
N GLU B 502 10.91 17.38 37.66
CA GLU B 502 9.77 17.50 36.77
C GLU B 502 10.08 17.00 35.36
N ASP B 503 11.37 16.91 35.00
CA ASP B 503 11.77 16.47 33.68
C ASP B 503 11.68 14.97 33.50
N ILE B 504 11.45 14.21 34.57
CA ILE B 504 11.46 12.76 34.53
C ILE B 504 10.04 12.24 34.56
N GLU B 505 9.71 11.32 33.65
CA GLU B 505 8.40 10.71 33.59
C GLU B 505 8.56 9.21 33.83
N LEU B 506 7.94 8.72 34.91
CA LEU B 506 7.99 7.31 35.26
C LEU B 506 6.70 6.65 34.79
N ILE B 507 6.78 5.87 33.72
CA ILE B 507 5.63 5.34 33.02
C ILE B 507 5.45 3.87 33.39
N GLY B 508 4.28 3.51 33.91
CA GLY B 508 3.93 2.13 34.14
C GLY B 508 4.71 1.44 35.24
N TYR B 509 4.68 2.01 36.44
CA TYR B 509 5.35 1.45 37.61
C TYR B 509 4.27 1.01 38.59
N TYR B 510 4.11 -0.31 38.73
CA TYR B 510 3.09 -0.90 39.60
C TYR B 510 3.79 -1.84 40.58
N PRO B 511 4.43 -1.31 41.61
CA PRO B 511 5.20 -2.14 42.53
C PRO B 511 4.34 -2.73 43.66
N TYR B 512 4.91 -3.71 44.33
CA TYR B 512 4.35 -4.20 45.58
C TYR B 512 4.53 -3.15 46.66
N PRO B 513 3.75 -3.22 47.73
CA PRO B 513 3.81 -2.18 48.76
C PRO B 513 5.22 -2.00 49.31
N THR B 514 5.51 -0.79 49.77
CA THR B 514 6.82 -0.47 50.27
C THR B 514 7.11 -1.26 51.54
N ILE B 515 8.40 -1.52 51.79
CA ILE B 515 8.85 -2.29 52.95
C ILE B 515 9.84 -1.42 53.72
N LYS B 516 9.53 -1.19 55.00
CA LYS B 516 10.35 -0.31 55.84
C LYS B 516 11.56 -1.05 56.38
N MET B 517 12.74 -0.44 56.23
CA MET B 517 13.99 -1.00 56.73
C MET B 517 14.86 0.13 57.27
N ASP B 518 15.33 -0.03 58.51
CA ASP B 518 16.10 1.02 59.18
C ASP B 518 17.57 0.96 58.77
N MET B 519 18.16 2.14 58.56
CA MET B 519 19.56 2.23 58.18
C MET B 519 20.48 2.12 59.39
N ALA B 520 21.59 1.41 59.21
CA ALA B 520 22.60 1.29 60.25
C ALA B 520 23.57 2.46 60.17
N VAL B 521 23.74 3.17 61.28
CA VAL B 521 24.59 4.34 61.33
C VAL B 521 26.02 3.96 61.69
N GLU C 3 25.82 -15.26 -17.39
CA GLU C 3 25.22 -13.93 -17.54
C GLU C 3 23.95 -13.82 -16.72
N LYS C 4 24.09 -13.36 -15.47
CA LYS C 4 22.99 -13.17 -14.56
C LYS C 4 22.84 -11.68 -14.22
N ASN C 5 21.97 -11.39 -13.26
CA ASN C 5 21.60 -10.01 -12.96
C ASN C 5 22.52 -9.41 -11.90
N VAL C 6 22.80 -8.12 -12.04
CA VAL C 6 23.64 -7.37 -11.11
C VAL C 6 22.88 -6.11 -10.71
N SER C 7 22.58 -5.99 -9.41
CA SER C 7 21.77 -4.90 -8.88
C SER C 7 22.53 -4.17 -7.78
N ILE C 8 22.38 -2.85 -7.74
CA ILE C 8 22.92 -2.05 -6.66
C ILE C 8 21.84 -1.87 -5.59
N VAL C 9 22.21 -2.07 -4.33
CA VAL C 9 21.37 -1.74 -3.19
C VAL C 9 22.05 -0.64 -2.41
N VAL C 10 21.34 0.45 -2.15
CA VAL C 10 21.93 1.63 -1.53
C VAL C 10 20.85 2.43 -0.82
N ALA C 11 21.22 3.04 0.30
CA ALA C 11 20.37 3.99 1.01
C ALA C 11 21.10 5.32 1.06
N ALA C 12 20.57 6.32 0.36
CA ALA C 12 21.21 7.62 0.23
C ALA C 12 20.23 8.73 0.56
N SER C 13 20.78 9.86 1.01
CA SER C 13 19.95 11.01 1.35
C SER C 13 19.28 11.57 0.10
N VAL C 14 18.22 12.35 0.33
CA VAL C 14 17.32 12.72 -0.76
C VAL C 14 17.99 13.70 -1.73
N LEU C 15 18.77 14.65 -1.21
CA LEU C 15 19.35 15.71 -2.03
C LEU C 15 20.80 15.44 -2.39
N SER C 16 21.70 15.40 -1.39
CA SER C 16 23.12 15.28 -1.63
C SER C 16 23.58 13.83 -1.80
N SER C 17 22.70 12.86 -1.55
CA SER C 17 23.01 11.43 -1.74
C SER C 17 24.12 10.95 -0.81
N GLY C 18 24.08 11.41 0.44
CA GLY C 18 25.04 10.93 1.44
C GLY C 18 24.61 9.58 1.99
N ILE C 19 25.60 8.70 2.20
CA ILE C 19 25.30 7.33 2.60
C ILE C 19 26.06 6.93 3.87
N GLY C 20 27.03 7.74 4.28
CA GLY C 20 27.86 7.36 5.41
C GLY C 20 28.54 8.53 6.07
N ILE C 21 28.97 8.30 7.31
CA ILE C 21 29.71 9.28 8.09
C ILE C 21 30.52 8.56 9.17
N ASN C 22 31.84 8.77 9.17
CA ASN C 22 32.73 8.20 10.18
C ASN C 22 32.59 6.69 10.29
N GLY C 23 32.50 6.01 9.16
CA GLY C 23 32.44 4.57 9.14
C GLY C 23 31.13 3.97 9.62
N GLN C 24 30.05 4.75 9.62
CA GLN C 24 28.74 4.25 10.00
C GLN C 24 27.67 5.02 9.23
N LEU C 25 26.44 4.55 9.36
CA LEU C 25 25.32 5.19 8.67
C LEU C 25 24.89 6.45 9.40
N PRO C 26 24.49 7.49 8.67
CA PRO C 26 24.00 8.73 9.32
C PRO C 26 22.58 8.63 9.85
N TRP C 27 22.00 7.44 9.89
CA TRP C 27 20.64 7.25 10.39
C TRP C 27 20.53 5.82 10.92
N SER C 28 19.38 5.54 11.55
CA SER C 28 19.10 4.20 12.09
C SER C 28 17.65 3.86 11.76
N ILE C 29 17.45 3.27 10.59
CA ILE C 29 16.13 2.89 10.11
C ILE C 29 16.06 1.37 10.07
N SER C 30 15.30 0.79 10.99
CA SER C 30 15.25 -0.67 11.11
C SER C 30 14.61 -1.29 9.87
N GLU C 31 13.54 -0.69 9.35
CA GLU C 31 12.85 -1.26 8.21
C GLU C 31 13.71 -1.25 6.95
N ASP C 32 14.67 -0.32 6.86
CA ASP C 32 15.55 -0.29 5.70
C ASP C 32 16.49 -1.49 5.69
N LEU C 33 16.99 -1.90 6.86
CA LEU C 33 17.83 -3.09 6.93
C LEU C 33 17.04 -4.33 6.56
N LYS C 34 15.78 -4.41 6.99
CA LYS C 34 14.94 -5.53 6.61
C LYS C 34 14.71 -5.57 5.11
N PHE C 35 14.61 -4.40 4.47
CA PHE C 35 14.52 -4.35 3.01
C PHE C 35 15.80 -4.88 2.37
N PHE C 36 16.95 -4.43 2.85
CA PHE C 36 18.22 -4.93 2.35
C PHE C 36 18.32 -6.44 2.48
N SER C 37 17.84 -6.99 3.61
CA SER C 37 17.93 -8.42 3.84
C SER C 37 17.03 -9.19 2.88
N LYS C 38 15.77 -8.76 2.74
CA LYS C 38 14.84 -9.52 1.91
C LYS C 38 15.15 -9.38 0.43
N ILE C 39 15.71 -8.24 0.03
CA ILE C 39 16.00 -8.04 -1.40
C ILE C 39 17.26 -8.79 -1.80
N THR C 40 18.20 -9.01 -0.87
CA THR C 40 19.41 -9.76 -1.16
C THR C 40 19.23 -11.26 -0.97
N ASN C 41 18.25 -11.69 -0.17
CA ASN C 41 17.92 -13.09 -0.03
C ASN C 41 16.94 -13.58 -1.08
N ASN C 42 16.36 -12.66 -1.87
CA ASN C 42 15.36 -13.04 -2.88
C ASN C 42 16.03 -13.87 -3.98
N LYS C 43 15.76 -15.16 -4.00
CA LYS C 43 16.35 -16.07 -4.97
C LYS C 43 15.28 -17.01 -5.50
N CYS C 44 15.58 -17.64 -6.62
CA CYS C 44 14.66 -18.58 -7.26
C CYS C 44 15.06 -20.03 -7.07
N ASP C 45 16.35 -20.31 -6.89
CA ASP C 45 16.87 -21.66 -6.76
C ASP C 45 17.29 -21.90 -5.31
N SER C 46 16.77 -22.98 -4.72
CA SER C 46 17.10 -23.29 -3.33
C SER C 46 18.53 -23.79 -3.17
N ASN C 47 19.14 -24.29 -4.23
CA ASN C 47 20.51 -24.77 -4.20
C ASN C 47 21.51 -23.71 -4.67
N LYS C 48 21.14 -22.44 -4.62
CA LYS C 48 22.02 -21.36 -5.04
C LYS C 48 21.95 -20.23 -4.01
N LYS C 49 23.01 -19.44 -3.95
CA LYS C 49 23.11 -18.29 -3.07
C LYS C 49 23.35 -17.03 -3.89
N ASN C 50 23.14 -15.89 -3.25
CA ASN C 50 23.41 -14.60 -3.87
C ASN C 50 24.70 -14.02 -3.33
N ALA C 51 25.44 -13.33 -4.18
CA ALA C 51 26.72 -12.73 -3.82
C ALA C 51 26.53 -11.24 -3.53
N LEU C 52 27.07 -10.79 -2.40
CA LEU C 52 26.98 -9.39 -1.98
C LEU C 52 28.39 -8.81 -2.03
N ILE C 53 28.66 -8.01 -3.05
CA ILE C 53 29.97 -7.39 -3.21
C ILE C 53 30.03 -6.11 -2.39
N MET C 54 31.12 -5.94 -1.64
CA MET C 54 31.30 -4.74 -0.82
C MET C 54 32.78 -4.47 -0.64
N GLY C 55 33.11 -3.21 -0.41
CA GLY C 55 34.47 -2.83 -0.11
C GLY C 55 34.89 -3.19 1.31
N ARG C 56 36.18 -3.00 1.58
CA ARG C 56 36.73 -3.40 2.87
C ARG C 56 36.15 -2.58 4.02
N LYS C 57 36.01 -1.26 3.82
CA LYS C 57 35.52 -0.42 4.91
C LYS C 57 34.06 -0.74 5.25
N THR C 58 33.27 -1.13 4.25
CA THR C 58 31.92 -1.60 4.54
C THR C 58 31.95 -2.95 5.26
N TRP C 59 32.90 -3.81 4.87
CA TRP C 59 33.09 -5.08 5.58
C TRP C 59 33.44 -4.87 7.04
N ASP C 60 34.17 -3.80 7.36
CA ASP C 60 34.42 -3.46 8.76
C ASP C 60 33.15 -2.97 9.45
N SER C 61 32.30 -2.25 8.70
CA SER C 61 31.09 -1.66 9.29
C SER C 61 30.12 -2.71 9.80
N ILE C 62 30.09 -3.88 9.16
CA ILE C 62 29.15 -4.92 9.55
C ILE C 62 29.85 -5.88 10.50
N GLY C 63 30.96 -5.45 11.09
CA GLY C 63 31.65 -6.25 12.08
C GLY C 63 32.42 -7.43 11.54
N ARG C 64 32.66 -7.49 10.23
CA ARG C 64 33.40 -8.58 9.60
C ARG C 64 32.80 -9.93 9.93
N ARG C 65 31.46 -10.01 9.92
CA ARG C 65 30.77 -11.26 10.18
C ARG C 65 29.86 -11.61 9.01
N PRO C 66 29.73 -12.90 8.68
CA PRO C 66 28.98 -13.29 7.49
C PRO C 66 27.49 -13.03 7.63
N LEU C 67 26.84 -12.84 6.48
CA LEU C 67 25.39 -12.67 6.42
C LEU C 67 24.75 -14.00 6.07
N LYS C 68 23.71 -14.36 6.82
CA LYS C 68 23.09 -15.68 6.71
C LYS C 68 22.59 -15.93 5.29
N ASN C 69 22.83 -17.15 4.79
CA ASN C 69 22.35 -17.65 3.51
C ASN C 69 22.90 -16.88 2.32
N ARG C 70 23.98 -16.12 2.50
CA ARG C 70 24.56 -15.33 1.42
C ARG C 70 26.07 -15.42 1.47
N ILE C 71 26.69 -15.17 0.31
CA ILE C 71 28.15 -15.17 0.16
C ILE C 71 28.59 -13.72 0.04
N ILE C 72 29.44 -13.29 0.97
CA ILE C 72 29.95 -11.92 0.98
C ILE C 72 31.25 -11.88 0.19
N VAL C 73 31.36 -10.90 -0.71
CA VAL C 73 32.55 -10.70 -1.53
C VAL C 73 33.17 -9.37 -1.12
N VAL C 74 34.36 -9.44 -0.55
CA VAL C 74 35.05 -8.26 -0.05
C VAL C 74 36.09 -7.83 -1.08
N ILE C 75 36.02 -6.58 -1.51
CA ILE C 75 37.02 -5.99 -2.40
C ILE C 75 38.07 -5.30 -1.53
N SER C 76 39.30 -5.79 -1.60
CA SER C 76 40.38 -5.23 -0.80
C SER C 76 41.71 -5.63 -1.42
N SER C 77 42.68 -4.72 -1.31
CA SER C 77 44.04 -4.98 -1.79
C SER C 77 44.95 -5.55 -0.72
N SER C 78 44.56 -5.46 0.56
CA SER C 78 45.42 -5.88 1.67
C SER C 78 44.90 -7.09 2.43
N LEU C 79 43.59 -7.32 2.44
CA LEU C 79 43.03 -8.43 3.21
C LEU C 79 43.56 -9.77 2.68
N PRO C 80 43.90 -10.71 3.56
CA PRO C 80 44.37 -12.02 3.09
C PRO C 80 43.22 -12.79 2.45
N GLN C 81 43.48 -13.34 1.26
CA GLN C 81 42.49 -14.15 0.57
C GLN C 81 42.22 -15.43 1.35
N ASP C 82 41.49 -15.31 2.44
CA ASP C 82 41.23 -16.43 3.33
C ASP C 82 40.25 -17.42 2.68
N GLU C 83 40.46 -18.70 2.97
CA GLU C 83 39.57 -19.76 2.52
C GLU C 83 38.93 -20.51 3.67
N ALA C 84 39.20 -20.11 4.91
CA ALA C 84 38.60 -20.78 6.06
C ALA C 84 37.09 -20.55 6.10
N ASP C 85 36.66 -19.30 5.91
CA ASP C 85 35.23 -19.00 5.88
C ASP C 85 34.70 -19.18 4.47
N PRO C 86 33.79 -20.13 4.23
CA PRO C 86 33.27 -20.33 2.86
C PRO C 86 32.23 -19.29 2.45
N ASN C 87 31.72 -18.48 3.38
CA ASN C 87 30.76 -17.45 3.08
C ASN C 87 31.38 -16.08 2.88
N VAL C 88 32.71 -15.98 3.01
CA VAL C 88 33.43 -14.73 2.80
C VAL C 88 34.61 -15.03 1.89
N VAL C 89 34.72 -14.29 0.79
CA VAL C 89 35.80 -14.44 -0.17
C VAL C 89 36.31 -13.05 -0.52
N VAL C 90 37.61 -12.96 -0.78
CA VAL C 90 38.29 -11.69 -1.02
C VAL C 90 38.82 -11.66 -2.44
N PHE C 91 38.58 -10.55 -3.14
CA PHE C 91 39.14 -10.31 -4.47
C PHE C 91 39.94 -9.02 -4.45
N ARG C 92 40.94 -8.94 -5.34
CA ARG C 92 41.86 -7.80 -5.34
C ARG C 92 41.30 -6.58 -6.05
N ASN C 93 40.29 -6.74 -6.89
CA ASN C 93 39.67 -5.60 -7.56
C ASN C 93 38.25 -5.99 -7.96
N LEU C 94 37.44 -4.98 -8.26
CA LEU C 94 36.04 -5.23 -8.57
C LEU C 94 35.88 -6.00 -9.89
N GLU C 95 36.74 -5.73 -10.87
CA GLU C 95 36.60 -6.37 -12.17
C GLU C 95 36.80 -7.87 -12.07
N ASP C 96 37.84 -8.30 -11.36
CA ASP C 96 38.08 -9.73 -11.19
C ASP C 96 36.96 -10.41 -10.43
N SER C 97 36.30 -9.69 -9.53
CA SER C 97 35.25 -10.28 -8.70
C SER C 97 33.99 -10.60 -9.49
N ILE C 98 33.84 -10.05 -10.69
CA ILE C 98 32.68 -10.34 -11.53
C ILE C 98 32.84 -11.70 -12.21
N GLU C 99 33.89 -12.44 -11.82
CA GLU C 99 34.04 -13.83 -12.28
C GLU C 99 32.83 -14.69 -11.98
N ASN C 100 31.99 -14.28 -11.01
CA ASN C 100 30.74 -14.99 -10.75
C ASN C 100 29.85 -15.08 -11.98
N LEU C 101 30.04 -14.18 -12.96
CA LEU C 101 29.32 -14.31 -14.23
C LEU C 101 29.90 -15.43 -15.08
N MET C 102 31.24 -15.48 -15.19
CA MET C 102 31.88 -16.41 -16.11
C MET C 102 31.61 -17.86 -15.71
N ASN C 103 31.69 -18.16 -14.42
CA ASN C 103 31.39 -19.50 -13.94
C ASN C 103 30.61 -19.41 -12.63
N ASP C 104 30.88 -20.33 -11.71
CA ASP C 104 30.20 -20.41 -10.41
C ASP C 104 28.68 -20.34 -10.59
N ASP C 105 28.16 -21.42 -11.17
CA ASP C 105 26.72 -21.54 -11.40
C ASP C 105 25.92 -21.69 -10.12
N SER C 106 26.57 -21.78 -8.96
CA SER C 106 25.88 -21.80 -7.69
C SER C 106 25.50 -20.41 -7.20
N ILE C 107 25.90 -19.37 -7.91
CA ILE C 107 25.52 -17.99 -7.59
C ILE C 107 24.46 -17.55 -8.60
N GLU C 108 23.30 -17.16 -8.10
CA GLU C 108 22.18 -16.79 -8.96
C GLU C 108 22.18 -15.29 -9.28
N ASN C 109 22.21 -14.44 -8.26
CA ASN C 109 22.16 -13.00 -8.44
C ASN C 109 23.36 -12.36 -7.74
N ILE C 110 23.71 -11.16 -8.20
CA ILE C 110 24.85 -10.41 -7.68
C ILE C 110 24.34 -9.04 -7.23
N PHE C 111 24.74 -8.63 -6.03
CA PHE C 111 24.35 -7.35 -5.46
C PHE C 111 25.57 -6.54 -5.09
N VAL C 112 25.60 -5.28 -5.52
CA VAL C 112 26.68 -4.36 -5.20
C VAL C 112 26.23 -3.54 -3.99
N CYS C 113 26.84 -3.81 -2.84
CA CYS C 113 26.42 -3.20 -1.57
C CYS C 113 27.44 -2.25 -0.99
N GLY C 114 28.57 -2.05 -1.68
CA GLY C 114 29.73 -1.39 -1.08
C GLY C 114 29.59 0.09 -0.84
N GLY C 115 30.72 0.78 -0.70
CA GLY C 115 30.75 2.20 -0.44
C GLY C 115 30.86 3.03 -1.70
N GLU C 116 31.19 4.31 -1.49
CA GLU C 116 31.33 5.25 -2.61
C GLU C 116 32.35 4.76 -3.63
N SER C 117 33.49 4.23 -3.16
CA SER C 117 34.52 3.76 -4.07
C SER C 117 34.02 2.61 -4.92
N ILE C 118 33.29 1.68 -4.31
CA ILE C 118 32.80 0.51 -5.06
C ILE C 118 31.63 0.92 -5.96
N TYR C 119 30.77 1.82 -5.49
CA TYR C 119 29.66 2.29 -6.32
C TYR C 119 30.16 3.03 -7.55
N ARG C 120 31.21 3.84 -7.39
CA ARG C 120 31.62 4.75 -8.45
C ARG C 120 32.11 3.99 -9.68
N ASP C 121 32.95 2.98 -9.47
CA ASP C 121 33.49 2.21 -10.58
C ASP C 121 32.71 0.92 -10.83
N ALA C 122 31.59 0.71 -10.14
CA ALA C 122 30.65 -0.32 -10.59
C ALA C 122 29.75 0.21 -11.69
N LEU C 123 29.42 1.50 -11.65
CA LEU C 123 28.68 2.13 -12.73
C LEU C 123 29.61 2.56 -13.87
N LYS C 124 30.81 3.02 -13.53
CA LYS C 124 31.78 3.40 -14.56
C LYS C 124 32.16 2.20 -15.42
N ASP C 125 32.31 1.03 -14.79
CA ASP C 125 32.60 -0.19 -15.54
C ASP C 125 31.37 -0.77 -16.22
N ASN C 126 30.19 -0.19 -15.96
CA ASN C 126 28.95 -0.57 -16.65
C ASN C 126 28.59 -2.02 -16.38
N PHE C 127 28.60 -2.40 -15.11
CA PHE C 127 28.23 -3.74 -14.69
C PHE C 127 26.82 -3.83 -14.13
N VAL C 128 26.19 -2.71 -13.84
CA VAL C 128 24.96 -2.65 -13.05
C VAL C 128 23.77 -2.64 -13.99
N ASP C 129 22.81 -3.54 -13.75
CA ASP C 129 21.56 -3.61 -14.48
C ASP C 129 20.41 -2.91 -13.76
N ARG C 130 20.38 -2.96 -12.44
CA ARG C 130 19.26 -2.44 -11.66
C ARG C 130 19.80 -1.70 -10.45
N ILE C 131 19.02 -0.74 -9.95
CA ILE C 131 19.37 0.03 -8.77
C ILE C 131 18.19 0.05 -7.81
N TYR C 132 18.40 -0.41 -6.58
CA TYR C 132 17.41 -0.32 -5.51
C TYR C 132 17.85 0.81 -4.59
N LEU C 133 17.21 1.97 -4.72
CA LEU C 133 17.57 3.18 -3.98
C LEU C 133 16.58 3.43 -2.87
N THR C 134 17.08 3.68 -1.66
CA THR C 134 16.28 4.08 -0.50
C THR C 134 16.62 5.53 -0.20
N ARG C 135 15.72 6.43 -0.61
CA ARG C 135 15.92 7.86 -0.40
C ARG C 135 15.50 8.24 1.01
N VAL C 136 16.43 8.82 1.78
CA VAL C 136 16.18 9.21 3.16
C VAL C 136 16.10 10.73 3.24
N ALA C 137 15.10 11.24 3.96
CA ALA C 137 14.85 12.67 4.03
C ALA C 137 15.60 13.30 5.22
N LEU C 138 16.93 13.25 5.12
CA LEU C 138 17.81 13.88 6.09
C LEU C 138 18.93 14.59 5.34
N GLU C 139 19.04 15.90 5.53
CA GLU C 139 20.00 16.66 4.73
C GLU C 139 20.84 17.63 5.53
N ASP C 140 20.31 18.13 6.65
CA ASP C 140 21.06 19.09 7.46
C ASP C 140 21.99 18.43 8.46
N ILE C 141 22.63 17.33 8.04
CA ILE C 141 23.65 16.66 8.84
C ILE C 141 24.93 16.59 8.01
N GLU C 142 25.94 15.89 8.51
CA GLU C 142 27.25 15.82 7.88
C GLU C 142 27.47 14.44 7.27
N PHE C 143 27.96 14.43 6.02
CA PHE C 143 28.34 13.21 5.34
C PHE C 143 29.80 13.29 4.91
N ASP C 144 30.44 12.13 4.82
CA ASP C 144 31.77 12.02 4.22
C ASP C 144 31.84 10.97 3.13
N THR C 145 30.72 10.31 2.82
CA THR C 145 30.66 9.27 1.80
C THR C 145 29.33 9.41 1.07
N TYR C 146 29.39 9.49 -0.25
CA TYR C 146 28.20 9.79 -1.05
C TYR C 146 27.99 8.73 -2.12
N PHE C 147 26.73 8.55 -2.50
CA PHE C 147 26.38 7.71 -3.64
C PHE C 147 26.50 8.52 -4.92
N PRO C 148 27.22 8.03 -5.92
CA PRO C 148 27.45 8.83 -7.14
C PRO C 148 26.15 9.10 -7.88
N GLU C 149 26.18 10.13 -8.73
CA GLU C 149 25.02 10.48 -9.54
C GLU C 149 24.67 9.34 -10.48
N ILE C 150 23.38 9.04 -10.56
CA ILE C 150 22.91 7.95 -11.43
C ILE C 150 23.07 8.36 -12.89
N PRO C 151 23.76 7.55 -13.71
CA PRO C 151 23.96 7.92 -15.11
C PRO C 151 22.65 7.94 -15.88
N GLU C 152 22.64 8.74 -16.96
CA GLU C 152 21.43 8.91 -17.77
C GLU C 152 20.95 7.63 -18.42
N THR C 153 21.77 6.58 -18.44
CA THR C 153 21.35 5.30 -19.00
C THR C 153 20.34 4.57 -18.13
N PHE C 154 20.10 5.04 -16.90
CA PHE C 154 19.13 4.44 -16.00
C PHE C 154 17.85 5.27 -15.98
N LEU C 155 16.72 4.59 -15.83
CA LEU C 155 15.43 5.25 -15.72
C LEU C 155 14.63 4.67 -14.57
N PRO C 156 13.93 5.50 -13.81
CA PRO C 156 13.12 4.97 -12.70
C PRO C 156 11.90 4.24 -13.22
N VAL C 157 11.63 3.08 -12.63
CA VAL C 157 10.47 2.27 -12.99
C VAL C 157 9.53 2.03 -11.82
N TYR C 158 9.90 2.45 -10.61
CA TYR C 158 9.08 2.23 -9.43
C TYR C 158 9.43 3.27 -8.37
N MET C 159 8.41 3.76 -7.67
CA MET C 159 8.61 4.68 -6.55
C MET C 159 7.53 4.39 -5.53
N SER C 160 7.94 3.87 -4.37
CA SER C 160 6.98 3.44 -3.37
C SER C 160 6.36 4.65 -2.66
N GLN C 161 5.38 4.37 -1.80
CA GLN C 161 4.83 5.38 -0.92
C GLN C 161 5.87 5.81 0.11
N THR C 162 5.60 6.93 0.76
CA THR C 162 6.50 7.43 1.79
C THR C 162 6.21 6.74 3.12
N PHE C 163 7.25 6.18 3.72
CA PHE C 163 7.17 5.53 5.03
C PHE C 163 7.80 6.43 6.09
N CYS C 164 7.59 6.07 7.35
CA CYS C 164 8.08 6.85 8.48
C CYS C 164 8.68 5.95 9.53
N THR C 165 9.88 6.30 9.99
CA THR C 165 10.54 5.63 11.10
C THR C 165 11.23 6.67 11.95
N LYS C 166 10.81 6.79 13.22
CA LYS C 166 11.36 7.78 14.14
C LYS C 166 11.27 9.19 13.56
N ASN C 167 10.12 9.50 12.96
CA ASN C 167 9.85 10.81 12.34
C ASN C 167 10.79 11.09 11.17
N ILE C 168 11.25 10.04 10.49
CA ILE C 168 12.11 10.19 9.32
C ILE C 168 11.38 9.60 8.12
N SER C 169 11.22 10.42 7.07
CA SER C 169 10.56 9.96 5.85
C SER C 169 11.57 9.26 4.94
N TYR C 170 11.12 8.23 4.24
CA TYR C 170 11.99 7.57 3.27
C TYR C 170 11.15 6.87 2.21
N ASP C 171 11.76 6.71 1.03
CA ASP C 171 11.15 6.13 -0.15
C ASP C 171 11.88 4.85 -0.56
N PHE C 172 11.28 4.13 -1.51
CA PHE C 172 11.91 2.99 -2.16
C PHE C 172 11.73 3.13 -3.66
N MET C 173 12.83 3.21 -4.40
CA MET C 173 12.79 3.35 -5.84
C MET C 173 13.58 2.25 -6.52
N ILE C 174 13.20 1.95 -7.77
CA ILE C 174 13.91 0.99 -8.61
C ILE C 174 14.28 1.69 -9.90
N PHE C 175 15.56 1.62 -10.27
CA PHE C 175 16.05 2.15 -11.53
C PHE C 175 16.47 1.01 -12.45
N GLU C 176 16.14 1.13 -13.73
CA GLU C 176 16.48 0.12 -14.71
C GLU C 176 17.26 0.79 -15.84
N LYS C 177 18.26 0.07 -16.36
CA LYS C 177 19.06 0.61 -17.45
C LYS C 177 18.37 0.30 -18.77
N GLN C 178 18.12 1.33 -19.57
CA GLN C 178 17.42 1.19 -20.84
C GLN C 178 18.31 0.57 -21.92
N LEU C 193 -2.04 -7.92 -23.61
CA LEU C 193 -1.97 -8.54 -24.93
C LEU C 193 -2.29 -7.52 -26.02
N LYS C 194 -1.65 -7.69 -27.19
CA LYS C 194 -1.83 -6.73 -28.27
C LYS C 194 -3.22 -6.81 -28.90
N SER C 195 -3.85 -7.98 -28.86
CA SER C 195 -5.16 -8.12 -29.47
C SER C 195 -6.23 -7.26 -28.78
N ILE C 196 -6.06 -7.02 -27.48
CA ILE C 196 -7.01 -6.16 -26.78
C ILE C 196 -6.77 -4.69 -27.11
N ASP C 197 -5.50 -4.28 -27.13
CA ASP C 197 -5.18 -2.89 -27.43
C ASP C 197 -5.65 -2.49 -28.82
N ASP C 198 -5.54 -3.41 -29.79
CA ASP C 198 -5.97 -3.11 -31.15
C ASP C 198 -7.49 -3.01 -31.24
N THR C 199 -8.20 -3.94 -30.60
CA THR C 199 -9.67 -3.92 -30.66
C THR C 199 -10.23 -2.65 -30.04
N VAL C 200 -9.63 -2.18 -28.94
CA VAL C 200 -10.08 -0.93 -28.33
C VAL C 200 -9.76 0.24 -29.22
N ASP C 201 -8.59 0.22 -29.89
CA ASP C 201 -8.25 1.28 -30.82
C ASP C 201 -9.23 1.33 -31.99
N LEU C 202 -9.59 0.15 -32.53
CA LEU C 202 -10.50 0.11 -33.67
C LEU C 202 -11.89 0.58 -33.28
N LEU C 203 -12.38 0.17 -32.11
CA LEU C 203 -13.67 0.67 -31.64
C LEU C 203 -13.63 2.17 -31.40
N GLY C 204 -12.46 2.71 -31.03
CA GLY C 204 -12.30 4.14 -30.86
C GLY C 204 -12.25 4.89 -32.18
N GLU C 205 -11.96 4.20 -33.28
CA GLU C 205 -12.01 4.83 -34.59
C GLU C 205 -13.43 4.84 -35.14
N ILE C 206 -14.20 3.79 -34.87
CA ILE C 206 -15.59 3.69 -35.31
C ILE C 206 -16.41 4.73 -34.55
N PHE C 207 -16.58 4.53 -33.26
CA PHE C 207 -17.26 5.50 -32.42
C PHE C 207 -16.27 6.61 -32.05
N GLY C 208 -16.70 7.86 -32.20
CA GLY C 208 -15.83 8.97 -31.84
C GLY C 208 -15.82 9.18 -30.34
N ILE C 209 -16.41 10.31 -29.91
CA ILE C 209 -16.59 10.53 -28.47
C ILE C 209 -17.77 9.74 -27.92
N ARG C 210 -18.40 8.90 -28.74
CA ARG C 210 -19.45 8.03 -28.24
C ARG C 210 -18.89 6.94 -27.33
N LYS C 211 -17.66 6.50 -27.60
CA LYS C 211 -16.97 5.57 -26.71
C LYS C 211 -16.38 6.36 -25.54
N MET C 212 -16.83 6.04 -24.32
CA MET C 212 -16.47 6.86 -23.17
C MET C 212 -14.97 6.91 -22.95
N GLY C 213 -14.24 5.85 -23.33
CA GLY C 213 -12.81 5.86 -23.20
C GLY C 213 -12.14 6.99 -23.96
N ASN C 214 -12.73 7.43 -25.08
CA ASN C 214 -12.17 8.51 -25.86
C ASN C 214 -12.33 9.86 -25.17
N ARG C 215 -13.27 10.00 -24.23
CA ARG C 215 -13.39 11.20 -23.43
C ARG C 215 -12.48 11.17 -22.20
N HIS C 216 -11.87 10.02 -21.91
CA HIS C 216 -10.91 9.87 -20.82
C HIS C 216 -9.61 9.29 -21.39
N LYS C 217 -9.05 10.01 -22.36
CA LYS C 217 -7.84 9.55 -23.04
C LYS C 217 -6.65 9.58 -22.08
N PHE C 218 -5.79 8.57 -22.19
CA PHE C 218 -4.59 8.52 -21.37
C PHE C 218 -3.67 9.68 -21.73
N PRO C 219 -3.07 10.33 -20.74
CA PRO C 219 -2.23 11.51 -21.04
C PRO C 219 -1.02 11.15 -21.88
N LYS C 220 -0.69 12.04 -22.82
CA LYS C 220 0.49 11.85 -23.64
C LYS C 220 1.75 11.93 -22.79
N GLU C 221 2.82 11.29 -23.28
CA GLU C 221 4.07 11.20 -22.53
C GLU C 221 4.66 12.57 -22.21
N GLU C 222 4.49 13.54 -23.10
CA GLU C 222 5.10 14.85 -22.92
C GLU C 222 4.48 15.63 -21.74
N ILE C 223 3.35 15.18 -21.21
CA ILE C 223 2.71 15.83 -20.07
C ILE C 223 2.53 14.86 -18.90
N TYR C 224 3.26 13.74 -18.91
CA TYR C 224 3.17 12.73 -17.87
C TYR C 224 4.41 12.85 -16.99
N ASN C 225 4.20 13.08 -15.69
CA ASN C 225 5.32 13.28 -14.78
C ASN C 225 6.09 11.97 -14.60
N THR C 226 7.39 12.02 -14.85
CA THR C 226 8.29 10.87 -14.77
C THR C 226 7.70 9.71 -15.57
N PRO C 227 7.70 9.80 -16.91
CA PRO C 227 6.95 8.81 -17.71
C PRO C 227 7.49 7.40 -17.61
N SER C 228 8.77 7.23 -17.27
CA SER C 228 9.36 5.89 -17.23
C SER C 228 8.75 5.02 -16.14
N ILE C 229 8.16 5.62 -15.10
CA ILE C 229 7.48 4.86 -14.07
C ILE C 229 6.06 4.54 -14.55
N ARG C 230 5.88 3.36 -15.14
CA ARG C 230 4.61 2.97 -15.73
C ARG C 230 3.73 2.19 -14.77
N PHE C 231 4.25 1.12 -14.18
CA PHE C 231 3.47 0.25 -13.30
C PHE C 231 3.78 0.46 -11.83
N GLY C 232 4.59 1.44 -11.49
CA GLY C 232 4.98 1.65 -10.11
C GLY C 232 4.74 3.05 -9.59
N ARG C 233 3.57 3.61 -9.89
CA ARG C 233 3.23 4.96 -9.44
C ARG C 233 2.58 4.89 -8.05
N GLU C 234 3.35 4.37 -7.09
CA GLU C 234 2.83 4.17 -5.75
C GLU C 234 2.85 5.44 -4.92
N HIS C 235 3.85 6.30 -5.11
CA HIS C 235 3.92 7.55 -4.36
C HIS C 235 2.66 8.37 -4.60
N TYR C 236 1.98 8.73 -3.52
CA TYR C 236 0.65 9.31 -3.61
C TYR C 236 0.66 10.77 -4.03
N GLU C 237 1.84 11.37 -4.26
CA GLU C 237 1.85 12.67 -4.93
C GLU C 237 1.46 12.54 -6.40
N PHE C 238 1.63 11.35 -6.99
CA PHE C 238 1.17 11.12 -8.35
C PHE C 238 -0.34 11.22 -8.46
N GLN C 239 -1.08 11.01 -7.37
CA GLN C 239 -2.52 11.19 -7.39
C GLN C 239 -2.88 12.63 -7.77
N TYR C 240 -2.01 13.58 -7.44
CA TYR C 240 -2.19 14.97 -7.83
C TYR C 240 -1.54 15.27 -9.18
N LEU C 241 -0.34 14.74 -9.42
CA LEU C 241 0.36 15.04 -10.67
C LEU C 241 -0.32 14.40 -11.87
N ASP C 242 -0.87 13.19 -11.70
CA ASP C 242 -1.55 12.55 -12.81
C ASP C 242 -2.90 13.21 -13.10
N LEU C 243 -3.51 13.83 -12.09
CA LEU C 243 -4.73 14.59 -12.33
C LEU C 243 -4.43 15.83 -13.18
N LEU C 244 -3.29 16.48 -12.93
CA LEU C 244 -2.84 17.56 -13.81
C LEU C 244 -2.69 17.07 -15.25
N SER C 245 -2.09 15.89 -15.43
CA SER C 245 -1.90 15.35 -16.76
C SER C 245 -3.23 15.05 -17.44
N ARG C 246 -4.18 14.50 -16.70
CA ARG C 246 -5.49 14.18 -17.27
C ARG C 246 -6.24 15.44 -17.70
N VAL C 247 -6.06 16.54 -16.98
CA VAL C 247 -6.71 17.79 -17.37
C VAL C 247 -6.06 18.36 -18.63
N LEU C 248 -4.73 18.33 -18.69
CA LEU C 248 -4.04 18.81 -19.89
C LEU C 248 -4.40 17.96 -21.11
N GLU C 249 -4.76 16.70 -20.91
CA GLU C 249 -5.08 15.78 -21.99
C GLU C 249 -6.53 15.89 -22.44
N ASN C 250 -7.47 15.94 -21.50
CA ASN C 250 -8.89 15.90 -21.82
C ASN C 250 -9.65 17.18 -21.45
N GLY C 251 -8.95 18.21 -20.99
CA GLY C 251 -9.64 19.40 -20.52
C GLY C 251 -10.27 20.18 -21.66
N ALA C 252 -11.56 20.48 -21.51
CA ALA C 252 -12.28 21.31 -22.47
C ALA C 252 -12.06 22.77 -22.14
N TYR C 253 -11.74 23.58 -23.16
CA TYR C 253 -11.56 25.01 -22.97
C TYR C 253 -12.91 25.65 -22.68
N ARG C 254 -13.05 26.23 -21.48
CA ARG C 254 -14.33 26.75 -21.02
C ARG C 254 -14.14 28.10 -20.34
N GLU C 255 -15.14 28.97 -20.50
CA GLU C 255 -15.15 30.28 -19.86
C GLU C 255 -15.89 30.20 -18.54
N ASN C 256 -15.51 31.07 -17.61
CA ASN C 256 -16.10 31.10 -16.28
C ASN C 256 -16.36 32.56 -15.89
N ARG C 257 -16.75 32.76 -14.62
CA ARG C 257 -17.10 34.10 -14.17
C ARG C 257 -15.92 35.07 -14.19
N THR C 258 -14.69 34.57 -14.25
CA THR C 258 -13.52 35.41 -14.36
C THR C 258 -13.11 35.55 -15.83
N GLY C 259 -12.26 36.53 -16.10
CA GLY C 259 -11.75 36.72 -17.44
C GLY C 259 -10.78 35.65 -17.91
N ILE C 260 -10.31 34.80 -16.99
CA ILE C 260 -9.33 33.76 -17.31
C ILE C 260 -10.08 32.45 -17.52
N SER C 261 -10.03 31.93 -18.74
CA SER C 261 -10.67 30.67 -19.05
C SER C 261 -9.84 29.50 -18.54
N THR C 262 -10.48 28.34 -18.43
CA THR C 262 -9.85 27.14 -17.90
C THR C 262 -10.01 25.97 -18.86
N TYR C 263 -9.22 24.93 -18.62
CA TYR C 263 -9.41 23.62 -19.22
C TYR C 263 -9.99 22.71 -18.14
N SER C 264 -11.15 22.14 -18.40
CA SER C 264 -11.95 21.52 -17.34
C SER C 264 -12.34 20.08 -17.69
N ILE C 265 -12.37 19.24 -16.67
CA ILE C 265 -12.97 17.91 -16.73
C ILE C 265 -13.82 17.75 -15.47
N PHE C 266 -14.72 16.76 -15.50
CA PHE C 266 -15.71 16.57 -14.46
C PHE C 266 -15.59 15.17 -13.87
N GLY C 267 -15.53 15.09 -12.54
CA GLY C 267 -15.51 13.81 -11.85
C GLY C 267 -14.14 13.16 -11.71
N GLN C 268 -13.39 13.55 -10.69
CA GLN C 268 -12.06 13.00 -10.45
C GLN C 268 -11.89 12.74 -8.96
N MET C 269 -10.82 12.03 -8.61
CA MET C 269 -10.55 11.71 -7.21
C MET C 269 -9.05 11.54 -6.99
N MET C 270 -8.65 11.72 -5.73
CA MET C 270 -7.27 11.56 -5.29
C MET C 270 -7.27 10.88 -3.93
N ARG C 271 -6.34 9.95 -3.73
CA ARG C 271 -6.13 9.28 -2.45
C ARG C 271 -4.80 9.69 -1.86
N PHE C 272 -4.76 9.82 -0.54
CA PHE C 272 -3.53 10.16 0.17
C PHE C 272 -3.45 9.37 1.47
N ASP C 273 -2.27 8.84 1.75
CA ASP C 273 -2.01 8.23 3.04
C ASP C 273 -1.61 9.30 4.04
N MET C 274 -2.07 9.15 5.28
CA MET C 274 -1.67 10.03 6.37
C MET C 274 -1.09 9.28 7.55
N ARG C 275 -0.96 7.95 7.45
CA ARG C 275 -0.41 7.17 8.54
C ARG C 275 1.10 7.32 8.64
N GLU C 276 1.79 7.25 7.49
CA GLU C 276 3.25 7.24 7.46
C GLU C 276 3.83 8.49 6.83
N SER C 277 3.01 9.49 6.50
CA SER C 277 3.50 10.70 5.86
C SER C 277 2.39 11.75 5.89
N PHE C 278 2.76 12.96 5.45
CA PHE C 278 1.84 14.09 5.37
C PHE C 278 1.76 14.56 3.92
N PRO C 279 0.58 14.56 3.29
CA PRO C 279 0.50 14.86 1.86
C PRO C 279 0.72 16.33 1.53
N LEU C 280 1.93 16.82 1.73
CA LEU C 280 2.33 18.16 1.31
C LEU C 280 3.23 18.00 0.08
N LEU C 281 2.82 18.61 -1.04
CA LEU C 281 3.51 18.41 -2.30
C LEU C 281 4.98 18.80 -2.19
N THR C 282 5.84 18.01 -2.84
CA THR C 282 7.27 18.27 -2.86
C THR C 282 7.75 18.90 -4.17
N THR C 283 6.98 18.76 -5.25
CA THR C 283 7.36 19.35 -6.53
C THR C 283 7.21 20.86 -6.55
N LYS C 284 6.68 21.45 -5.47
CA LYS C 284 6.58 22.90 -5.33
C LYS C 284 6.54 23.21 -3.84
N LYS C 285 7.28 24.24 -3.43
CA LYS C 285 7.25 24.67 -2.04
C LYS C 285 5.89 25.28 -1.72
N VAL C 286 5.14 24.63 -0.83
CA VAL C 286 3.79 25.05 -0.49
C VAL C 286 3.83 25.85 0.80
N ALA C 287 3.12 26.98 0.82
CA ALA C 287 3.05 27.83 2.00
C ALA C 287 2.25 27.15 3.10
N ILE C 288 2.92 26.35 3.93
CA ILE C 288 2.22 25.56 4.94
C ILE C 288 1.62 26.45 6.03
N ARG C 289 2.27 27.58 6.35
CA ARG C 289 1.76 28.43 7.42
C ARG C 289 0.42 29.07 7.05
N SER C 290 0.29 29.54 5.80
CA SER C 290 -0.97 30.13 5.37
C SER C 290 -2.10 29.10 5.35
N ILE C 291 -1.77 27.84 5.05
CA ILE C 291 -2.78 26.78 5.06
C ILE C 291 -3.31 26.58 6.48
N PHE C 292 -2.41 26.51 7.46
CA PHE C 292 -2.83 26.32 8.84
C PHE C 292 -3.62 27.51 9.34
N GLU C 293 -3.13 28.73 9.06
CA GLU C 293 -3.78 29.93 9.58
C GLU C 293 -5.17 30.11 9.00
N GLU C 294 -5.41 29.58 7.80
CA GLU C 294 -6.76 29.56 7.23
C GLU C 294 -7.63 28.51 7.90
N LEU C 295 -7.04 27.35 8.23
CA LEU C 295 -7.83 26.27 8.81
C LEU C 295 -8.25 26.61 10.24
N ILE C 296 -7.33 27.13 11.06
CA ILE C 296 -7.70 27.56 12.40
C ILE C 296 -8.65 28.75 12.32
N TRP C 297 -8.57 29.53 11.25
CA TRP C 297 -9.54 30.59 11.02
C TRP C 297 -10.94 30.00 10.79
N PHE C 298 -11.01 28.88 10.07
CA PHE C 298 -12.29 28.18 9.91
C PHE C 298 -12.75 27.58 11.23
N ILE C 299 -11.84 26.90 11.94
CA ILE C 299 -12.22 26.18 13.15
C ILE C 299 -12.75 27.12 14.21
N LYS C 300 -12.13 28.29 14.36
CA LYS C 300 -12.58 29.27 15.33
C LYS C 300 -13.92 29.91 14.97
N GLY C 301 -14.44 29.63 13.79
CA GLY C 301 -15.71 30.20 13.39
C GLY C 301 -15.64 31.60 12.82
N ASP C 302 -14.45 32.05 12.41
CA ASP C 302 -14.25 33.44 12.04
C ASP C 302 -14.51 33.66 10.56
N THR C 303 -15.16 34.79 10.24
CA THR C 303 -15.35 35.24 8.87
C THR C 303 -14.74 36.62 8.64
N ASN C 304 -14.02 37.15 9.62
CA ASN C 304 -13.34 38.44 9.49
C ASN C 304 -12.09 38.27 8.66
N GLY C 305 -12.10 38.81 7.43
CA GLY C 305 -10.96 38.68 6.55
C GLY C 305 -9.74 39.45 7.00
N ASN C 306 -9.90 40.41 7.92
CA ASN C 306 -8.76 41.18 8.39
C ASN C 306 -7.85 40.37 9.29
N HIS C 307 -8.41 39.41 10.04
CA HIS C 307 -7.62 38.60 10.96
C HIS C 307 -6.59 37.76 10.21
N LEU C 308 -6.87 37.40 8.96
CA LEU C 308 -5.88 36.70 8.14
C LEU C 308 -4.82 37.67 7.61
N ILE C 309 -5.23 38.87 7.23
CA ILE C 309 -4.29 39.86 6.73
C ILE C 309 -3.36 40.34 7.85
N GLU C 310 -3.87 40.43 9.08
CA GLU C 310 -3.03 40.83 10.21
C GLU C 310 -1.93 39.81 10.47
N LYS C 311 -2.19 38.53 10.15
CA LYS C 311 -1.20 37.48 10.27
C LYS C 311 -0.44 37.25 8.96
N LYS C 312 -0.47 38.23 8.05
CA LYS C 312 0.26 38.18 6.79
C LYS C 312 -0.19 37.00 5.91
N VAL C 313 -1.49 36.78 5.86
CA VAL C 313 -2.10 35.76 5.00
C VAL C 313 -3.08 36.46 4.08
N TYR C 314 -2.75 36.54 2.79
CA TYR C 314 -3.49 37.34 1.82
C TYR C 314 -4.22 36.49 0.79
N ILE C 315 -4.63 35.27 1.16
CA ILE C 315 -5.29 34.42 0.19
C ILE C 315 -6.74 34.85 -0.03
N TRP C 316 -7.36 35.51 0.95
CA TRP C 316 -8.73 35.98 0.83
C TRP C 316 -8.81 37.48 0.55
N SER C 317 -7.72 38.08 0.10
CA SER C 317 -7.74 39.51 -0.22
C SER C 317 -8.49 39.78 -1.52
N GLY C 318 -8.34 38.89 -2.50
CA GLY C 318 -8.96 39.12 -3.79
C GLY C 318 -10.48 39.05 -3.72
N ASN C 319 -11.01 38.05 -3.02
CA ASN C 319 -12.46 37.90 -2.86
C ASN C 319 -13.02 38.72 -1.72
N GLY C 320 -12.20 39.59 -1.12
CA GLY C 320 -12.67 40.42 -0.03
C GLY C 320 -12.26 41.88 -0.13
N SER C 321 -12.33 42.44 -1.35
CA SER C 321 -12.02 43.83 -1.58
C SER C 321 -13.30 44.61 -1.82
N LYS C 322 -13.20 45.94 -1.68
CA LYS C 322 -14.37 46.79 -1.88
C LYS C 322 -14.85 46.73 -3.32
N GLU C 323 -13.93 46.64 -4.28
CA GLU C 323 -14.32 46.61 -5.68
C GLU C 323 -14.97 45.27 -6.05
N TYR C 324 -14.50 44.17 -5.46
CA TYR C 324 -15.08 42.87 -5.75
C TYR C 324 -16.45 42.71 -5.09
N LEU C 325 -16.60 43.18 -3.86
CA LEU C 325 -17.86 43.02 -3.15
C LEU C 325 -18.98 43.81 -3.80
N GLU C 326 -18.68 45.03 -4.25
CA GLU C 326 -19.70 45.84 -4.93
C GLU C 326 -20.09 45.23 -6.26
N ARG C 327 -19.16 44.53 -6.93
CA ARG C 327 -19.46 43.95 -8.24
C ARG C 327 -20.40 42.75 -8.11
N ILE C 328 -20.27 41.97 -7.03
CA ILE C 328 -21.11 40.78 -6.86
C ILE C 328 -22.40 41.07 -6.10
N GLY C 329 -22.67 42.33 -5.77
CA GLY C 329 -23.91 42.69 -5.11
C GLY C 329 -23.83 42.90 -3.62
N LEU C 330 -22.64 43.08 -3.06
CA LEU C 330 -22.50 43.30 -1.62
C LEU C 330 -21.81 44.63 -1.34
N GLY C 331 -22.33 45.71 -1.93
CA GLY C 331 -21.69 47.01 -1.76
C GLY C 331 -21.79 47.56 -0.36
N HIS C 332 -22.86 47.20 0.36
CA HIS C 332 -23.05 47.66 1.74
C HIS C 332 -22.19 46.88 2.73
N ARG C 333 -21.54 45.81 2.30
CA ARG C 333 -20.68 45.03 3.17
C ARG C 333 -19.36 45.74 3.44
N GLU C 334 -18.82 45.52 4.64
CA GLU C 334 -17.55 46.10 5.02
C GLU C 334 -16.41 45.52 4.16
N GLU C 335 -15.26 46.19 4.21
CA GLU C 335 -14.10 45.88 3.36
C GLU C 335 -13.81 44.39 3.26
N ASN C 336 -13.42 43.75 4.36
CA ASN C 336 -13.04 42.34 4.36
C ASN C 336 -14.06 41.47 5.08
N ASP C 337 -15.34 41.85 5.07
CA ASP C 337 -16.39 41.05 5.68
C ASP C 337 -16.87 40.05 4.63
N LEU C 338 -16.42 38.80 4.75
CA LEU C 338 -16.71 37.80 3.74
C LEU C 338 -18.10 37.20 3.88
N GLY C 339 -18.80 37.45 4.98
CA GLY C 339 -20.12 36.91 5.18
C GLY C 339 -20.09 35.47 5.68
N PRO C 340 -21.26 34.83 5.73
CA PRO C 340 -21.31 33.46 6.27
C PRO C 340 -20.71 32.44 5.32
N ILE C 341 -19.52 31.94 5.63
CA ILE C 341 -18.81 31.04 4.74
C ILE C 341 -18.27 29.90 5.60
N TYR C 342 -17.21 29.24 5.13
CA TYR C 342 -16.52 28.27 5.96
C TYR C 342 -16.29 28.83 7.35
N GLY C 343 -16.51 27.98 8.36
CA GLY C 343 -16.41 28.37 9.74
C GLY C 343 -17.61 29.10 10.31
N PHE C 344 -18.51 29.60 9.48
CA PHE C 344 -19.76 30.09 10.03
C PHE C 344 -20.85 29.04 9.91
N GLN C 345 -20.84 28.28 8.81
CA GLN C 345 -21.67 27.09 8.72
C GLN C 345 -21.11 25.94 9.56
N TRP C 346 -19.81 25.97 9.88
CA TRP C 346 -19.22 24.94 10.72
C TRP C 346 -19.72 25.07 12.16
N ARG C 347 -19.73 26.30 12.69
CA ARG C 347 -20.04 26.54 14.09
C ARG C 347 -21.43 27.10 14.33
N HIS C 348 -22.03 27.77 13.35
CA HIS C 348 -23.33 28.41 13.49
C HIS C 348 -24.15 28.21 12.21
N TYR C 349 -24.46 26.96 11.90
CA TYR C 349 -25.19 26.66 10.68
C TYR C 349 -26.63 27.18 10.77
N ASN C 350 -27.10 27.78 9.68
CA ASN C 350 -28.41 28.40 9.55
C ASN C 350 -28.59 29.60 10.46
N GLY C 351 -27.52 30.10 11.07
CA GLY C 351 -27.62 31.26 11.93
C GLY C 351 -27.74 32.53 11.11
N GLU C 352 -28.67 33.39 11.51
CA GLU C 352 -28.86 34.64 10.79
C GLU C 352 -27.63 35.51 10.89
N TYR C 353 -27.01 35.80 9.75
CA TYR C 353 -25.77 36.55 9.71
C TYR C 353 -26.06 38.05 9.69
N LYS C 354 -25.28 38.80 10.46
CA LYS C 354 -25.38 40.25 10.46
C LYS C 354 -24.10 40.87 9.92
N THR C 355 -23.08 40.98 10.76
CA THR C 355 -21.75 41.44 10.35
C THR C 355 -20.70 40.52 10.95
N MET C 356 -19.44 40.81 10.67
CA MET C 356 -18.34 40.03 11.21
C MET C 356 -17.95 40.47 12.62
N HIS C 357 -18.55 41.53 13.15
CA HIS C 357 -18.23 42.03 14.49
C HIS C 357 -19.21 41.56 15.55
N ASP C 358 -20.37 41.02 15.16
CA ASP C 358 -21.39 40.64 16.12
C ASP C 358 -20.99 39.36 16.85
N ASP C 359 -21.70 39.07 17.93
CA ASP C 359 -21.47 37.88 18.74
C ASP C 359 -22.47 36.80 18.34
N TYR C 360 -21.95 35.66 17.89
CA TYR C 360 -22.78 34.55 17.44
C TYR C 360 -22.69 33.33 18.35
N THR C 361 -22.10 33.48 19.53
CA THR C 361 -21.96 32.36 20.46
C THR C 361 -23.35 31.93 20.93
N GLY C 362 -23.80 30.76 20.50
CA GLY C 362 -25.08 30.20 20.87
C GLY C 362 -26.03 30.01 19.71
N VAL C 363 -25.94 30.87 18.69
CA VAL C 363 -26.84 30.82 17.55
C VAL C 363 -26.31 29.82 16.53
N GLY C 364 -27.23 29.19 15.80
CA GLY C 364 -26.85 28.25 14.77
C GLY C 364 -26.56 26.86 15.32
N VAL C 365 -26.31 25.95 14.40
CA VAL C 365 -25.98 24.56 14.72
C VAL C 365 -24.46 24.42 14.69
N ASP C 366 -23.89 23.94 15.80
CA ASP C 366 -22.44 23.77 15.91
C ASP C 366 -22.09 22.39 15.37
N GLN C 367 -21.80 22.32 14.08
CA GLN C 367 -21.45 21.06 13.45
C GLN C 367 -20.13 20.51 13.98
N LEU C 368 -19.11 21.36 14.09
CA LEU C 368 -17.79 20.88 14.50
C LEU C 368 -17.82 20.26 15.89
N ALA C 369 -18.53 20.89 16.82
CA ALA C 369 -18.64 20.32 18.16
C ALA C 369 -19.43 19.02 18.14
N LYS C 370 -20.56 19.01 17.42
CA LYS C 370 -21.34 17.78 17.30
C LYS C 370 -20.56 16.69 16.57
N LEU C 371 -19.70 17.08 15.62
CA LEU C 371 -18.87 16.10 14.94
C LEU C 371 -17.87 15.47 15.91
N ILE C 372 -17.18 16.29 16.69
CA ILE C 372 -16.19 15.79 17.64
C ILE C 372 -16.86 14.91 18.69
N GLU C 373 -18.00 15.36 19.21
CA GLU C 373 -18.69 14.57 20.23
C GLU C 373 -19.18 13.24 19.67
N THR C 374 -19.63 13.23 18.41
CA THR C 374 -20.09 11.98 17.81
C THR C 374 -18.92 11.05 17.47
N LEU C 375 -17.75 11.61 17.14
CA LEU C 375 -16.63 10.79 16.73
C LEU C 375 -16.14 9.89 17.86
N LYS C 376 -16.21 10.36 19.11
CA LYS C 376 -15.72 9.58 20.23
C LYS C 376 -16.82 8.88 21.02
N ASN C 377 -18.08 9.26 20.82
CA ASN C 377 -19.19 8.57 21.48
C ASN C 377 -19.82 7.48 20.63
N ASN C 378 -19.81 7.64 19.30
CA ASN C 378 -20.33 6.64 18.38
C ASN C 378 -19.43 6.61 17.17
N PRO C 379 -18.27 5.93 17.27
CA PRO C 379 -17.31 5.98 16.17
C PRO C 379 -17.78 5.26 14.92
N LYS C 380 -18.44 4.12 15.06
CA LYS C 380 -18.91 3.36 13.90
C LYS C 380 -20.19 3.94 13.30
N ASP C 381 -20.62 5.11 13.76
CA ASP C 381 -21.73 5.80 13.12
C ASP C 381 -21.36 6.21 11.71
N ARG C 382 -22.32 6.12 10.79
CA ARG C 382 -22.09 6.41 9.39
C ARG C 382 -22.59 7.79 8.98
N ARG C 383 -22.57 8.74 9.93
CA ARG C 383 -23.11 10.07 9.69
C ARG C 383 -22.16 11.18 10.13
N HIS C 384 -20.85 10.90 10.23
CA HIS C 384 -19.86 11.92 10.62
C HIS C 384 -19.66 12.87 9.45
N ILE C 385 -20.57 13.83 9.31
CA ILE C 385 -20.62 14.70 8.13
C ILE C 385 -20.52 16.15 8.56
N LEU C 386 -19.67 16.91 7.87
CA LEU C 386 -19.53 18.35 8.05
C LEU C 386 -19.80 19.01 6.71
N THR C 387 -20.83 19.85 6.64
CA THR C 387 -21.24 20.48 5.39
C THR C 387 -21.10 21.99 5.46
N ALA C 388 -20.92 22.62 4.30
CA ALA C 388 -20.86 24.06 4.18
C ALA C 388 -21.82 24.62 3.15
N TRP C 389 -22.54 23.78 2.42
CA TRP C 389 -23.46 24.24 1.39
C TRP C 389 -24.79 24.58 2.04
N ASN C 390 -25.08 25.88 2.15
CA ASN C 390 -26.33 26.36 2.72
C ASN C 390 -27.05 27.19 1.64
N PRO C 391 -28.05 26.63 0.96
CA PRO C 391 -28.76 27.40 -0.07
C PRO C 391 -29.38 28.69 0.44
N SER C 392 -29.69 28.77 1.75
CA SER C 392 -30.30 29.99 2.27
C SER C 392 -29.29 31.13 2.39
N ALA C 393 -28.03 30.81 2.64
CA ALA C 393 -26.99 31.81 2.88
C ALA C 393 -26.07 32.04 1.69
N LEU C 394 -26.32 31.37 0.55
CA LEU C 394 -25.41 31.50 -0.59
C LEU C 394 -25.34 32.95 -1.08
N SER C 395 -26.47 33.65 -1.09
CA SER C 395 -26.49 35.02 -1.58
C SER C 395 -25.66 35.95 -0.71
N GLN C 396 -25.60 35.69 0.59
CA GLN C 396 -24.83 36.52 1.50
C GLN C 396 -23.33 36.27 1.43
N MET C 397 -22.90 35.20 0.78
CA MET C 397 -21.48 34.82 0.78
C MET C 397 -20.69 35.63 -0.23
N ALA C 398 -19.45 35.97 0.15
CA ALA C 398 -18.53 36.57 -0.82
C ALA C 398 -18.14 35.59 -1.91
N LEU C 399 -18.21 34.28 -1.63
CA LEU C 399 -17.90 33.22 -2.58
C LEU C 399 -18.46 31.91 -2.03
N PRO C 400 -19.26 31.19 -2.81
CA PRO C 400 -19.83 29.93 -2.32
C PRO C 400 -18.75 28.93 -1.98
N PRO C 401 -19.04 27.96 -1.11
CA PRO C 401 -18.01 27.02 -0.67
C PRO C 401 -17.52 26.14 -1.82
N CYS C 402 -16.20 25.97 -1.90
CA CYS C 402 -15.60 25.08 -2.88
C CYS C 402 -15.44 23.67 -2.32
N HIS C 403 -14.78 23.53 -1.17
CA HIS C 403 -14.84 22.30 -0.41
C HIS C 403 -16.18 22.30 0.31
N VAL C 404 -17.13 21.52 -0.23
CA VAL C 404 -18.54 21.67 0.10
C VAL C 404 -18.95 20.78 1.26
N LEU C 405 -18.53 19.51 1.23
CA LEU C 405 -18.98 18.55 2.22
C LEU C 405 -17.88 17.54 2.50
N SER C 406 -17.73 17.16 3.76
CA SER C 406 -16.70 16.22 4.17
C SER C 406 -17.29 15.20 5.14
N GLN C 407 -16.88 13.94 4.99
CA GLN C 407 -17.30 12.86 5.85
C GLN C 407 -16.09 12.20 6.48
N TYR C 408 -16.27 11.69 7.70
CA TYR C 408 -15.17 11.11 8.47
C TYR C 408 -15.54 9.73 8.95
N TYR C 409 -14.53 8.90 9.17
CA TYR C 409 -14.71 7.46 9.34
C TYR C 409 -13.65 6.96 10.31
N VAL C 410 -14.09 6.23 11.33
CA VAL C 410 -13.20 5.66 12.33
C VAL C 410 -13.00 4.18 11.99
N THR C 411 -11.76 3.79 11.74
CA THR C 411 -11.48 2.41 11.39
C THR C 411 -11.47 1.53 12.64
N ASN C 412 -11.44 0.21 12.42
CA ASN C 412 -11.42 -0.72 13.53
C ASN C 412 -10.11 -0.64 14.32
N ASP C 413 -9.03 -0.15 13.72
CA ASP C 413 -7.77 0.05 14.42
C ASP C 413 -7.60 1.51 14.86
N ASN C 414 -8.70 2.19 15.15
CA ASN C 414 -8.71 3.52 15.78
C ASN C 414 -7.93 4.54 14.95
N CYS C 415 -8.19 4.55 13.65
CA CYS C 415 -7.68 5.57 12.74
C CYS C 415 -8.84 6.38 12.19
N LEU C 416 -8.57 7.65 11.89
CA LEU C 416 -9.58 8.57 11.39
C LEU C 416 -9.30 8.87 9.92
N SER C 417 -10.20 8.42 9.04
CA SER C 417 -10.13 8.73 7.63
C SER C 417 -11.11 9.85 7.29
N CYS C 418 -10.88 10.49 6.15
CA CYS C 418 -11.67 11.62 5.71
C CYS C 418 -11.98 11.54 4.22
N ASN C 419 -13.22 11.84 3.86
CA ASN C 419 -13.65 12.01 2.49
C ASN C 419 -14.13 13.44 2.31
N LEU C 420 -13.77 14.05 1.18
CA LEU C 420 -14.17 15.43 0.87
C LEU C 420 -14.70 15.47 -0.55
N TYR C 421 -15.84 16.13 -0.74
CA TYR C 421 -16.33 16.45 -2.07
C TYR C 421 -16.07 17.91 -2.36
N GLN C 422 -15.40 18.18 -3.48
CA GLN C 422 -15.02 19.53 -3.89
C GLN C 422 -15.73 19.84 -5.20
N ARG C 423 -16.62 20.84 -5.19
CA ARG C 423 -17.39 21.16 -6.39
C ARG C 423 -16.52 21.81 -7.46
N SER C 424 -15.53 22.61 -7.06
CA SER C 424 -14.67 23.31 -7.99
C SER C 424 -13.26 23.31 -7.44
N CYS C 425 -12.28 23.01 -8.29
CA CYS C 425 -10.91 22.77 -7.84
C CYS C 425 -9.93 23.49 -8.75
N ASP C 426 -9.37 24.59 -8.27
CA ASP C 426 -8.24 25.24 -8.92
C ASP C 426 -7.00 24.40 -8.67
N LEU C 427 -6.60 23.60 -9.67
CA LEU C 427 -5.49 22.67 -9.49
C LEU C 427 -4.15 23.36 -9.31
N GLY C 428 -4.05 24.64 -9.67
CA GLY C 428 -2.80 25.35 -9.54
C GLY C 428 -2.59 25.92 -8.15
N LEU C 429 -3.66 26.39 -7.52
CA LEU C 429 -3.57 27.05 -6.22
C LEU C 429 -4.41 26.36 -5.15
N GLY C 430 -5.71 26.20 -5.37
CA GLY C 430 -6.56 25.66 -4.34
C GLY C 430 -6.27 24.21 -4.00
N SER C 431 -5.98 23.40 -5.02
CA SER C 431 -5.79 21.97 -4.80
C SER C 431 -4.64 21.65 -3.84
N PRO C 432 -3.43 22.20 -4.00
CA PRO C 432 -2.39 21.95 -2.99
C PRO C 432 -2.78 22.42 -1.61
N PHE C 433 -3.55 23.50 -1.51
CA PHE C 433 -4.04 23.95 -0.21
C PHE C 433 -5.09 23.00 0.36
N ASN C 434 -6.05 22.58 -0.47
CA ASN C 434 -7.12 21.71 0.00
C ASN C 434 -6.57 20.37 0.50
N ILE C 435 -5.55 19.85 -0.18
CA ILE C 435 -4.96 18.57 0.23
C ILE C 435 -4.35 18.68 1.62
N ALA C 436 -3.53 19.72 1.83
CA ALA C 436 -2.86 19.88 3.12
C ALA C 436 -3.83 20.35 4.20
N SER C 437 -4.80 21.19 3.85
CA SER C 437 -5.70 21.74 4.85
C SER C 437 -6.55 20.65 5.50
N TYR C 438 -7.22 19.83 4.69
CA TYR C 438 -8.03 18.76 5.25
C TYR C 438 -7.20 17.64 5.84
N ALA C 439 -5.91 17.55 5.48
CA ALA C 439 -5.03 16.62 6.17
C ALA C 439 -4.76 17.09 7.59
N ILE C 440 -4.47 18.38 7.76
CA ILE C 440 -4.27 18.93 9.09
C ILE C 440 -5.54 18.81 9.92
N LEU C 441 -6.69 19.11 9.32
CA LEU C 441 -7.95 19.04 10.05
C LEU C 441 -8.24 17.62 10.52
N THR C 442 -7.93 16.62 9.69
CA THR C 442 -8.15 15.24 10.09
C THR C 442 -7.23 14.83 11.23
N MET C 443 -5.99 15.33 11.20
CA MET C 443 -5.05 15.05 12.30
C MET C 443 -5.48 15.73 13.58
N MET C 444 -5.98 16.97 13.48
CA MET C 444 -6.48 17.67 14.65
C MET C 444 -7.67 16.94 15.26
N LEU C 445 -8.65 16.58 14.42
CA LEU C 445 -9.79 15.81 14.90
C LEU C 445 -9.35 14.47 15.48
N ALA C 446 -8.27 13.90 14.97
CA ALA C 446 -7.80 12.61 15.47
C ALA C 446 -7.24 12.74 16.88
N GLN C 447 -6.45 13.79 17.15
CA GLN C 447 -5.86 13.94 18.47
C GLN C 447 -6.92 14.28 19.52
N VAL C 448 -7.86 15.16 19.18
CA VAL C 448 -8.89 15.55 20.13
C VAL C 448 -9.79 14.37 20.46
N CYS C 449 -9.97 13.45 19.51
CA CYS C 449 -10.81 12.28 19.70
C CYS C 449 -10.03 11.05 20.12
N GLY C 450 -8.71 11.13 20.18
CA GLY C 450 -7.90 10.00 20.61
C GLY C 450 -7.66 8.95 19.55
N TYR C 451 -7.57 9.35 18.30
CA TYR C 451 -7.31 8.43 17.19
C TYR C 451 -6.01 8.79 16.49
N GLU C 452 -5.65 7.97 15.51
CA GLU C 452 -4.50 8.22 14.65
C GLU C 452 -4.96 8.64 13.26
N PRO C 453 -4.15 9.39 12.52
CA PRO C 453 -4.55 9.77 11.16
C PRO C 453 -4.68 8.55 10.25
N GLY C 454 -5.68 8.58 9.38
CA GLY C 454 -5.93 7.48 8.48
C GLY C 454 -5.64 7.82 7.03
N GLU C 455 -6.67 7.86 6.20
CA GLU C 455 -6.54 8.19 4.78
C GLU C 455 -7.32 9.44 4.46
N LEU C 456 -6.95 10.09 3.36
CA LEU C 456 -7.62 11.28 2.88
C LEU C 456 -7.98 11.07 1.41
N ALA C 457 -9.28 11.15 1.10
CA ALA C 457 -9.77 11.04 -0.26
C ALA C 457 -10.49 12.33 -0.63
N ILE C 458 -10.21 12.84 -1.83
CA ILE C 458 -10.80 14.08 -2.32
C ILE C 458 -11.51 13.78 -3.63
N PHE C 459 -12.83 13.93 -3.65
CA PHE C 459 -13.64 13.73 -4.84
C PHE C 459 -13.97 15.10 -5.43
N ILE C 460 -13.62 15.30 -6.70
CA ILE C 460 -13.66 16.61 -7.34
C ILE C 460 -14.73 16.61 -8.43
N GLY C 461 -15.54 17.66 -8.43
CA GLY C 461 -16.47 17.88 -9.53
C GLY C 461 -15.76 18.51 -10.71
N ASP C 462 -15.69 19.83 -10.76
CA ASP C 462 -15.06 20.56 -11.87
C ASP C 462 -13.58 20.73 -11.55
N ALA C 463 -12.77 19.77 -11.99
CA ALA C 463 -11.33 19.88 -11.91
C ALA C 463 -10.83 20.63 -13.13
N HIS C 464 -10.08 21.71 -12.91
CA HIS C 464 -9.72 22.60 -14.01
C HIS C 464 -8.36 23.23 -13.76
N ILE C 465 -7.80 23.79 -14.84
CA ILE C 465 -6.53 24.49 -14.82
C ILE C 465 -6.71 25.83 -15.52
N TYR C 466 -6.40 26.91 -14.81
CA TYR C 466 -6.48 28.24 -15.42
C TYR C 466 -5.37 28.40 -16.46
N GLU C 467 -5.70 29.07 -17.56
CA GLU C 467 -4.80 29.13 -18.71
C GLU C 467 -3.52 29.91 -18.42
N ASN C 468 -3.54 30.81 -17.44
CA ASN C 468 -2.32 31.52 -17.06
C ASN C 468 -1.42 30.68 -16.16
N HIS C 469 -1.83 29.47 -15.81
CA HIS C 469 -1.02 28.54 -15.03
C HIS C 469 -0.39 27.45 -15.90
N LEU C 470 -0.56 27.54 -17.22
CA LEU C 470 -0.11 26.46 -18.09
C LEU C 470 1.41 26.32 -18.08
N THR C 471 2.13 27.44 -18.23
CA THR C 471 3.58 27.39 -18.22
C THR C 471 4.12 26.89 -16.88
N GLN C 472 3.50 27.35 -15.78
CA GLN C 472 3.97 26.97 -14.45
C GLN C 472 3.73 25.49 -14.18
N LEU C 473 2.51 25.01 -14.45
CA LEU C 473 2.17 23.62 -14.13
C LEU C 473 2.95 22.63 -14.98
N LYS C 474 3.26 22.99 -16.23
CA LYS C 474 4.11 22.13 -17.05
C LYS C 474 5.53 22.07 -16.49
N GLU C 475 6.01 23.18 -15.92
CA GLU C 475 7.30 23.16 -15.22
C GLU C 475 7.25 22.24 -14.01
N GLN C 476 6.14 22.30 -13.24
CA GLN C 476 6.01 21.44 -12.07
C GLN C 476 5.97 19.98 -12.45
N LEU C 477 5.39 19.65 -13.61
CA LEU C 477 5.31 18.27 -14.05
C LEU C 477 6.65 17.69 -14.48
N SER C 478 7.66 18.53 -14.68
CA SER C 478 8.99 18.07 -15.07
C SER C 478 9.85 17.65 -13.88
N ARG C 479 9.36 17.79 -12.66
CA ARG C 479 10.13 17.52 -11.46
C ARG C 479 9.72 16.19 -10.86
N THR C 480 10.68 15.29 -10.72
CA THR C 480 10.39 13.98 -10.13
C THR C 480 10.08 14.14 -8.64
N PRO C 481 8.99 13.54 -8.15
CA PRO C 481 8.59 13.77 -6.76
C PRO C 481 9.61 13.26 -5.75
N ARG C 482 9.58 13.86 -4.57
CA ARG C 482 10.37 13.48 -3.42
C ARG C 482 9.46 12.98 -2.32
N PRO C 483 9.99 12.22 -1.35
CA PRO C 483 9.11 11.65 -0.32
C PRO C 483 8.38 12.72 0.47
N PHE C 484 7.14 12.39 0.86
CA PHE C 484 6.33 13.30 1.65
C PHE C 484 7.02 13.58 2.99
N PRO C 485 6.83 14.76 3.55
CA PRO C 485 7.38 15.05 4.89
C PRO C 485 6.55 14.43 5.99
N GLN C 486 6.86 14.78 7.23
CA GLN C 486 6.07 14.41 8.39
C GLN C 486 5.55 15.66 9.07
N LEU C 487 4.39 15.53 9.73
CA LEU C 487 3.81 16.62 10.50
C LEU C 487 3.38 16.07 11.85
N LYS C 488 3.98 16.59 12.92
CA LYS C 488 3.68 16.17 14.28
C LYS C 488 3.32 17.38 15.12
N PHE C 489 2.44 17.16 16.10
CA PHE C 489 2.04 18.18 17.04
C PHE C 489 2.95 18.17 18.26
N LYS C 490 3.29 19.36 18.76
CA LYS C 490 4.20 19.46 19.90
C LYS C 490 3.50 19.23 21.23
N ARG C 491 2.19 19.47 21.32
CA ARG C 491 1.45 19.29 22.56
C ARG C 491 0.06 18.78 22.23
N LYS C 492 -0.58 18.21 23.25
CA LYS C 492 -1.96 17.72 23.14
C LYS C 492 -2.88 18.82 23.68
N VAL C 493 -3.72 19.37 22.79
CA VAL C 493 -4.64 20.44 23.20
C VAL C 493 -5.86 19.83 23.87
N GLU C 494 -6.59 20.69 24.60
CA GLU C 494 -7.84 20.28 25.24
C GLU C 494 -9.05 20.55 24.37
N ASN C 495 -9.06 21.70 23.69
CA ASN C 495 -10.09 22.03 22.71
C ASN C 495 -9.42 22.24 21.36
N ILE C 496 -10.13 21.89 20.30
CA ILE C 496 -9.56 21.95 18.96
C ILE C 496 -9.20 23.38 18.57
N GLU C 497 -9.84 24.39 19.17
CA GLU C 497 -9.57 25.77 18.84
C GLU C 497 -8.24 26.26 19.40
N ASP C 498 -7.60 25.49 20.27
CA ASP C 498 -6.39 25.95 20.97
C ASP C 498 -5.12 25.74 20.16
N PHE C 499 -5.22 25.22 18.94
CA PHE C 499 -4.02 24.98 18.15
C PHE C 499 -3.39 26.30 17.70
N LYS C 500 -2.07 26.35 17.78
CA LYS C 500 -1.30 27.50 17.33
C LYS C 500 -0.24 27.03 16.35
N TRP C 501 0.25 27.97 15.54
CA TRP C 501 1.25 27.63 14.52
C TRP C 501 2.53 27.11 15.15
N GLU C 502 2.85 27.55 16.38
CA GLU C 502 4.04 27.07 17.06
C GLU C 502 3.92 25.61 17.46
N ASP C 503 2.71 25.07 17.53
CA ASP C 503 2.49 23.69 17.93
C ASP C 503 2.78 22.69 16.81
N ILE C 504 3.00 23.16 15.58
CA ILE C 504 3.18 22.28 14.43
C ILE C 504 4.64 22.24 14.06
N GLU C 505 5.17 21.02 13.89
CA GLU C 505 6.56 20.80 13.49
C GLU C 505 6.56 20.06 12.16
N LEU C 506 7.14 20.67 11.12
CA LEU C 506 7.22 20.07 9.80
C LEU C 506 8.61 19.46 9.64
N ILE C 507 8.68 18.14 9.69
CA ILE C 507 9.94 17.41 9.76
C ILE C 507 10.24 16.81 8.41
N GLY C 508 11.41 17.13 7.86
CA GLY C 508 11.89 16.49 6.65
C GLY C 508 11.12 16.85 5.40
N TYR C 509 11.00 18.15 5.13
CA TYR C 509 10.33 18.67 3.95
C TYR C 509 11.40 19.34 3.07
N TYR C 510 11.72 18.70 1.95
CA TYR C 510 12.75 19.19 1.02
C TYR C 510 12.11 19.35 -0.35
N PRO C 511 11.34 20.42 -0.56
CA PRO C 511 10.62 20.58 -1.83
C PRO C 511 11.47 21.25 -2.90
N TYR C 512 10.99 21.14 -4.14
CA TYR C 512 11.53 21.92 -5.23
C TYR C 512 11.16 23.39 -5.05
N PRO C 513 11.88 24.31 -5.69
CA PRO C 513 11.62 25.74 -5.47
C PRO C 513 10.17 26.10 -5.77
N THR C 514 9.70 27.14 -5.10
CA THR C 514 8.31 27.58 -5.23
C THR C 514 8.05 28.11 -6.64
N ILE C 515 6.79 28.01 -7.06
CA ILE C 515 6.35 28.43 -8.40
C ILE C 515 5.24 29.45 -8.22
N LYS C 516 5.43 30.64 -8.79
CA LYS C 516 4.47 31.73 -8.63
C LYS C 516 3.31 31.56 -9.60
N MET C 517 2.08 31.67 -9.08
CA MET C 517 0.88 31.57 -9.90
C MET C 517 -0.15 32.57 -9.39
N ASP C 518 -0.69 33.38 -10.29
CA ASP C 518 -1.63 34.42 -9.90
C ASP C 518 -3.04 33.86 -9.80
N MET C 519 -3.77 34.31 -8.78
CA MET C 519 -5.15 33.86 -8.56
C MET C 519 -6.10 34.65 -9.45
N ALA C 520 -7.10 33.95 -10.00
CA ALA C 520 -8.14 34.59 -10.78
C ALA C 520 -9.26 35.05 -9.84
N VAL C 521 -9.60 36.33 -9.90
CA VAL C 521 -10.61 36.89 -9.00
C VAL C 521 -11.99 36.78 -9.63
N GLU D 3 1.67 -21.94 -39.22
CA GLU D 3 0.92 -21.79 -37.98
C GLU D 3 0.65 -20.32 -37.66
N LYS D 4 -0.48 -19.82 -38.14
CA LYS D 4 -0.89 -18.44 -37.93
C LYS D 4 -2.17 -18.42 -37.10
N ASN D 5 -2.77 -17.24 -36.96
CA ASN D 5 -3.90 -17.06 -36.08
C ASN D 5 -5.21 -17.30 -36.82
N VAL D 6 -6.18 -17.90 -36.14
CA VAL D 6 -7.50 -18.16 -36.69
C VAL D 6 -8.53 -17.62 -35.70
N SER D 7 -9.35 -16.67 -36.16
CA SER D 7 -10.31 -16.00 -35.30
C SER D 7 -11.71 -16.12 -35.89
N ILE D 8 -12.69 -16.32 -35.02
CA ILE D 8 -14.09 -16.31 -35.42
C ILE D 8 -14.64 -14.91 -35.20
N VAL D 9 -15.34 -14.38 -36.19
CA VAL D 9 -16.08 -13.13 -36.07
C VAL D 9 -17.56 -13.45 -36.24
N VAL D 10 -18.38 -13.05 -35.27
CA VAL D 10 -19.79 -13.41 -35.27
C VAL D 10 -20.56 -12.36 -34.48
N ALA D 11 -21.79 -12.10 -34.91
CA ALA D 11 -22.73 -11.25 -34.18
C ALA D 11 -23.96 -12.08 -33.86
N ALA D 12 -24.19 -12.33 -32.58
CA ALA D 12 -25.28 -13.19 -32.12
C ALA D 12 -26.06 -12.49 -31.01
N SER D 13 -27.33 -12.89 -30.88
CA SER D 13 -28.18 -12.34 -29.84
C SER D 13 -27.67 -12.75 -28.46
N VAL D 14 -28.11 -12.01 -27.43
CA VAL D 14 -27.48 -12.12 -26.12
C VAL D 14 -27.81 -13.45 -25.45
N LEU D 15 -29.04 -13.94 -25.62
CA LEU D 15 -29.49 -15.13 -24.89
C LEU D 15 -29.45 -16.38 -25.76
N SER D 16 -30.23 -16.42 -26.84
CA SER D 16 -30.35 -17.61 -27.67
C SER D 16 -29.26 -17.71 -28.74
N SER D 17 -28.45 -16.66 -28.93
CA SER D 17 -27.34 -16.66 -29.90
C SER D 17 -27.84 -16.84 -31.33
N GLY D 18 -28.93 -16.16 -31.68
CA GLY D 18 -29.41 -16.18 -33.05
C GLY D 18 -28.62 -15.20 -33.92
N ILE D 19 -28.32 -15.63 -35.14
CA ILE D 19 -27.43 -14.85 -36.00
C ILE D 19 -28.08 -14.56 -37.35
N GLY D 20 -29.18 -15.24 -37.65
CA GLY D 20 -29.78 -15.08 -38.97
C GLY D 20 -31.24 -15.48 -39.00
N ILE D 21 -31.92 -15.00 -40.04
CA ILE D 21 -33.32 -15.32 -40.29
C ILE D 21 -33.63 -15.12 -41.76
N ASN D 22 -34.10 -16.17 -42.43
CA ASN D 22 -34.49 -16.14 -43.84
C ASN D 22 -33.35 -15.63 -44.73
N GLY D 23 -32.14 -16.12 -44.46
CA GLY D 23 -31.00 -15.77 -45.29
C GLY D 23 -30.49 -14.35 -45.15
N GLN D 24 -30.82 -13.67 -44.06
CA GLN D 24 -30.33 -12.32 -43.83
C GLN D 24 -30.17 -12.10 -42.34
N LEU D 25 -29.61 -10.93 -41.99
CA LEU D 25 -29.39 -10.60 -40.59
C LEU D 25 -30.70 -10.11 -39.95
N PRO D 26 -30.95 -10.48 -38.69
CA PRO D 26 -32.15 -10.00 -38.00
C PRO D 26 -32.06 -8.57 -37.47
N TRP D 27 -31.04 -7.81 -37.85
CA TRP D 27 -30.88 -6.45 -37.38
C TRP D 27 -30.10 -5.67 -38.43
N SER D 28 -29.97 -4.36 -38.20
CA SER D 28 -29.23 -3.47 -39.10
C SER D 28 -28.40 -2.51 -38.23
N ILE D 29 -27.20 -2.95 -37.87
CA ILE D 29 -26.29 -2.16 -37.05
C ILE D 29 -25.09 -1.78 -37.91
N SER D 30 -25.02 -0.51 -38.28
CA SER D 30 -23.97 -0.05 -39.19
C SER D 30 -22.59 -0.18 -38.55
N GLU D 31 -22.48 0.18 -37.26
CA GLU D 31 -21.18 0.15 -36.60
C GLU D 31 -20.64 -1.27 -36.47
N ASP D 32 -21.52 -2.27 -36.42
CA ASP D 32 -21.05 -3.65 -36.32
C ASP D 32 -20.40 -4.10 -37.62
N LEU D 33 -20.93 -3.68 -38.76
CA LEU D 33 -20.30 -4.00 -40.04
C LEU D 33 -18.95 -3.32 -40.16
N LYS D 34 -18.85 -2.07 -39.72
CA LYS D 34 -17.57 -1.38 -39.71
C LYS D 34 -16.57 -2.09 -38.80
N PHE D 35 -17.05 -2.66 -37.69
CA PHE D 35 -16.20 -3.48 -36.84
C PHE D 35 -15.70 -4.71 -37.58
N PHE D 36 -16.60 -5.41 -38.26
CA PHE D 36 -16.20 -6.56 -39.06
C PHE D 36 -15.16 -6.17 -40.10
N SER D 37 -15.32 -5.00 -40.70
CA SER D 37 -14.37 -4.55 -41.72
C SER D 37 -13.00 -4.28 -41.12
N LYS D 38 -12.95 -3.53 -40.02
CA LYS D 38 -11.66 -3.14 -39.46
C LYS D 38 -10.95 -4.32 -38.80
N ILE D 39 -11.70 -5.28 -38.27
CA ILE D 39 -11.05 -6.39 -37.59
C ILE D 39 -10.51 -7.41 -38.58
N THR D 40 -11.11 -7.52 -39.76
CA THR D 40 -10.62 -8.46 -40.77
C THR D 40 -9.55 -7.86 -41.67
N ASN D 41 -9.51 -6.53 -41.79
CA ASN D 41 -8.45 -5.85 -42.52
C ASN D 41 -7.22 -5.57 -41.66
N ASN D 42 -7.31 -5.81 -40.36
CA ASN D 42 -6.20 -5.55 -39.45
C ASN D 42 -5.06 -6.51 -39.75
N LYS D 43 -3.98 -5.99 -40.32
CA LYS D 43 -2.83 -6.79 -40.69
C LYS D 43 -1.55 -6.06 -40.29
N CYS D 44 -0.46 -6.81 -40.25
CA CYS D 44 0.85 -6.28 -39.90
C CYS D 44 1.76 -6.10 -41.10
N ASP D 45 1.57 -6.90 -42.15
CA ASP D 45 2.38 -6.86 -43.36
C ASP D 45 1.58 -6.25 -44.49
N SER D 46 2.14 -5.23 -45.14
CA SER D 46 1.44 -4.58 -46.24
C SER D 46 1.40 -5.44 -47.50
N ASN D 47 2.28 -6.43 -47.60
CA ASN D 47 2.32 -7.33 -48.74
C ASN D 47 1.55 -8.62 -48.51
N LYS D 48 0.60 -8.61 -47.57
CA LYS D 48 -0.20 -9.79 -47.28
C LYS D 48 -1.67 -9.38 -47.13
N LYS D 49 -2.55 -10.35 -47.37
CA LYS D 49 -3.98 -10.16 -47.21
C LYS D 49 -4.52 -11.18 -46.21
N ASN D 50 -5.73 -10.93 -45.71
CA ASN D 50 -6.39 -11.84 -44.79
C ASN D 50 -7.47 -12.64 -45.51
N ALA D 51 -7.63 -13.89 -45.11
CA ALA D 51 -8.60 -14.79 -45.72
C ALA D 51 -9.85 -14.86 -44.84
N LEU D 52 -11.02 -14.72 -45.48
CA LEU D 52 -12.31 -14.75 -44.78
C LEU D 52 -13.07 -16.00 -45.23
N ILE D 53 -13.12 -17.01 -44.37
CA ILE D 53 -13.84 -18.24 -44.67
C ILE D 53 -15.31 -18.06 -44.34
N MET D 54 -16.17 -18.48 -45.26
CA MET D 54 -17.61 -18.38 -45.05
C MET D 54 -18.32 -19.47 -45.83
N GLY D 55 -19.50 -19.83 -45.37
CA GLY D 55 -20.32 -20.80 -46.06
C GLY D 55 -20.96 -20.23 -47.31
N ARG D 56 -21.55 -21.13 -48.09
CA ARG D 56 -22.11 -20.73 -49.39
C ARG D 56 -23.31 -19.80 -49.20
N LYS D 57 -24.18 -20.13 -48.25
CA LYS D 57 -25.37 -19.31 -48.05
C LYS D 57 -25.02 -17.91 -47.56
N THR D 58 -23.92 -17.78 -46.80
CA THR D 58 -23.41 -16.47 -46.44
C THR D 58 -22.84 -15.74 -47.64
N TRP D 59 -22.16 -16.49 -48.52
CA TRP D 59 -21.67 -15.92 -49.77
C TRP D 59 -22.82 -15.37 -50.61
N ASP D 60 -23.98 -16.01 -50.56
CA ASP D 60 -25.16 -15.45 -51.22
C ASP D 60 -25.67 -14.22 -50.48
N SER D 61 -25.56 -14.22 -49.15
CA SER D 61 -26.09 -13.11 -48.36
C SER D 61 -25.39 -11.80 -48.67
N ILE D 62 -24.11 -11.85 -49.04
CA ILE D 62 -23.34 -10.65 -49.33
C ILE D 62 -23.34 -10.31 -50.82
N GLY D 63 -24.29 -10.86 -51.58
CA GLY D 63 -24.40 -10.56 -52.99
C GLY D 63 -23.37 -11.19 -53.89
N ARG D 64 -22.60 -12.16 -53.37
CA ARG D 64 -21.57 -12.86 -54.13
C ARG D 64 -20.59 -11.88 -54.75
N ARG D 65 -20.20 -10.87 -53.98
CA ARG D 65 -19.24 -9.88 -54.45
C ARG D 65 -18.03 -9.84 -53.52
N PRO D 66 -16.83 -9.62 -54.05
CA PRO D 66 -15.63 -9.69 -53.22
C PRO D 66 -15.54 -8.54 -52.24
N LEU D 67 -14.83 -8.78 -51.14
CA LEU D 67 -14.58 -7.79 -50.11
C LEU D 67 -13.21 -7.16 -50.34
N LYS D 68 -13.16 -5.83 -50.31
CA LYS D 68 -11.95 -5.10 -50.67
C LYS D 68 -10.77 -5.51 -49.79
N ASN D 69 -9.61 -5.68 -50.42
CA ASN D 69 -8.34 -5.97 -49.74
C ASN D 69 -8.34 -7.31 -49.03
N ARG D 70 -9.28 -8.19 -49.34
CA ARG D 70 -9.36 -9.48 -48.67
C ARG D 70 -9.70 -10.57 -49.67
N ILE D 71 -9.31 -11.80 -49.32
CA ILE D 71 -9.59 -12.99 -50.13
C ILE D 71 -10.68 -13.78 -49.45
N ILE D 72 -11.80 -13.96 -50.13
CA ILE D 72 -12.93 -14.70 -49.59
C ILE D 72 -12.80 -16.18 -49.98
N VAL D 73 -12.97 -17.05 -49.01
CA VAL D 73 -12.91 -18.50 -49.22
C VAL D 73 -14.30 -19.06 -48.96
N VAL D 74 -14.94 -19.57 -50.00
CA VAL D 74 -16.30 -20.10 -49.91
C VAL D 74 -16.23 -21.62 -49.80
N ILE D 75 -16.88 -22.16 -48.78
CA ILE D 75 -17.01 -23.60 -48.60
C ILE D 75 -18.30 -24.05 -49.27
N SER D 76 -18.18 -24.90 -50.28
CA SER D 76 -19.34 -25.38 -51.01
C SER D 76 -18.96 -26.66 -51.74
N SER D 77 -19.93 -27.57 -51.86
CA SER D 77 -19.74 -28.81 -52.58
C SER D 77 -20.15 -28.72 -54.04
N SER D 78 -20.91 -27.69 -54.41
CA SER D 78 -21.45 -27.57 -55.77
C SER D 78 -20.90 -26.39 -56.56
N LEU D 79 -20.45 -25.33 -55.89
CA LEU D 79 -19.95 -24.16 -56.60
C LEU D 79 -18.73 -24.52 -57.42
N PRO D 80 -18.61 -24.00 -58.65
CA PRO D 80 -17.42 -24.28 -59.45
C PRO D 80 -16.20 -23.59 -58.88
N GLN D 81 -15.10 -24.35 -58.75
CA GLN D 81 -13.82 -23.81 -58.27
C GLN D 81 -13.28 -22.84 -59.32
N ASP D 82 -13.88 -21.65 -59.35
CA ASP D 82 -13.53 -20.67 -60.36
C ASP D 82 -12.16 -20.07 -60.08
N GLU D 83 -11.43 -19.76 -61.15
CA GLU D 83 -10.14 -19.12 -61.07
C GLU D 83 -10.09 -17.75 -61.74
N ALA D 84 -11.21 -17.29 -62.31
CA ALA D 84 -11.24 -15.98 -62.93
C ALA D 84 -11.07 -14.87 -61.90
N ASP D 85 -11.80 -14.95 -60.78
CA ASP D 85 -11.69 -13.98 -59.70
C ASP D 85 -10.57 -14.39 -58.76
N PRO D 86 -9.49 -13.61 -58.64
CA PRO D 86 -8.40 -13.98 -57.72
C PRO D 86 -8.69 -13.71 -56.26
N ASN D 87 -9.76 -12.98 -55.95
CA ASN D 87 -10.13 -12.68 -54.57
C ASN D 87 -11.17 -13.63 -54.00
N VAL D 88 -11.63 -14.61 -54.79
CA VAL D 88 -12.57 -15.61 -54.33
C VAL D 88 -12.08 -16.98 -54.77
N VAL D 89 -11.95 -17.90 -53.81
CA VAL D 89 -11.52 -19.27 -54.08
C VAL D 89 -12.47 -20.21 -53.35
N VAL D 90 -12.71 -21.37 -53.95
CA VAL D 90 -13.70 -22.33 -53.44
C VAL D 90 -12.97 -23.61 -53.03
N PHE D 91 -13.32 -24.12 -51.85
CA PHE D 91 -12.85 -25.41 -51.38
C PHE D 91 -14.04 -26.32 -51.10
N ARG D 92 -13.80 -27.63 -51.22
CA ARG D 92 -14.89 -28.60 -51.11
C ARG D 92 -15.26 -28.90 -49.66
N ASN D 93 -14.38 -28.62 -48.71
CA ASN D 93 -14.68 -28.84 -47.30
C ASN D 93 -13.83 -27.91 -46.45
N LEU D 94 -14.25 -27.74 -45.19
CA LEU D 94 -13.57 -26.80 -44.30
C LEU D 94 -12.15 -27.28 -43.96
N GLU D 95 -11.96 -28.59 -43.81
CA GLU D 95 -10.66 -29.12 -43.41
C GLU D 95 -9.60 -28.84 -44.48
N ASP D 96 -9.93 -29.08 -45.76
CA ASP D 96 -8.98 -28.82 -46.84
C ASP D 96 -8.65 -27.34 -46.98
N SER D 97 -9.61 -26.47 -46.66
CA SER D 97 -9.41 -25.03 -46.83
C SER D 97 -8.39 -24.44 -45.85
N ILE D 98 -8.00 -25.18 -44.82
CA ILE D 98 -7.01 -24.72 -43.85
C ILE D 98 -5.62 -24.88 -44.42
N GLU D 99 -5.54 -25.20 -45.72
CA GLU D 99 -4.25 -25.22 -46.42
C GLU D 99 -3.49 -23.90 -46.32
N ASN D 100 -4.18 -22.79 -46.01
CA ASN D 100 -3.50 -21.52 -45.79
C ASN D 100 -2.44 -21.60 -44.70
N LEU D 101 -2.53 -22.57 -43.79
CA LEU D 101 -1.48 -22.78 -42.80
C LEU D 101 -0.27 -23.47 -43.42
N MET D 102 -0.50 -24.51 -44.22
CA MET D 102 0.59 -25.32 -44.73
C MET D 102 1.51 -24.51 -45.65
N ASN D 103 0.93 -23.70 -46.53
CA ASN D 103 1.72 -22.83 -47.39
C ASN D 103 1.06 -21.46 -47.52
N ASP D 104 1.14 -20.87 -48.71
CA ASP D 104 0.57 -19.56 -49.00
C ASP D 104 0.99 -18.54 -47.95
N ASP D 105 2.28 -18.21 -47.98
CA ASP D 105 2.84 -17.24 -47.04
C ASP D 105 2.34 -15.82 -47.28
N SER D 106 1.55 -15.59 -48.33
CA SER D 106 0.94 -14.28 -48.57
C SER D 106 -0.31 -14.05 -47.74
N ILE D 107 -0.77 -15.04 -46.99
CA ILE D 107 -1.92 -14.90 -46.11
C ILE D 107 -1.39 -14.82 -44.68
N GLU D 108 -1.73 -13.74 -43.98
CA GLU D 108 -1.24 -13.51 -42.62
C GLU D 108 -2.19 -14.08 -41.57
N ASN D 109 -3.46 -13.65 -41.60
CA ASN D 109 -4.44 -14.08 -40.63
C ASN D 109 -5.65 -14.70 -41.33
N ILE D 110 -6.37 -15.54 -40.59
CA ILE D 110 -7.52 -16.27 -41.09
C ILE D 110 -8.73 -15.95 -40.20
N PHE D 111 -9.86 -15.64 -40.82
CA PHE D 111 -11.09 -15.32 -40.11
C PHE D 111 -12.21 -16.23 -40.56
N VAL D 112 -12.90 -16.84 -39.60
CA VAL D 112 -14.05 -17.70 -39.88
C VAL D 112 -15.31 -16.87 -39.70
N CYS D 113 -15.98 -16.56 -40.81
CA CYS D 113 -17.12 -15.66 -40.81
C CYS D 113 -18.44 -16.34 -41.16
N GLY D 114 -18.44 -17.64 -41.41
CA GLY D 114 -19.56 -18.31 -42.04
C GLY D 114 -20.83 -18.44 -41.21
N GLY D 115 -21.68 -19.39 -41.57
CA GLY D 115 -22.94 -19.59 -40.89
C GLY D 115 -22.84 -20.63 -39.79
N GLU D 116 -24.01 -21.06 -39.31
CA GLU D 116 -24.08 -22.04 -38.23
C GLU D 116 -23.31 -23.31 -38.58
N SER D 117 -23.45 -23.78 -39.82
CA SER D 117 -22.76 -25.00 -40.23
C SER D 117 -21.24 -24.82 -40.18
N ILE D 118 -20.75 -23.67 -40.64
CA ILE D 118 -19.31 -23.44 -40.65
C ILE D 118 -18.78 -23.20 -39.25
N TYR D 119 -19.55 -22.48 -38.42
CA TYR D 119 -19.12 -22.24 -37.05
C TYR D 119 -19.06 -23.54 -36.25
N ARG D 120 -20.03 -24.43 -36.44
CA ARG D 120 -20.17 -25.59 -35.56
C ARG D 120 -18.97 -26.52 -35.67
N ASP D 121 -18.55 -26.83 -36.89
CA ASP D 121 -17.42 -27.74 -37.09
C ASP D 121 -16.10 -27.00 -37.30
N ALA D 122 -16.08 -25.68 -37.14
CA ALA D 122 -14.82 -24.98 -36.96
C ALA D 122 -14.35 -25.07 -35.52
N LEU D 123 -15.30 -25.11 -34.57
CA LEU D 123 -14.97 -25.35 -33.17
C LEU D 123 -14.80 -26.84 -32.89
N LYS D 124 -15.62 -27.68 -33.52
CA LYS D 124 -15.52 -29.12 -33.34
C LYS D 124 -14.18 -29.65 -33.85
N ASP D 125 -13.70 -29.12 -34.98
CA ASP D 125 -12.41 -29.51 -35.51
C ASP D 125 -11.24 -28.86 -34.77
N ASN D 126 -11.52 -27.95 -33.84
CA ASN D 126 -10.49 -27.36 -32.98
C ASN D 126 -9.48 -26.57 -33.80
N PHE D 127 -9.99 -25.71 -34.69
CA PHE D 127 -9.16 -24.85 -35.53
C PHE D 127 -9.11 -23.41 -35.04
N VAL D 128 -9.98 -23.03 -34.11
CA VAL D 128 -10.21 -21.63 -33.76
C VAL D 128 -9.35 -21.26 -32.56
N ASP D 129 -8.62 -20.16 -32.67
CA ASP D 129 -7.81 -19.62 -31.58
C ASP D 129 -8.51 -18.51 -30.82
N ARG D 130 -9.30 -17.68 -31.51
CA ARG D 130 -9.91 -16.49 -30.91
C ARG D 130 -11.34 -16.35 -31.42
N ILE D 131 -12.16 -15.68 -30.62
CA ILE D 131 -13.56 -15.41 -30.96
C ILE D 131 -13.85 -13.93 -30.74
N TYR D 132 -14.31 -13.26 -31.79
CA TYR D 132 -14.78 -11.88 -31.70
C TYR D 132 -16.31 -11.91 -31.71
N LEU D 133 -16.92 -11.78 -30.53
CA LEU D 133 -18.36 -11.91 -30.38
C LEU D 133 -19.00 -10.54 -30.19
N THR D 134 -20.04 -10.27 -30.97
CA THR D 134 -20.84 -9.04 -30.85
C THR D 134 -22.21 -9.44 -30.31
N ARG D 135 -22.42 -9.20 -29.01
CA ARG D 135 -23.68 -9.56 -28.36
C ARG D 135 -24.73 -8.49 -28.65
N VAL D 136 -25.85 -8.87 -29.25
CA VAL D 136 -26.92 -7.94 -29.60
C VAL D 136 -28.11 -8.21 -28.69
N ALA D 137 -28.71 -7.13 -28.17
CA ALA D 137 -29.80 -7.23 -27.21
C ALA D 137 -31.15 -7.25 -27.92
N LEU D 138 -31.37 -8.33 -28.70
CA LEU D 138 -32.64 -8.57 -29.37
C LEU D 138 -33.00 -10.03 -29.21
N GLU D 139 -34.14 -10.31 -28.60
CA GLU D 139 -34.51 -11.69 -28.29
C GLU D 139 -35.96 -12.04 -28.62
N ASP D 140 -36.89 -11.10 -28.60
CA ASP D 140 -38.29 -11.40 -28.88
C ASP D 140 -38.61 -11.37 -30.37
N ILE D 141 -37.68 -11.84 -31.19
CA ILE D 141 -37.91 -11.99 -32.63
C ILE D 141 -37.64 -13.44 -33.01
N GLU D 142 -37.65 -13.73 -34.31
CA GLU D 142 -37.54 -15.10 -34.81
C GLU D 142 -36.16 -15.32 -35.43
N PHE D 143 -35.55 -16.45 -35.10
CA PHE D 143 -34.29 -16.88 -35.69
C PHE D 143 -34.44 -18.27 -36.30
N ASP D 144 -33.64 -18.54 -37.33
CA ASP D 144 -33.51 -19.89 -37.87
C ASP D 144 -32.07 -20.36 -37.96
N THR D 145 -31.11 -19.55 -37.52
CA THR D 145 -29.70 -19.88 -37.56
C THR D 145 -29.03 -19.35 -36.31
N TYR D 146 -28.30 -20.21 -35.60
CA TYR D 146 -27.75 -19.87 -34.30
C TYR D 146 -26.25 -20.12 -34.26
N PHE D 147 -25.57 -19.36 -33.40
CA PHE D 147 -24.15 -19.58 -33.13
C PHE D 147 -24.01 -20.65 -32.06
N PRO D 148 -23.18 -21.68 -32.29
CA PRO D 148 -23.08 -22.78 -31.32
C PRO D 148 -22.54 -22.30 -29.98
N GLU D 149 -22.80 -23.10 -28.95
CA GLU D 149 -22.33 -22.77 -27.61
C GLU D 149 -20.80 -22.75 -27.58
N ILE D 150 -20.25 -21.73 -26.94
CA ILE D 150 -18.79 -21.59 -26.88
C ILE D 150 -18.22 -22.70 -26.01
N PRO D 151 -17.26 -23.49 -26.50
CA PRO D 151 -16.71 -24.57 -25.69
C PRO D 151 -15.95 -24.05 -24.48
N GLU D 152 -15.87 -24.88 -23.45
CA GLU D 152 -15.25 -24.49 -22.19
C GLU D 152 -13.76 -24.19 -22.34
N THR D 153 -13.14 -24.57 -23.46
CA THR D 153 -11.73 -24.27 -23.69
C THR D 153 -11.48 -22.79 -23.97
N PHE D 154 -12.52 -22.00 -24.17
CA PHE D 154 -12.40 -20.56 -24.40
C PHE D 154 -12.73 -19.79 -23.13
N LEU D 155 -12.04 -18.66 -22.94
CA LEU D 155 -12.31 -17.79 -21.81
C LEU D 155 -12.39 -16.35 -22.28
N PRO D 156 -13.34 -15.58 -21.75
CA PRO D 156 -13.43 -14.17 -22.14
C PRO D 156 -12.29 -13.36 -21.55
N VAL D 157 -11.70 -12.51 -22.38
CA VAL D 157 -10.61 -11.63 -21.97
C VAL D 157 -10.93 -10.17 -22.17
N TYR D 158 -12.07 -9.83 -22.77
CA TYR D 158 -12.43 -8.45 -23.02
C TYR D 158 -13.94 -8.34 -23.14
N MET D 159 -14.49 -7.24 -22.61
CA MET D 159 -15.92 -6.94 -22.75
C MET D 159 -16.05 -5.42 -22.81
N SER D 160 -16.45 -4.90 -23.97
CA SER D 160 -16.50 -3.47 -24.17
C SER D 160 -17.68 -2.85 -23.44
N GLN D 161 -17.75 -1.52 -23.48
CA GLN D 161 -18.93 -0.83 -23.00
C GLN D 161 -20.13 -1.11 -23.92
N THR D 162 -21.32 -0.79 -23.42
CA THR D 162 -22.53 -0.98 -24.20
C THR D 162 -22.72 0.23 -25.13
N PHE D 163 -22.90 -0.06 -26.42
CA PHE D 163 -23.18 0.96 -27.43
C PHE D 163 -24.64 0.91 -27.84
N CYS D 164 -25.07 1.92 -28.59
CA CYS D 164 -26.47 2.04 -28.98
C CYS D 164 -26.56 2.46 -30.45
N THR D 165 -27.41 1.74 -31.19
CA THR D 165 -27.73 2.08 -32.57
C THR D 165 -29.22 1.82 -32.79
N LYS D 166 -29.97 2.89 -33.09
CA LYS D 166 -31.42 2.80 -33.28
C LYS D 166 -32.10 2.15 -32.08
N ASN D 167 -31.68 2.58 -30.88
CA ASN D 167 -32.20 2.08 -29.60
C ASN D 167 -31.93 0.59 -29.39
N ILE D 168 -30.86 0.07 -29.98
CA ILE D 168 -30.47 -1.32 -29.82
C ILE D 168 -29.12 -1.37 -29.12
N SER D 169 -29.07 -2.06 -27.98
CA SER D 169 -27.84 -2.20 -27.22
C SER D 169 -27.02 -3.38 -27.75
N TYR D 170 -25.69 -3.21 -27.73
CA TYR D 170 -24.82 -4.29 -28.15
C TYR D 170 -23.44 -4.12 -27.53
N ASP D 171 -22.75 -5.24 -27.34
CA ASP D 171 -21.43 -5.31 -26.72
C ASP D 171 -20.40 -5.83 -27.73
N PHE D 172 -19.14 -5.75 -27.32
CA PHE D 172 -18.04 -6.36 -28.07
C PHE D 172 -17.17 -7.14 -27.09
N MET D 173 -17.07 -8.45 -27.30
CA MET D 173 -16.29 -9.33 -26.44
C MET D 173 -15.26 -10.10 -27.24
N ILE D 174 -14.19 -10.50 -26.55
CA ILE D 174 -13.13 -11.32 -27.11
C ILE D 174 -12.99 -12.56 -26.24
N PHE D 175 -13.03 -13.73 -26.86
CA PHE D 175 -12.79 -15.00 -26.19
C PHE D 175 -11.47 -15.58 -26.67
N GLU D 176 -10.69 -16.14 -25.75
CA GLU D 176 -9.39 -16.70 -26.07
C GLU D 176 -9.32 -18.16 -25.61
N LYS D 177 -8.65 -18.97 -26.40
CA LYS D 177 -8.48 -20.39 -26.09
C LYS D 177 -7.32 -20.56 -25.11
N GLN D 178 -7.59 -21.20 -23.98
CA GLN D 178 -6.57 -21.40 -22.96
C GLN D 178 -5.59 -22.48 -23.40
N GLU D 179 -4.30 -22.15 -23.38
CA GLU D 179 -3.25 -23.07 -23.79
C GLU D 179 -2.54 -23.67 -22.57
N LEU D 193 6.56 -5.78 -14.91
CA LEU D 193 7.84 -6.44 -14.67
C LEU D 193 7.84 -7.22 -13.37
N LYS D 194 8.58 -8.34 -13.34
CA LYS D 194 8.60 -9.19 -12.16
C LYS D 194 9.36 -8.54 -11.01
N SER D 195 10.34 -7.69 -11.33
CA SER D 195 11.12 -7.04 -10.27
C SER D 195 10.28 -6.08 -9.46
N ILE D 196 9.25 -5.48 -10.07
CA ILE D 196 8.37 -4.58 -9.33
C ILE D 196 7.41 -5.37 -8.45
N ASP D 197 6.83 -6.46 -8.98
CA ASP D 197 5.92 -7.27 -8.19
C ASP D 197 6.61 -7.86 -6.97
N ASP D 198 7.88 -8.27 -7.11
CA ASP D 198 8.61 -8.82 -5.97
C ASP D 198 8.92 -7.74 -4.94
N THR D 199 9.36 -6.57 -5.39
CA THR D 199 9.70 -5.50 -4.46
C THR D 199 8.48 -5.03 -3.68
N VAL D 200 7.32 -4.94 -4.33
CA VAL D 200 6.10 -4.53 -3.65
C VAL D 200 5.66 -5.60 -2.65
N ASP D 201 5.81 -6.88 -3.00
CA ASP D 201 5.48 -7.95 -2.07
C ASP D 201 6.36 -7.90 -0.83
N LEU D 202 7.67 -7.67 -1.02
CA LEU D 202 8.59 -7.64 0.11
C LEU D 202 8.30 -6.46 1.03
N LEU D 203 8.02 -5.29 0.46
CA LEU D 203 7.63 -4.15 1.28
C LEU D 203 6.31 -4.40 2.01
N GLY D 204 5.43 -5.21 1.40
CA GLY D 204 4.20 -5.59 2.08
C GLY D 204 4.40 -6.59 3.19
N GLU D 205 5.52 -7.32 3.18
CA GLU D 205 5.83 -8.21 4.30
C GLU D 205 6.51 -7.45 5.43
N ILE D 206 7.34 -6.46 5.10
CA ILE D 206 8.01 -5.64 6.11
C ILE D 206 6.98 -4.82 6.86
N PHE D 207 6.37 -3.85 6.18
CA PHE D 207 5.29 -3.08 6.75
C PHE D 207 4.00 -3.87 6.65
N GLY D 208 3.24 -3.93 7.73
CA GLY D 208 1.97 -4.63 7.70
C GLY D 208 0.90 -3.77 7.06
N ILE D 209 -0.08 -3.34 7.88
CA ILE D 209 -1.07 -2.39 7.42
C ILE D 209 -0.52 -0.97 7.35
N ARG D 210 0.76 -0.78 7.64
CA ARG D 210 1.38 0.53 7.47
C ARG D 210 1.52 0.89 6.00
N LYS D 211 1.71 -0.11 5.14
CA LYS D 211 1.71 0.10 3.70
C LYS D 211 0.26 0.17 3.21
N MET D 212 -0.12 1.33 2.65
CA MET D 212 -1.51 1.57 2.31
C MET D 212 -2.05 0.54 1.30
N GLY D 213 -1.19 0.01 0.44
CA GLY D 213 -1.62 -1.01 -0.50
C GLY D 213 -2.23 -2.22 0.17
N ASN D 214 -1.75 -2.57 1.37
CA ASN D 214 -2.27 -3.72 2.08
C ASN D 214 -3.68 -3.49 2.63
N ARG D 215 -4.11 -2.25 2.76
CA ARG D 215 -5.48 -1.95 3.13
C ARG D 215 -6.42 -1.88 1.92
N HIS D 216 -5.86 -1.91 0.71
CA HIS D 216 -6.64 -1.95 -0.53
C HIS D 216 -6.17 -3.13 -1.38
N LYS D 217 -6.22 -4.33 -0.80
CA LYS D 217 -5.74 -5.52 -1.49
C LYS D 217 -6.62 -5.85 -2.69
N PHE D 218 -5.98 -6.28 -3.77
CA PHE D 218 -6.71 -6.67 -4.96
C PHE D 218 -7.58 -7.90 -4.66
N PRO D 219 -8.80 -7.95 -5.17
CA PRO D 219 -9.70 -9.06 -4.83
C PRO D 219 -9.16 -10.39 -5.35
N LYS D 220 -9.33 -11.43 -4.53
CA LYS D 220 -8.96 -12.77 -4.92
C LYS D 220 -9.85 -13.26 -6.06
N GLU D 221 -9.33 -14.25 -6.81
CA GLU D 221 -10.04 -14.75 -7.98
C GLU D 221 -11.40 -15.33 -7.63
N GLU D 222 -11.52 -15.96 -6.46
CA GLU D 222 -12.77 -16.61 -6.08
C GLU D 222 -13.92 -15.64 -5.86
N ILE D 223 -13.65 -14.34 -5.74
CA ILE D 223 -14.67 -13.33 -5.54
C ILE D 223 -14.61 -12.26 -6.63
N TYR D 224 -13.91 -12.55 -7.72
CA TYR D 224 -13.76 -11.61 -8.84
C TYR D 224 -14.67 -12.07 -9.97
N ASN D 225 -15.58 -11.19 -10.39
CA ASN D 225 -16.54 -11.55 -11.43
C ASN D 225 -15.84 -11.72 -12.77
N THR D 226 -16.01 -12.89 -13.40
CA THR D 226 -15.39 -13.24 -14.67
C THR D 226 -13.89 -12.97 -14.59
N PRO D 227 -13.14 -13.78 -13.84
CA PRO D 227 -11.74 -13.44 -13.55
C PRO D 227 -10.84 -13.42 -14.77
N SER D 228 -11.19 -14.13 -15.83
CA SER D 228 -10.33 -14.18 -17.02
C SER D 228 -10.21 -12.84 -17.71
N ILE D 229 -11.18 -11.93 -17.51
CA ILE D 229 -11.10 -10.59 -18.07
C ILE D 229 -10.24 -9.74 -17.15
N ARG D 230 -8.95 -9.64 -17.45
CA ARG D 230 -8.01 -8.93 -16.60
C ARG D 230 -7.80 -7.49 -17.03
N PHE D 231 -7.47 -7.28 -18.31
CA PHE D 231 -7.14 -5.95 -18.81
C PHE D 231 -8.25 -5.34 -19.66
N GLY D 232 -9.40 -6.01 -19.77
CA GLY D 232 -10.47 -5.52 -20.62
C GLY D 232 -11.80 -5.40 -19.93
N ARG D 233 -11.81 -4.87 -18.71
CA ARG D 233 -13.06 -4.68 -17.97
C ARG D 233 -13.69 -3.34 -18.31
N GLU D 234 -14.02 -3.19 -19.59
CA GLU D 234 -14.54 -1.91 -20.08
C GLU D 234 -16.01 -1.71 -19.74
N HIS D 235 -16.79 -2.79 -19.74
CA HIS D 235 -18.21 -2.68 -19.41
C HIS D 235 -18.37 -2.07 -18.02
N TYR D 236 -19.12 -0.99 -17.95
CA TYR D 236 -19.21 -0.19 -16.73
C TYR D 236 -20.06 -0.82 -15.65
N GLU D 237 -20.65 -2.00 -15.89
CA GLU D 237 -21.22 -2.75 -14.79
C GLU D 237 -20.13 -3.32 -13.88
N PHE D 238 -18.92 -3.49 -14.42
CA PHE D 238 -17.79 -3.90 -13.60
C PHE D 238 -17.45 -2.87 -12.55
N GLN D 239 -17.80 -1.59 -12.78
CA GLN D 239 -17.59 -0.57 -11.77
C GLN D 239 -18.37 -0.88 -10.49
N TYR D 240 -19.51 -1.56 -10.62
CA TYR D 240 -20.29 -1.99 -9.47
C TYR D 240 -19.87 -3.35 -8.95
N LEU D 241 -19.61 -4.31 -9.86
CA LEU D 241 -19.27 -5.65 -9.43
C LEU D 241 -17.90 -5.71 -8.78
N ASP D 242 -16.95 -4.89 -9.23
CA ASP D 242 -15.63 -4.88 -8.61
C ASP D 242 -15.67 -4.22 -7.24
N LEU D 243 -16.61 -3.30 -7.01
CA LEU D 243 -16.75 -2.72 -5.69
C LEU D 243 -17.26 -3.76 -4.70
N LEU D 244 -18.18 -4.62 -5.13
CA LEU D 244 -18.57 -5.76 -4.29
C LEU D 244 -17.37 -6.63 -3.96
N SER D 245 -16.52 -6.90 -4.94
CA SER D 245 -15.33 -7.71 -4.70
C SER D 245 -14.38 -7.02 -3.74
N ARG D 246 -14.19 -5.71 -3.90
CA ARG D 246 -13.28 -4.98 -3.02
C ARG D 246 -13.77 -4.98 -1.58
N VAL D 247 -15.09 -4.97 -1.38
CA VAL D 247 -15.62 -5.01 -0.03
C VAL D 247 -15.44 -6.40 0.57
N LEU D 248 -15.71 -7.45 -0.22
CA LEU D 248 -15.51 -8.81 0.28
C LEU D 248 -14.04 -9.08 0.62
N GLU D 249 -13.12 -8.36 -0.01
CA GLU D 249 -11.69 -8.57 0.20
C GLU D 249 -11.16 -7.76 1.37
N ASN D 250 -11.52 -6.47 1.46
CA ASN D 250 -10.96 -5.57 2.45
C ASN D 250 -11.98 -5.06 3.47
N GLY D 251 -13.22 -5.52 3.40
CA GLY D 251 -14.25 -4.97 4.27
C GLY D 251 -14.02 -5.37 5.71
N ALA D 252 -14.01 -4.39 6.61
CA ALA D 252 -13.88 -4.65 8.03
C ALA D 252 -15.25 -4.96 8.62
N TYR D 253 -15.31 -6.03 9.43
CA TYR D 253 -16.56 -6.40 10.09
C TYR D 253 -16.89 -5.37 11.16
N ARG D 254 -18.03 -4.68 10.99
CA ARG D 254 -18.39 -3.58 11.85
C ARG D 254 -19.86 -3.66 12.22
N GLU D 255 -20.17 -3.20 13.43
CA GLU D 255 -21.54 -3.13 13.92
C GLU D 255 -22.11 -1.74 13.65
N ASN D 256 -23.42 -1.68 13.44
CA ASN D 256 -24.08 -0.42 13.13
C ASN D 256 -25.40 -0.34 13.91
N ARG D 257 -26.20 0.68 13.62
CA ARG D 257 -27.44 0.92 14.34
C ARG D 257 -28.45 -0.21 14.18
N THR D 258 -28.27 -1.07 13.18
CA THR D 258 -29.12 -2.23 13.00
C THR D 258 -28.49 -3.46 13.64
N GLY D 259 -29.31 -4.48 13.85
CA GLY D 259 -28.77 -5.73 14.37
C GLY D 259 -27.91 -6.49 13.40
N ILE D 260 -27.91 -6.11 12.13
CA ILE D 260 -27.17 -6.79 11.07
C ILE D 260 -25.86 -6.04 10.84
N SER D 261 -24.75 -6.68 11.15
CA SER D 261 -23.44 -6.10 10.94
C SER D 261 -23.06 -6.18 9.46
N THR D 262 -22.09 -5.34 9.07
CA THR D 262 -21.67 -5.25 7.68
C THR D 262 -20.16 -5.42 7.57
N TYR D 263 -19.71 -5.63 6.34
CA TYR D 263 -18.30 -5.55 5.97
C TYR D 263 -18.12 -4.24 5.21
N SER D 264 -17.26 -3.37 5.72
CA SER D 264 -17.24 -1.97 5.29
C SER D 264 -15.85 -1.53 4.88
N ILE D 265 -15.79 -0.66 3.87
CA ILE D 265 -14.60 0.11 3.51
C ILE D 265 -15.03 1.54 3.27
N PHE D 266 -14.05 2.44 3.27
CA PHE D 266 -14.29 3.87 3.20
C PHE D 266 -13.59 4.48 1.99
N GLY D 267 -14.34 5.25 1.20
CA GLY D 267 -13.79 5.95 0.05
C GLY D 267 -13.70 5.15 -1.23
N GLN D 268 -14.79 5.11 -1.99
CA GLN D 268 -14.84 4.39 -3.26
C GLN D 268 -15.60 5.23 -4.29
N MET D 269 -15.54 4.81 -5.54
CA MET D 269 -16.22 5.53 -6.60
C MET D 269 -16.60 4.59 -7.74
N MET D 270 -17.60 4.99 -8.51
CA MET D 270 -18.08 4.26 -9.68
C MET D 270 -18.39 5.25 -10.79
N ARG D 271 -18.03 4.90 -12.01
CA ARG D 271 -18.38 5.69 -13.19
C ARG D 271 -19.36 4.90 -14.06
N PHE D 272 -20.28 5.63 -14.70
CA PHE D 272 -21.23 5.01 -15.60
C PHE D 272 -21.46 5.92 -16.79
N ASP D 273 -21.51 5.31 -17.97
CA ASP D 273 -21.87 6.03 -19.19
C ASP D 273 -23.39 6.08 -19.30
N MET D 274 -23.90 7.21 -19.78
CA MET D 274 -25.31 7.37 -20.06
C MET D 274 -25.59 7.81 -21.49
N ARG D 275 -24.55 7.97 -22.32
CA ARG D 275 -24.74 8.39 -23.70
C ARG D 275 -25.26 7.24 -24.56
N GLU D 276 -24.68 6.06 -24.42
CA GLU D 276 -24.99 4.93 -25.29
C GLU D 276 -25.72 3.80 -24.58
N SER D 277 -26.10 3.99 -23.32
CA SER D 277 -26.78 2.94 -22.57
C SER D 277 -27.34 3.54 -21.28
N PHE D 278 -28.08 2.72 -20.55
CA PHE D 278 -28.63 3.10 -19.26
C PHE D 278 -28.09 2.17 -18.19
N PRO D 279 -27.40 2.69 -17.16
CA PRO D 279 -26.74 1.80 -16.19
C PRO D 279 -27.70 1.09 -15.26
N LEU D 280 -28.49 0.17 -15.80
CA LEU D 280 -29.33 -0.70 -15.02
C LEU D 280 -28.69 -2.08 -14.99
N LEU D 281 -28.39 -2.58 -13.79
CA LEU D 281 -27.63 -3.81 -13.65
C LEU D 281 -28.30 -4.98 -14.37
N THR D 282 -27.48 -5.82 -15.00
CA THR D 282 -27.97 -7.00 -15.71
C THR D 282 -27.76 -8.28 -14.92
N THR D 283 -26.84 -8.29 -13.96
CA THR D 283 -26.59 -9.47 -13.14
C THR D 283 -27.71 -9.73 -12.13
N LYS D 284 -28.69 -8.84 -12.05
CA LYS D 284 -29.86 -9.02 -11.19
C LYS D 284 -31.00 -8.21 -11.77
N LYS D 285 -32.19 -8.81 -11.80
CA LYS D 285 -33.37 -8.06 -12.25
C LYS D 285 -33.68 -6.98 -11.23
N VAL D 286 -33.55 -5.72 -11.63
CA VAL D 286 -33.75 -4.58 -10.75
C VAL D 286 -35.16 -4.04 -10.98
N ALA D 287 -35.86 -3.75 -9.88
CA ALA D 287 -37.20 -3.19 -9.97
C ALA D 287 -37.16 -1.76 -10.48
N ILE D 288 -37.19 -1.59 -11.81
CA ILE D 288 -37.05 -0.27 -12.39
C ILE D 288 -38.26 0.60 -12.06
N ARG D 289 -39.45 0.00 -11.93
CA ARG D 289 -40.63 0.79 -11.64
C ARG D 289 -40.57 1.40 -10.25
N SER D 290 -40.09 0.63 -9.27
CA SER D 290 -39.97 1.16 -7.92
C SER D 290 -38.92 2.27 -7.86
N ILE D 291 -37.88 2.18 -8.70
CA ILE D 291 -36.88 3.24 -8.74
C ILE D 291 -37.49 4.53 -9.25
N PHE D 292 -38.26 4.45 -10.34
CA PHE D 292 -38.88 5.64 -10.89
C PHE D 292 -39.90 6.24 -9.92
N GLU D 293 -40.76 5.39 -9.35
CA GLU D 293 -41.83 5.88 -8.49
C GLU D 293 -41.26 6.54 -7.23
N GLU D 294 -40.07 6.14 -6.80
CA GLU D 294 -39.41 6.82 -5.71
C GLU D 294 -38.80 8.14 -6.15
N LEU D 295 -38.27 8.20 -7.38
CA LEU D 295 -37.63 9.41 -7.87
C LEU D 295 -38.65 10.52 -8.12
N ILE D 296 -39.76 10.19 -8.80
CA ILE D 296 -40.80 11.18 -9.01
C ILE D 296 -41.44 11.57 -7.69
N TRP D 297 -41.42 10.67 -6.71
CA TRP D 297 -41.86 11.00 -5.36
C TRP D 297 -40.96 12.05 -4.74
N PHE D 298 -39.65 11.97 -4.99
CA PHE D 298 -38.73 13.01 -4.54
C PHE D 298 -38.98 14.31 -5.30
N ILE D 299 -39.10 14.24 -6.62
CA ILE D 299 -39.21 15.44 -7.43
C ILE D 299 -40.45 16.25 -7.06
N LYS D 300 -41.57 15.56 -6.81
CA LYS D 300 -42.80 16.25 -6.43
C LYS D 300 -42.73 16.87 -5.05
N GLY D 301 -41.66 16.63 -4.29
CA GLY D 301 -41.54 17.19 -2.97
C GLY D 301 -42.27 16.44 -1.89
N ASP D 302 -42.64 15.19 -2.14
CA ASP D 302 -43.54 14.46 -1.25
C ASP D 302 -42.75 13.68 -0.21
N THR D 303 -43.26 13.70 1.03
CA THR D 303 -42.73 12.88 2.11
C THR D 303 -43.77 11.94 2.69
N ASN D 304 -44.95 11.87 2.07
CA ASN D 304 -46.01 10.96 2.52
C ASN D 304 -45.66 9.56 2.06
N GLY D 305 -45.30 8.69 3.01
CA GLY D 305 -44.91 7.34 2.66
C GLY D 305 -46.05 6.48 2.15
N ASN D 306 -47.30 6.88 2.39
CA ASN D 306 -48.43 6.09 1.93
C ASN D 306 -48.59 6.17 0.42
N HIS D 307 -48.20 7.31 -0.18
CA HIS D 307 -48.34 7.47 -1.62
C HIS D 307 -47.50 6.47 -2.39
N LEU D 308 -46.38 6.01 -1.81
CA LEU D 308 -45.61 4.94 -2.43
C LEU D 308 -46.26 3.59 -2.22
N ILE D 309 -46.83 3.36 -1.02
CA ILE D 309 -47.50 2.10 -0.74
C ILE D 309 -48.77 1.98 -1.57
N GLU D 310 -49.46 3.10 -1.83
CA GLU D 310 -50.64 3.06 -2.67
C GLU D 310 -50.29 2.66 -4.09
N LYS D 311 -49.08 2.96 -4.54
CA LYS D 311 -48.58 2.53 -5.85
C LYS D 311 -47.80 1.23 -5.79
N LYS D 312 -47.97 0.45 -4.72
CA LYS D 312 -47.34 -0.87 -4.57
C LYS D 312 -45.81 -0.77 -4.57
N VAL D 313 -45.28 0.22 -3.85
CA VAL D 313 -43.84 0.39 -3.66
C VAL D 313 -43.59 0.40 -2.15
N TYR D 314 -42.94 -0.64 -1.65
CA TYR D 314 -42.79 -0.86 -0.21
C TYR D 314 -41.35 -0.70 0.26
N ILE D 315 -40.56 0.12 -0.42
CA ILE D 315 -39.16 0.25 -0.04
C ILE D 315 -38.99 1.11 1.22
N TRP D 316 -39.92 2.03 1.48
CA TRP D 316 -39.86 2.90 2.65
C TRP D 316 -40.79 2.46 3.76
N SER D 317 -41.25 1.22 3.74
CA SER D 317 -42.13 0.73 4.79
C SER D 317 -41.38 0.49 6.09
N GLY D 318 -40.14 0.00 5.99
CA GLY D 318 -39.39 -0.33 7.19
C GLY D 318 -39.03 0.88 8.03
N ASN D 319 -38.58 1.96 7.39
CA ASN D 319 -38.23 3.18 8.10
C ASN D 319 -39.43 4.09 8.33
N GLY D 320 -40.63 3.62 8.03
CA GLY D 320 -41.83 4.43 8.25
C GLY D 320 -42.94 3.65 8.91
N SER D 321 -42.60 2.81 9.87
CA SER D 321 -43.57 2.05 10.64
C SER D 321 -43.70 2.66 12.03
N LYS D 322 -44.80 2.30 12.71
CA LYS D 322 -45.04 2.83 14.04
C LYS D 322 -43.97 2.36 15.01
N GLU D 323 -43.51 1.11 14.87
CA GLU D 323 -42.50 0.57 15.78
C GLU D 323 -41.14 1.18 15.53
N TYR D 324 -40.80 1.47 14.26
CA TYR D 324 -39.52 2.09 13.98
C TYR D 324 -39.50 3.55 14.42
N LEU D 325 -40.59 4.28 14.18
CA LEU D 325 -40.63 5.70 14.52
C LEU D 325 -40.60 5.90 16.03
N GLU D 326 -41.31 5.07 16.80
CA GLU D 326 -41.26 5.19 18.24
C GLU D 326 -39.88 4.83 18.79
N ARG D 327 -39.17 3.91 18.12
CA ARG D 327 -37.86 3.50 18.60
C ARG D 327 -36.82 4.60 18.39
N ILE D 328 -36.93 5.37 17.31
CA ILE D 328 -35.94 6.42 17.03
C ILE D 328 -36.32 7.76 17.63
N GLY D 329 -37.42 7.83 18.38
CA GLY D 329 -37.80 9.04 19.07
C GLY D 329 -38.86 9.88 18.40
N LEU D 330 -39.60 9.34 17.43
CA LEU D 330 -40.66 10.09 16.76
C LEU D 330 -41.99 9.36 16.90
N GLY D 331 -42.35 9.01 18.14
CA GLY D 331 -43.57 8.25 18.37
C GLY D 331 -44.84 9.01 18.06
N HIS D 332 -44.81 10.33 18.23
CA HIS D 332 -45.98 11.16 17.94
C HIS D 332 -46.17 11.40 16.45
N ARG D 333 -45.23 10.97 15.62
CA ARG D 333 -45.35 11.12 14.18
C ARG D 333 -46.37 10.13 13.63
N GLU D 334 -47.06 10.53 12.56
CA GLU D 334 -48.03 9.64 11.95
C GLU D 334 -47.34 8.43 11.34
N GLU D 335 -48.13 7.40 11.04
CA GLU D 335 -47.63 6.09 10.62
C GLU D 335 -46.48 6.19 9.60
N ASN D 336 -46.75 6.72 8.42
CA ASN D 336 -45.76 6.78 7.35
C ASN D 336 -45.28 8.20 7.08
N ASP D 337 -45.26 9.05 8.10
CA ASP D 337 -44.76 10.43 7.94
C ASP D 337 -43.25 10.40 8.15
N LEU D 338 -42.51 10.43 7.03
CA LEU D 338 -41.06 10.28 7.08
C LEU D 338 -40.34 11.57 7.49
N GLY D 339 -41.04 12.69 7.55
CA GLY D 339 -40.41 13.94 7.94
C GLY D 339 -39.70 14.59 6.78
N PRO D 340 -38.96 15.66 7.05
CA PRO D 340 -38.29 16.38 5.96
C PRO D 340 -37.09 15.63 5.42
N ILE D 341 -37.21 15.04 4.24
CA ILE D 341 -36.15 14.19 3.70
C ILE D 341 -35.94 14.58 2.25
N TYR D 342 -35.39 13.66 1.44
CA TYR D 342 -35.31 13.88 0.01
C TYR D 342 -36.63 14.41 -0.53
N GLY D 343 -36.53 15.40 -1.41
CA GLY D 343 -37.68 16.08 -1.97
C GLY D 343 -38.31 17.13 -1.09
N PHE D 344 -38.00 17.17 0.20
CA PHE D 344 -38.40 18.30 1.00
C PHE D 344 -37.26 19.29 1.16
N GLN D 345 -36.03 18.79 1.25
CA GLN D 345 -34.87 19.65 1.11
C GLN D 345 -34.63 20.03 -0.35
N TRP D 346 -35.16 19.25 -1.29
CA TRP D 346 -35.06 19.60 -2.70
C TRP D 346 -35.94 20.80 -3.04
N ARG D 347 -37.18 20.80 -2.55
CA ARG D 347 -38.16 21.81 -2.94
C ARG D 347 -38.42 22.85 -1.87
N HIS D 348 -38.19 22.55 -0.60
CA HIS D 348 -38.47 23.47 0.49
C HIS D 348 -37.35 23.39 1.53
N TYR D 349 -36.14 23.77 1.11
CA TYR D 349 -34.99 23.67 1.99
C TYR D 349 -35.11 24.68 3.14
N ASN D 350 -34.79 24.22 4.35
CA ASN D 350 -34.89 24.99 5.59
C ASN D 350 -36.33 25.35 5.95
N GLY D 351 -37.32 24.75 5.29
CA GLY D 351 -38.70 25.06 5.61
C GLY D 351 -39.13 24.34 6.88
N GLU D 352 -39.79 25.08 7.78
CA GLU D 352 -40.23 24.50 9.04
C GLU D 352 -41.27 23.42 8.79
N TYR D 353 -40.95 22.19 9.15
CA TYR D 353 -41.80 21.04 8.88
C TYR D 353 -42.80 20.84 10.01
N LYS D 354 -44.04 20.53 9.65
CA LYS D 354 -45.06 20.16 10.62
C LYS D 354 -45.45 18.71 10.41
N THR D 355 -46.29 18.45 9.41
CA THR D 355 -46.66 17.10 9.03
C THR D 355 -46.58 16.97 7.51
N MET D 356 -46.93 15.78 7.02
CA MET D 356 -46.94 15.50 5.59
C MET D 356 -48.22 15.96 4.91
N HIS D 357 -49.20 16.47 5.68
CA HIS D 357 -50.47 16.91 5.12
C HIS D 357 -50.53 18.42 4.90
N ASP D 358 -49.62 19.19 5.48
CA ASP D 358 -49.67 20.63 5.39
C ASP D 358 -49.21 21.10 4.01
N ASP D 359 -49.49 22.36 3.71
CA ASP D 359 -49.14 22.97 2.44
C ASP D 359 -47.82 23.72 2.59
N TYR D 360 -46.82 23.33 1.80
CA TYR D 360 -45.50 23.94 1.87
C TYR D 360 -45.16 24.73 0.62
N THR D 361 -46.13 24.98 -0.26
CA THR D 361 -45.89 25.74 -1.48
C THR D 361 -45.58 27.19 -1.10
N GLY D 362 -44.32 27.59 -1.31
CA GLY D 362 -43.86 28.94 -1.02
C GLY D 362 -42.78 29.00 0.05
N VAL D 363 -42.82 28.07 1.00
CA VAL D 363 -41.85 28.06 2.09
C VAL D 363 -40.61 27.28 1.64
N GLY D 364 -39.46 27.69 2.16
CA GLY D 364 -38.22 27.02 1.85
C GLY D 364 -37.63 27.47 0.52
N VAL D 365 -36.43 26.95 0.24
CA VAL D 365 -35.72 27.23 -0.98
C VAL D 365 -35.96 26.08 -1.95
N ASP D 366 -36.45 26.40 -3.15
CA ASP D 366 -36.70 25.40 -4.19
C ASP D 366 -35.42 25.20 -4.96
N GLN D 367 -34.59 24.24 -4.49
CA GLN D 367 -33.33 23.97 -5.13
C GLN D 367 -33.52 23.41 -6.54
N LEU D 368 -34.46 22.48 -6.70
CA LEU D 368 -34.67 21.84 -8.00
C LEU D 368 -35.03 22.86 -9.06
N ALA D 369 -35.88 23.83 -8.71
CA ALA D 369 -36.22 24.89 -9.65
C ALA D 369 -35.01 25.76 -9.96
N LYS D 370 -34.28 26.18 -8.92
CA LYS D 370 -33.09 26.98 -9.14
C LYS D 370 -32.03 26.21 -9.91
N LEU D 371 -31.97 24.89 -9.72
CA LEU D 371 -31.03 24.07 -10.48
C LEU D 371 -31.38 24.09 -11.96
N ILE D 372 -32.66 23.88 -12.29
CA ILE D 372 -33.08 23.85 -13.68
C ILE D 372 -32.88 25.21 -14.34
N GLU D 373 -33.22 26.30 -13.64
CA GLU D 373 -33.05 27.62 -14.21
C GLU D 373 -31.58 27.93 -14.45
N THR D 374 -30.70 27.51 -13.52
CA THR D 374 -29.27 27.76 -13.68
C THR D 374 -28.67 26.88 -14.76
N LEU D 375 -29.21 25.68 -14.95
CA LEU D 375 -28.64 24.75 -15.92
C LEU D 375 -28.78 25.27 -17.35
N LYS D 376 -29.87 25.96 -17.67
CA LYS D 376 -30.09 26.44 -19.02
C LYS D 376 -29.78 27.93 -19.20
N ASN D 377 -29.61 28.68 -18.11
CA ASN D 377 -29.24 30.08 -18.21
C ASN D 377 -27.74 30.30 -18.08
N ASN D 378 -27.05 29.45 -17.32
CA ASN D 378 -25.60 29.53 -17.16
C ASN D 378 -25.05 28.12 -17.11
N PRO D 379 -24.87 27.48 -18.28
CA PRO D 379 -24.47 26.07 -18.27
C PRO D 379 -23.06 25.84 -17.74
N LYS D 380 -22.12 26.71 -18.06
CA LYS D 380 -20.75 26.56 -17.60
C LYS D 380 -20.55 27.01 -16.15
N ASP D 381 -21.63 27.32 -15.45
CA ASP D 381 -21.55 27.63 -14.03
C ASP D 381 -21.08 26.40 -13.25
N ARG D 382 -20.26 26.64 -12.24
CA ARG D 382 -19.68 25.57 -11.43
C ARG D 382 -20.39 25.40 -10.10
N ARG D 383 -21.69 25.73 -10.03
CA ARG D 383 -22.44 25.69 -8.78
C ARG D 383 -23.79 24.98 -8.93
N HIS D 384 -23.94 24.13 -9.94
CA HIS D 384 -25.19 23.38 -10.14
C HIS D 384 -25.24 22.25 -9.11
N ILE D 385 -25.65 22.61 -7.89
CA ILE D 385 -25.56 21.72 -6.74
C ILE D 385 -26.95 21.54 -6.14
N LEU D 386 -27.30 20.29 -5.85
CA LEU D 386 -28.52 19.93 -5.15
C LEU D 386 -28.13 19.17 -3.89
N THR D 387 -28.47 19.72 -2.73
CA THR D 387 -28.08 19.12 -1.46
C THR D 387 -29.31 18.71 -0.66
N ALA D 388 -29.12 17.70 0.20
CA ALA D 388 -30.16 17.24 1.09
C ALA D 388 -29.72 17.21 2.53
N TRP D 389 -28.45 17.51 2.82
CA TRP D 389 -27.95 17.45 4.19
C TRP D 389 -28.28 18.76 4.89
N ASN D 390 -29.27 18.73 5.77
CA ASN D 390 -29.69 19.90 6.54
C ASN D 390 -29.50 19.61 8.01
N PRO D 391 -28.43 20.11 8.64
CA PRO D 391 -28.21 19.85 10.07
C PRO D 391 -29.36 20.29 10.95
N SER D 392 -30.17 21.26 10.51
CA SER D 392 -31.28 21.72 11.34
C SER D 392 -32.43 20.73 11.37
N ALA D 393 -32.62 19.96 10.30
CA ALA D 393 -33.75 19.06 10.18
C ALA D 393 -33.39 17.59 10.38
N LEU D 394 -32.13 17.29 10.70
CA LEU D 394 -31.71 15.89 10.82
C LEU D 394 -32.50 15.16 11.91
N SER D 395 -32.77 15.84 13.03
CA SER D 395 -33.49 15.18 14.12
C SER D 395 -34.92 14.82 13.73
N GLN D 396 -35.55 15.63 12.88
CA GLN D 396 -36.93 15.36 12.48
C GLN D 396 -37.04 14.27 11.43
N MET D 397 -35.94 13.85 10.82
CA MET D 397 -36.01 12.89 9.72
C MET D 397 -36.17 11.47 10.24
N ALA D 398 -36.95 10.67 9.51
CA ALA D 398 -37.02 9.24 9.80
C ALA D 398 -35.71 8.54 9.50
N LEU D 399 -34.90 9.11 8.61
CA LEU D 399 -33.59 8.58 8.25
C LEU D 399 -32.80 9.67 7.53
N PRO D 400 -31.59 10.00 7.99
CA PRO D 400 -30.81 11.04 7.33
C PRO D 400 -30.49 10.67 5.90
N PRO D 401 -30.20 11.65 5.05
CA PRO D 401 -29.98 11.37 3.63
C PRO D 401 -28.75 10.51 3.41
N CYS D 402 -28.89 9.51 2.55
CA CYS D 402 -27.76 8.67 2.13
C CYS D 402 -27.09 9.23 0.89
N HIS D 403 -27.84 9.45 -0.19
CA HIS D 403 -27.35 10.27 -1.30
C HIS D 403 -27.49 11.72 -0.84
N VAL D 404 -26.36 12.31 -0.44
CA VAL D 404 -26.37 13.53 0.35
C VAL D 404 -26.30 14.77 -0.54
N LEU D 405 -25.41 14.77 -1.53
CA LEU D 405 -25.19 15.96 -2.33
C LEU D 405 -24.83 15.55 -3.74
N SER D 406 -25.36 16.28 -4.72
CA SER D 406 -25.12 15.98 -6.12
C SER D 406 -24.83 17.26 -6.90
N GLN D 407 -23.88 17.17 -7.83
CA GLN D 407 -23.48 18.28 -8.67
C GLN D 407 -23.65 17.90 -10.13
N TYR D 408 -23.95 18.90 -10.96
CA TYR D 408 -24.24 18.67 -12.37
C TYR D 408 -23.40 19.59 -13.23
N TYR D 409 -23.14 19.14 -14.46
CA TYR D 409 -22.11 19.74 -15.30
C TYR D 409 -22.54 19.64 -16.76
N VAL D 410 -22.50 20.76 -17.47
CA VAL D 410 -22.85 20.83 -18.88
C VAL D 410 -21.56 20.84 -19.70
N THR D 411 -21.40 19.85 -20.56
CA THR D 411 -20.19 19.74 -21.37
C THR D 411 -20.26 20.71 -22.55
N ASN D 412 -19.12 20.87 -23.23
CA ASN D 412 -19.07 21.75 -24.38
C ASN D 412 -19.92 21.25 -25.53
N ASP D 413 -20.18 19.94 -25.60
CA ASP D 413 -21.07 19.37 -26.62
C ASP D 413 -22.48 19.13 -26.08
N ASN D 414 -22.92 19.96 -25.13
CA ASN D 414 -24.30 20.00 -24.65
C ASN D 414 -24.76 18.64 -24.10
N CYS D 415 -23.92 18.06 -23.24
CA CYS D 415 -24.28 16.88 -22.48
C CYS D 415 -24.28 17.23 -21.00
N LEU D 416 -25.13 16.55 -20.23
CA LEU D 416 -25.29 16.78 -18.80
C LEU D 416 -24.72 15.61 -18.02
N SER D 417 -23.64 15.86 -17.29
CA SER D 417 -23.05 14.86 -16.40
C SER D 417 -23.46 15.12 -14.96
N CYS D 418 -23.31 14.09 -14.12
CA CYS D 418 -23.75 14.15 -12.74
C CYS D 418 -22.71 13.51 -11.83
N ASN D 419 -22.44 14.19 -10.72
CA ASN D 419 -21.61 13.65 -9.63
C ASN D 419 -22.48 13.56 -8.39
N LEU D 420 -22.35 12.45 -7.66
CA LEU D 420 -23.11 12.24 -6.44
C LEU D 420 -22.18 11.74 -5.34
N TYR D 421 -22.29 12.34 -4.15
CA TYR D 421 -21.61 11.83 -2.97
C TYR D 421 -22.61 11.09 -2.09
N GLN D 422 -22.29 9.84 -1.77
CA GLN D 422 -23.14 8.98 -0.96
C GLN D 422 -22.40 8.64 0.33
N ARG D 423 -22.94 9.07 1.46
CA ARG D 423 -22.26 8.86 2.74
C ARG D 423 -22.30 7.40 3.17
N SER D 424 -23.39 6.69 2.85
CA SER D 424 -23.56 5.30 3.25
C SER D 424 -24.24 4.57 2.11
N CYS D 425 -23.73 3.38 1.78
CA CYS D 425 -24.15 2.68 0.57
C CYS D 425 -24.37 1.21 0.88
N ASP D 426 -25.65 0.80 0.96
CA ASP D 426 -26.01 -0.61 0.99
C ASP D 426 -25.82 -1.18 -0.41
N LEU D 427 -24.70 -1.88 -0.62
CA LEU D 427 -24.36 -2.36 -1.95
C LEU D 427 -25.32 -3.45 -2.45
N GLY D 428 -26.08 -4.07 -1.56
CA GLY D 428 -27.00 -5.10 -1.98
C GLY D 428 -28.33 -4.58 -2.47
N LEU D 429 -28.83 -3.50 -1.85
CA LEU D 429 -30.15 -2.97 -2.17
C LEU D 429 -30.08 -1.51 -2.62
N GLY D 430 -29.53 -0.62 -1.80
CA GLY D 430 -29.56 0.80 -2.13
C GLY D 430 -28.73 1.15 -3.36
N SER D 431 -27.57 0.53 -3.51
CA SER D 431 -26.67 0.90 -4.60
C SER D 431 -27.26 0.68 -5.99
N PRO D 432 -27.86 -0.47 -6.31
CA PRO D 432 -28.50 -0.59 -7.63
C PRO D 432 -29.60 0.42 -7.85
N PHE D 433 -30.32 0.80 -6.80
CA PHE D 433 -31.33 1.85 -6.92
C PHE D 433 -30.69 3.20 -7.14
N ASN D 434 -29.66 3.53 -6.35
CA ASN D 434 -29.02 4.84 -6.46
C ASN D 434 -28.40 5.04 -7.84
N ILE D 435 -27.83 3.99 -8.42
CA ILE D 435 -27.22 4.11 -9.74
C ILE D 435 -28.27 4.46 -10.78
N ALA D 436 -29.37 3.71 -10.81
CA ALA D 436 -30.41 3.94 -11.80
C ALA D 436 -31.21 5.20 -11.50
N SER D 437 -31.43 5.51 -10.23
CA SER D 437 -32.27 6.66 -9.88
C SER D 437 -31.63 7.96 -10.34
N TYR D 438 -30.37 8.19 -9.99
CA TYR D 438 -29.71 9.42 -10.43
C TYR D 438 -29.38 9.40 -11.91
N ALA D 439 -29.42 8.23 -12.55
CA ALA D 439 -29.33 8.19 -14.00
C ALA D 439 -30.63 8.72 -14.63
N ILE D 440 -31.77 8.27 -14.11
CA ILE D 440 -33.06 8.78 -14.60
C ILE D 440 -33.18 10.27 -14.32
N LEU D 441 -32.78 10.70 -13.12
CA LEU D 441 -32.89 12.11 -12.77
C LEU D 441 -32.04 12.98 -13.69
N THR D 442 -30.85 12.50 -14.06
CA THR D 442 -29.99 13.27 -14.96
C THR D 442 -30.61 13.36 -16.35
N MET D 443 -31.25 12.28 -16.81
CA MET D 443 -31.91 12.31 -18.12
C MET D 443 -33.11 13.24 -18.10
N MET D 444 -33.87 13.24 -17.00
CA MET D 444 -34.99 14.17 -16.89
C MET D 444 -34.52 15.61 -16.93
N LEU D 445 -33.50 15.94 -16.13
CA LEU D 445 -32.94 17.29 -16.16
C LEU D 445 -32.40 17.64 -17.53
N ALA D 446 -31.89 16.66 -18.28
CA ALA D 446 -31.34 16.94 -19.59
C ALA D 446 -32.43 17.34 -20.58
N GLN D 447 -33.56 16.64 -20.56
CA GLN D 447 -34.63 16.96 -21.52
C GLN D 447 -35.28 18.30 -21.21
N VAL D 448 -35.51 18.60 -19.93
CA VAL D 448 -36.13 19.86 -19.56
C VAL D 448 -35.22 21.04 -19.88
N CYS D 449 -33.91 20.84 -19.84
CA CYS D 449 -32.95 21.90 -20.12
C CYS D 449 -32.42 21.87 -21.54
N GLY D 450 -32.81 20.88 -22.34
CA GLY D 450 -32.38 20.83 -23.72
C GLY D 450 -30.99 20.28 -23.94
N TYR D 451 -30.56 19.32 -23.12
CA TYR D 451 -29.26 18.68 -23.26
C TYR D 451 -29.43 17.19 -23.48
N GLU D 452 -28.31 16.51 -23.68
CA GLU D 452 -28.26 15.07 -23.79
C GLU D 452 -27.64 14.46 -22.53
N PRO D 453 -27.98 13.21 -22.21
CA PRO D 453 -27.37 12.58 -21.03
C PRO D 453 -25.86 12.43 -21.20
N GLY D 454 -25.14 12.65 -20.11
CA GLY D 454 -23.69 12.59 -20.13
C GLY D 454 -23.12 11.40 -19.38
N GLU D 455 -22.41 11.67 -18.29
CA GLU D 455 -21.80 10.64 -17.47
C GLU D 455 -22.37 10.68 -16.06
N LEU D 456 -22.22 9.58 -15.34
CA LEU D 456 -22.67 9.48 -13.95
C LEU D 456 -21.52 8.97 -13.11
N ALA D 457 -21.11 9.75 -12.11
CA ALA D 457 -20.08 9.37 -11.16
C ALA D 457 -20.66 9.38 -9.75
N ILE D 458 -20.39 8.32 -9.00
CA ILE D 458 -20.90 8.17 -7.64
C ILE D 458 -19.72 7.98 -6.70
N PHE D 459 -19.52 8.93 -5.79
CA PHE D 459 -18.46 8.85 -4.79
C PHE D 459 -19.06 8.41 -3.47
N ILE D 460 -18.53 7.31 -2.91
CA ILE D 460 -19.14 6.62 -1.79
C ILE D 460 -18.26 6.74 -0.56
N GLY D 461 -18.86 7.09 0.57
CA GLY D 461 -18.16 7.06 1.84
C GLY D 461 -18.08 5.66 2.42
N ASP D 462 -19.07 5.26 3.21
CA ASP D 462 -19.09 3.94 3.85
C ASP D 462 -19.79 2.96 2.90
N ALA D 463 -19.01 2.32 2.05
CA ALA D 463 -19.51 1.24 1.19
C ALA D 463 -19.44 -0.06 1.96
N HIS D 464 -20.57 -0.76 2.04
CA HIS D 464 -20.66 -1.92 2.92
C HIS D 464 -21.57 -2.97 2.33
N ILE D 465 -21.48 -4.17 2.91
CA ILE D 465 -22.31 -5.32 2.54
C ILE D 465 -22.86 -5.90 3.83
N TYR D 466 -24.18 -5.97 3.95
CA TYR D 466 -24.80 -6.57 5.12
C TYR D 466 -24.56 -8.08 5.10
N GLU D 467 -24.32 -8.65 6.29
CA GLU D 467 -23.87 -10.04 6.36
C GLU D 467 -24.93 -11.03 5.90
N ASN D 468 -26.21 -10.65 5.92
CA ASN D 468 -27.25 -11.51 5.38
C ASN D 468 -27.37 -11.42 3.87
N HIS D 469 -26.55 -10.59 3.22
CA HIS D 469 -26.50 -10.49 1.77
C HIS D 469 -25.31 -11.21 1.18
N LEU D 470 -24.51 -11.92 1.99
CA LEU D 470 -23.26 -12.50 1.50
C LEU D 470 -23.52 -13.61 0.48
N THR D 471 -24.41 -14.55 0.81
CA THR D 471 -24.71 -15.62 -0.13
C THR D 471 -25.33 -15.08 -1.41
N GLN D 472 -26.20 -14.08 -1.30
CA GLN D 472 -26.86 -13.52 -2.46
C GLN D 472 -25.87 -12.78 -3.36
N LEU D 473 -25.04 -11.92 -2.77
CA LEU D 473 -24.11 -11.14 -3.59
C LEU D 473 -23.03 -12.01 -4.20
N LYS D 474 -22.63 -13.09 -3.52
CA LYS D 474 -21.70 -14.04 -4.13
C LYS D 474 -22.35 -14.77 -5.30
N GLU D 475 -23.66 -15.04 -5.20
CA GLU D 475 -24.38 -15.60 -6.34
C GLU D 475 -24.39 -14.63 -7.52
N GLN D 476 -24.61 -13.34 -7.24
CA GLN D 476 -24.62 -12.35 -8.30
C GLN D 476 -23.26 -12.21 -8.96
N LEU D 477 -22.18 -12.40 -8.20
CA LEU D 477 -20.83 -12.30 -8.75
C LEU D 477 -20.48 -13.45 -9.69
N SER D 478 -21.25 -14.54 -9.68
CA SER D 478 -21.01 -15.67 -10.56
C SER D 478 -21.62 -15.51 -11.94
N ARG D 479 -22.33 -14.41 -12.19
CA ARG D 479 -23.04 -14.18 -13.44
C ARG D 479 -22.25 -13.18 -14.28
N THR D 480 -21.89 -13.58 -15.49
CA THR D 480 -21.17 -12.69 -16.40
C THR D 480 -22.11 -11.58 -16.88
N PRO D 481 -21.70 -10.32 -16.83
CA PRO D 481 -22.61 -9.23 -17.18
C PRO D 481 -23.04 -9.29 -18.64
N ARG D 482 -24.20 -8.70 -18.90
CA ARG D 482 -24.79 -8.55 -20.21
C ARG D 482 -24.88 -7.06 -20.55
N PRO D 483 -25.04 -6.71 -21.83
CA PRO D 483 -25.06 -5.29 -22.20
C PRO D 483 -26.17 -4.52 -21.50
N PHE D 484 -25.88 -3.28 -21.16
CA PHE D 484 -26.85 -2.42 -20.50
C PHE D 484 -28.03 -2.17 -21.44
N PRO D 485 -29.23 -1.99 -20.90
CA PRO D 485 -30.38 -1.67 -21.75
C PRO D 485 -30.39 -0.21 -22.18
N GLN D 486 -31.47 0.21 -22.82
CA GLN D 486 -31.70 1.60 -23.17
C GLN D 486 -32.94 2.10 -22.44
N LEU D 487 -32.96 3.40 -22.16
CA LEU D 487 -34.11 4.05 -21.54
C LEU D 487 -34.40 5.32 -22.31
N LYS D 488 -35.59 5.40 -22.90
CA LYS D 488 -36.00 6.55 -23.68
C LYS D 488 -37.34 7.05 -23.18
N PHE D 489 -37.54 8.36 -23.30
CA PHE D 489 -38.81 8.99 -22.94
C PHE D 489 -39.72 9.04 -24.16
N LYS D 490 -41.01 8.80 -23.92
CA LYS D 490 -41.96 8.75 -25.03
C LYS D 490 -42.41 10.14 -25.46
N ARG D 491 -42.36 11.13 -24.56
CA ARG D 491 -42.80 12.48 -24.86
C ARG D 491 -41.90 13.48 -24.15
N LYS D 492 -41.92 14.71 -24.64
CA LYS D 492 -41.17 15.80 -24.04
C LYS D 492 -42.10 16.57 -23.10
N VAL D 493 -41.79 16.54 -21.81
CA VAL D 493 -42.61 17.24 -20.84
C VAL D 493 -42.23 18.71 -20.80
N GLU D 494 -43.14 19.53 -20.25
CA GLU D 494 -42.87 20.95 -20.08
C GLU D 494 -42.29 21.26 -18.71
N ASN D 495 -42.80 20.60 -17.68
CA ASN D 495 -42.23 20.69 -16.33
C ASN D 495 -41.79 19.30 -15.89
N ILE D 496 -40.71 19.26 -15.11
CA ILE D 496 -40.12 17.98 -14.71
C ILE D 496 -41.08 17.15 -13.86
N GLU D 497 -42.05 17.80 -13.21
CA GLU D 497 -42.99 17.07 -12.35
C GLU D 497 -44.00 16.26 -13.14
N ASP D 498 -44.09 16.45 -14.45
CA ASP D 498 -45.13 15.82 -15.26
C ASP D 498 -44.77 14.42 -15.73
N PHE D 499 -43.61 13.90 -15.35
CA PHE D 499 -43.21 12.56 -15.78
C PHE D 499 -44.07 11.49 -15.13
N LYS D 500 -44.48 10.50 -15.92
CA LYS D 500 -45.26 9.37 -15.45
C LYS D 500 -44.54 8.08 -15.85
N TRP D 501 -44.90 6.99 -15.18
CA TRP D 501 -44.27 5.71 -15.46
C TRP D 501 -44.53 5.24 -16.88
N GLU D 502 -45.67 5.65 -17.46
CA GLU D 502 -45.98 5.28 -18.83
C GLU D 502 -45.09 5.99 -19.84
N ASP D 503 -44.46 7.10 -19.44
CA ASP D 503 -43.60 7.87 -20.35
C ASP D 503 -42.23 7.23 -20.55
N ILE D 504 -41.88 6.20 -19.79
CA ILE D 504 -40.56 5.58 -19.84
C ILE D 504 -40.65 4.27 -20.58
N GLU D 505 -39.75 4.07 -21.54
CA GLU D 505 -39.65 2.85 -22.32
C GLU D 505 -38.30 2.21 -22.06
N LEU D 506 -38.30 0.98 -21.54
CA LEU D 506 -37.08 0.25 -21.24
C LEU D 506 -36.83 -0.75 -22.36
N ILE D 507 -35.86 -0.45 -23.22
CA ILE D 507 -35.63 -1.20 -24.46
C ILE D 507 -34.42 -2.10 -24.27
N GLY D 508 -34.61 -3.40 -24.48
CA GLY D 508 -33.51 -4.35 -24.49
C GLY D 508 -32.88 -4.62 -23.14
N TYR D 509 -33.69 -5.01 -22.17
CA TYR D 509 -33.23 -5.34 -20.83
C TYR D 509 -33.47 -6.83 -20.60
N TYR D 510 -32.38 -7.62 -20.59
CA TYR D 510 -32.43 -9.07 -20.42
C TYR D 510 -31.56 -9.44 -19.22
N PRO D 511 -32.04 -9.24 -18.01
CA PRO D 511 -31.22 -9.49 -16.82
C PRO D 511 -31.29 -10.95 -16.36
N TYR D 512 -30.35 -11.31 -15.50
CA TYR D 512 -30.42 -12.57 -14.79
C TYR D 512 -31.57 -12.52 -13.78
N PRO D 513 -32.05 -13.68 -13.32
CA PRO D 513 -33.21 -13.68 -12.42
C PRO D 513 -32.96 -12.85 -11.17
N THR D 514 -34.05 -12.34 -10.61
CA THR D 514 -33.96 -11.48 -9.42
C THR D 514 -33.43 -12.27 -8.23
N ILE D 515 -32.78 -11.55 -7.32
CA ILE D 515 -32.18 -12.12 -6.12
C ILE D 515 -32.78 -11.41 -4.91
N LYS D 516 -33.40 -12.18 -4.01
CA LYS D 516 -34.09 -11.60 -2.87
C LYS D 516 -33.10 -11.28 -1.76
N MET D 517 -33.18 -10.05 -1.24
CA MET D 517 -32.32 -9.60 -0.15
C MET D 517 -33.13 -8.73 0.79
N ASP D 518 -33.10 -9.06 2.08
CA ASP D 518 -33.90 -8.37 3.08
C ASP D 518 -33.21 -7.10 3.55
N MET D 519 -33.99 -6.04 3.73
CA MET D 519 -33.47 -4.76 4.20
C MET D 519 -33.31 -4.75 5.71
N ALA D 520 -32.25 -4.11 6.18
CA ALA D 520 -32.03 -3.92 7.61
C ALA D 520 -32.74 -2.65 8.04
N VAL D 521 -33.61 -2.77 9.06
CA VAL D 521 -34.41 -1.64 9.53
C VAL D 521 -33.68 -0.87 10.62
N GLU E 3 1.71 30.73 -55.42
CA GLU E 3 0.33 30.86 -55.89
C GLU E 3 -0.38 29.52 -55.88
N LYS E 4 -1.03 29.21 -54.75
CA LYS E 4 -1.76 27.96 -54.57
C LYS E 4 -3.25 28.28 -54.41
N ASN E 5 -4.02 27.24 -54.05
CA ASN E 5 -5.47 27.36 -53.99
C ASN E 5 -5.91 27.80 -52.60
N VAL E 6 -6.96 28.63 -52.56
CA VAL E 6 -7.53 29.13 -51.32
C VAL E 6 -9.03 28.87 -51.36
N SER E 7 -9.52 28.07 -50.41
CA SER E 7 -10.93 27.66 -50.40
C SER E 7 -11.57 28.01 -49.07
N ILE E 8 -12.83 28.45 -49.13
CA ILE E 8 -13.63 28.68 -47.93
C ILE E 8 -14.44 27.42 -47.64
N VAL E 9 -14.40 26.99 -46.39
CA VAL E 9 -15.26 25.91 -45.90
C VAL E 9 -16.17 26.50 -44.84
N VAL E 10 -17.49 26.32 -45.01
CA VAL E 10 -18.45 26.97 -44.13
C VAL E 10 -19.74 26.16 -44.14
N ALA E 11 -20.42 26.12 -43.01
CA ALA E 11 -21.75 25.54 -42.87
C ALA E 11 -22.70 26.64 -42.40
N ALA E 12 -23.64 27.02 -43.26
CA ALA E 12 -24.55 28.11 -42.98
C ALA E 12 -25.99 27.68 -43.24
N SER E 13 -26.92 28.35 -42.57
CA SER E 13 -28.33 28.06 -42.75
C SER E 13 -28.78 28.44 -44.16
N VAL E 14 -29.92 27.88 -44.57
CA VAL E 14 -30.30 27.93 -45.98
C VAL E 14 -30.70 29.35 -46.38
N LEU E 15 -31.40 30.08 -45.51
CA LEU E 15 -31.94 31.38 -45.86
C LEU E 15 -31.09 32.54 -45.34
N SER E 16 -30.97 32.66 -44.02
CA SER E 16 -30.27 33.79 -43.41
C SER E 16 -28.76 33.60 -43.31
N SER E 17 -28.26 32.40 -43.61
CA SER E 17 -26.82 32.11 -43.61
C SER E 17 -26.20 32.29 -42.22
N GLY E 18 -26.92 31.83 -41.19
CA GLY E 18 -26.38 31.85 -39.84
C GLY E 18 -25.43 30.67 -39.61
N ILE E 19 -24.33 30.94 -38.90
CA ILE E 19 -23.29 29.92 -38.76
C ILE E 19 -22.95 29.67 -37.29
N GLY E 20 -23.41 30.53 -36.39
CA GLY E 20 -23.03 30.39 -35.00
C GLY E 20 -23.98 31.07 -34.05
N ILE E 21 -23.90 30.65 -32.79
CA ILE E 21 -24.71 31.23 -31.72
C ILE E 21 -24.03 30.96 -30.37
N ASN E 22 -23.72 32.03 -29.62
CA ASN E 22 -23.12 31.94 -28.29
C ASN E 22 -21.82 31.13 -28.31
N GLY E 23 -20.99 31.39 -29.32
CA GLY E 23 -19.69 30.74 -29.39
C GLY E 23 -19.73 29.27 -29.76
N GLN E 24 -20.82 28.78 -30.35
CA GLN E 24 -20.91 27.39 -30.77
C GLN E 24 -21.81 27.31 -32.00
N LEU E 25 -21.87 26.11 -32.57
CA LEU E 25 -22.70 25.88 -33.75
C LEU E 25 -24.16 25.72 -33.34
N PRO E 26 -25.11 26.23 -34.14
CA PRO E 26 -26.53 26.05 -33.83
C PRO E 26 -27.08 24.68 -34.18
N TRP E 27 -26.23 23.71 -34.51
CA TRP E 27 -26.68 22.36 -34.84
C TRP E 27 -25.57 21.39 -34.50
N SER E 28 -25.88 20.09 -34.62
CA SER E 28 -24.91 19.02 -34.35
C SER E 28 -25.07 17.96 -35.45
N ILE E 29 -24.33 18.14 -36.55
CA ILE E 29 -24.37 17.22 -37.68
C ILE E 29 -23.03 16.52 -37.75
N SER E 30 -23.02 15.22 -37.42
CA SER E 30 -21.76 14.48 -37.38
C SER E 30 -21.12 14.38 -38.76
N GLU E 31 -21.93 14.13 -39.79
CA GLU E 31 -21.39 13.95 -41.14
C GLU E 31 -20.79 15.24 -41.69
N ASP E 32 -21.27 16.40 -41.24
CA ASP E 32 -20.70 17.66 -41.71
C ASP E 32 -19.28 17.86 -41.21
N LEU E 33 -18.99 17.45 -39.97
CA LEU E 33 -17.63 17.54 -39.46
C LEU E 33 -16.70 16.60 -40.21
N LYS E 34 -17.18 15.41 -40.55
CA LYS E 34 -16.38 14.49 -41.36
C LYS E 34 -16.08 15.09 -42.73
N PHE E 35 -17.03 15.84 -43.30
CA PHE E 35 -16.77 16.53 -44.55
C PHE E 35 -15.68 17.58 -44.38
N PHE E 36 -15.79 18.41 -43.34
CA PHE E 36 -14.74 19.38 -43.06
C PHE E 36 -13.39 18.71 -42.89
N SER E 37 -13.35 17.55 -42.24
CA SER E 37 -12.10 16.85 -42.02
C SER E 37 -11.51 16.34 -43.34
N LYS E 38 -12.35 15.68 -44.15
CA LYS E 38 -11.83 15.07 -45.38
C LYS E 38 -11.51 16.12 -46.43
N ILE E 39 -12.22 17.25 -46.43
CA ILE E 39 -11.97 18.25 -47.46
C ILE E 39 -10.73 19.08 -47.12
N THR E 40 -10.41 19.23 -45.84
CA THR E 40 -9.22 19.96 -45.43
C THR E 40 -7.98 19.07 -45.37
N ASN E 41 -8.16 17.75 -45.20
CA ASN E 41 -7.04 16.82 -45.27
C ASN E 41 -6.74 16.35 -46.67
N ASN E 42 -7.58 16.69 -47.64
CA ASN E 42 -7.40 16.27 -49.03
C ASN E 42 -6.16 16.96 -49.61
N LYS E 43 -5.09 16.20 -49.81
CA LYS E 43 -3.85 16.75 -50.33
C LYS E 43 -3.29 15.83 -51.40
N CYS E 44 -2.35 16.36 -52.18
CA CYS E 44 -1.71 15.61 -53.25
C CYS E 44 -0.28 15.18 -52.91
N ASP E 45 0.39 15.92 -52.03
CA ASP E 45 1.78 15.65 -51.66
C ASP E 45 1.82 15.09 -50.24
N SER E 46 2.46 13.94 -50.06
CA SER E 46 2.54 13.32 -48.74
C SER E 46 3.50 14.07 -47.82
N ASN E 47 4.41 14.87 -48.36
CA ASN E 47 5.36 15.64 -47.56
C ASN E 47 4.88 17.08 -47.35
N LYS E 48 3.58 17.33 -47.48
CA LYS E 48 3.03 18.66 -47.29
C LYS E 48 1.76 18.57 -46.46
N LYS E 49 1.44 19.67 -45.78
CA LYS E 49 0.22 19.79 -44.98
C LYS E 49 -0.60 20.98 -45.49
N ASN E 50 -1.87 21.02 -45.08
CA ASN E 50 -2.76 22.10 -45.43
C ASN E 50 -2.92 23.06 -44.26
N ALA E 51 -3.05 24.35 -44.56
CA ALA E 51 -3.20 25.38 -43.56
C ALA E 51 -4.66 25.76 -43.43
N LEU E 52 -5.16 25.81 -42.18
CA LEU E 52 -6.54 26.17 -41.88
C LEU E 52 -6.54 27.49 -41.14
N ILE E 53 -6.92 28.56 -41.83
CA ILE E 53 -6.98 29.89 -41.22
C ILE E 53 -8.31 30.05 -40.50
N MET E 54 -8.26 30.56 -39.26
CA MET E 54 -9.46 30.79 -38.48
C MET E 54 -9.23 31.92 -37.50
N GLY E 55 -10.32 32.57 -37.11
CA GLY E 55 -10.26 33.62 -36.12
C GLY E 55 -10.07 33.07 -34.71
N ARG E 56 -9.82 33.99 -33.76
CA ARG E 56 -9.53 33.58 -32.40
C ARG E 56 -10.75 32.93 -31.73
N LYS E 57 -11.94 33.50 -31.94
CA LYS E 57 -13.13 32.96 -31.28
C LYS E 57 -13.47 31.57 -31.80
N THR E 58 -13.18 31.30 -33.08
CA THR E 58 -13.32 29.93 -33.59
C THR E 58 -12.26 29.01 -33.00
N TRP E 59 -11.04 29.54 -32.83
CA TRP E 59 -9.97 28.80 -32.16
C TRP E 59 -10.38 28.42 -30.74
N ASP E 60 -11.16 29.27 -30.07
CA ASP E 60 -11.69 28.91 -28.76
C ASP E 60 -12.75 27.82 -28.87
N SER E 61 -13.55 27.84 -29.93
CA SER E 61 -14.64 26.88 -30.07
C SER E 61 -14.14 25.45 -30.19
N ILE E 62 -12.95 25.26 -30.75
CA ILE E 62 -12.42 23.91 -30.95
C ILE E 62 -11.51 23.53 -29.78
N GLY E 63 -11.64 24.24 -28.67
CA GLY E 63 -10.88 23.91 -27.48
C GLY E 63 -9.42 24.27 -27.53
N ARG E 64 -9.00 25.09 -28.51
CA ARG E 64 -7.61 25.50 -28.67
C ARG E 64 -6.68 24.30 -28.75
N ARG E 65 -7.10 23.26 -29.49
CA ARG E 65 -6.28 22.08 -29.68
C ARG E 65 -6.02 21.85 -31.16
N PRO E 66 -4.83 21.37 -31.52
CA PRO E 66 -4.50 21.24 -32.94
C PRO E 66 -5.30 20.14 -33.64
N LEU E 67 -5.45 20.31 -34.94
CA LEU E 67 -6.13 19.34 -35.80
C LEU E 67 -5.09 18.44 -36.46
N LYS E 68 -5.34 17.14 -36.43
CA LYS E 68 -4.37 16.15 -36.90
C LYS E 68 -4.00 16.39 -38.37
N ASN E 69 -2.70 16.29 -38.66
CA ASN E 69 -2.15 16.36 -40.01
C ASN E 69 -2.36 17.73 -40.65
N ARG E 70 -2.67 18.76 -39.88
CA ARG E 70 -2.92 20.09 -40.43
C ARG E 70 -2.29 21.15 -39.54
N ILE E 71 -2.01 22.30 -40.15
CA ILE E 71 -1.45 23.45 -39.45
C ILE E 71 -2.55 24.49 -39.30
N ILE E 72 -2.87 24.84 -38.06
CA ILE E 72 -3.91 25.83 -37.77
C ILE E 72 -3.26 27.21 -37.69
N VAL E 73 -3.87 28.18 -38.38
CA VAL E 73 -3.41 29.55 -38.39
C VAL E 73 -4.48 30.40 -37.72
N VAL E 74 -4.14 30.98 -36.57
CA VAL E 74 -5.07 31.76 -35.77
C VAL E 74 -4.83 33.25 -36.04
N ILE E 75 -5.90 33.95 -36.42
CA ILE E 75 -5.85 35.40 -36.59
C ILE E 75 -6.28 36.03 -35.28
N SER E 76 -5.37 36.78 -34.66
CA SER E 76 -5.67 37.42 -33.38
C SER E 76 -4.68 38.56 -33.16
N SER E 77 -5.17 39.61 -32.51
CA SER E 77 -4.33 40.75 -32.16
C SER E 77 -3.71 40.64 -30.78
N SER E 78 -4.20 39.75 -29.92
CA SER E 78 -3.75 39.63 -28.55
C SER E 78 -3.02 38.34 -28.22
N LEU E 79 -3.29 37.26 -28.95
CA LEU E 79 -2.68 35.98 -28.63
C LEU E 79 -1.16 36.06 -28.80
N PRO E 80 -0.39 35.48 -27.88
CA PRO E 80 1.07 35.48 -28.03
C PRO E 80 1.49 34.60 -29.19
N GLN E 81 2.37 35.13 -30.04
CA GLN E 81 2.91 34.39 -31.18
C GLN E 81 3.79 33.25 -30.67
N ASP E 82 3.12 32.21 -30.18
CA ASP E 82 3.82 31.09 -29.58
C ASP E 82 4.53 30.25 -30.64
N GLU E 83 5.69 29.71 -30.26
CA GLU E 83 6.45 28.82 -31.12
C GLU E 83 6.62 27.42 -30.54
N ALA E 84 6.04 27.16 -29.36
CA ALA E 84 6.13 25.83 -28.77
C ALA E 84 5.36 24.80 -29.59
N ASP E 85 4.13 25.14 -30.00
CA ASP E 85 3.33 24.25 -30.82
C ASP E 85 3.66 24.48 -32.29
N PRO E 86 4.22 23.49 -33.00
CA PRO E 86 4.54 23.71 -34.42
C PRO E 86 3.35 23.60 -35.36
N ASN E 87 2.20 23.12 -34.88
CA ASN E 87 1.00 23.00 -35.70
C ASN E 87 0.04 24.17 -35.52
N VAL E 88 0.37 25.13 -34.66
CA VAL E 88 -0.45 26.32 -34.44
C VAL E 88 0.45 27.53 -34.50
N VAL E 89 0.10 28.49 -35.37
CA VAL E 89 0.85 29.73 -35.53
C VAL E 89 -0.14 30.88 -35.55
N VAL E 90 0.29 32.03 -35.01
CA VAL E 90 -0.57 33.19 -34.83
C VAL E 90 -0.05 34.32 -35.70
N PHE E 91 -0.96 34.99 -36.41
CA PHE E 91 -0.65 36.19 -37.19
C PHE E 91 -1.54 37.33 -36.71
N ARG E 92 -1.05 38.56 -36.89
CA ARG E 92 -1.74 39.74 -36.37
C ARG E 92 -2.89 40.19 -37.24
N ASN E 93 -2.91 39.80 -38.52
CA ASN E 93 -4.00 40.18 -39.42
C ASN E 93 -4.08 39.15 -40.54
N LEU E 94 -5.22 39.16 -41.22
CA LEU E 94 -5.45 38.18 -42.29
C LEU E 94 -4.52 38.41 -43.47
N GLU E 95 -4.23 39.68 -43.79
CA GLU E 95 -3.42 39.97 -44.97
C GLU E 95 -1.99 39.44 -44.82
N ASP E 96 -1.38 39.68 -43.64
CA ASP E 96 -0.03 39.18 -43.41
C ASP E 96 0.02 37.66 -43.38
N SER E 97 -1.07 37.01 -42.95
CA SER E 97 -1.07 35.56 -42.82
C SER E 97 -1.04 34.84 -44.16
N ILE E 98 -1.32 35.53 -45.27
CA ILE E 98 -1.25 34.90 -46.59
C ILE E 98 0.19 34.79 -47.08
N GLU E 99 1.17 35.14 -46.24
CA GLU E 99 2.57 34.89 -46.57
C GLU E 99 2.87 33.42 -46.82
N ASN E 100 2.06 32.50 -46.29
CA ASN E 100 2.24 31.08 -46.59
C ASN E 100 2.18 30.78 -48.09
N LEU E 101 1.57 31.67 -48.87
CA LEU E 101 1.64 31.53 -50.33
C LEU E 101 3.01 31.95 -50.85
N MET E 102 3.55 33.06 -50.33
CA MET E 102 4.79 33.63 -50.86
C MET E 102 5.95 32.66 -50.72
N ASN E 103 6.03 31.95 -49.59
CA ASN E 103 7.05 30.94 -49.40
C ASN E 103 6.41 29.73 -48.72
N ASP E 104 7.16 29.08 -47.82
CA ASP E 104 6.68 27.88 -47.11
C ASP E 104 6.08 26.89 -48.09
N ASP E 105 6.97 26.31 -48.91
CA ASP E 105 6.57 25.34 -49.92
C ASP E 105 6.07 24.02 -49.35
N SER E 106 6.11 23.86 -48.02
CA SER E 106 5.55 22.68 -47.38
C SER E 106 4.04 22.78 -47.19
N ILE E 107 3.44 23.92 -47.54
CA ILE E 107 1.99 24.10 -47.48
C ILE E 107 1.46 24.02 -48.90
N GLU E 108 0.53 23.10 -49.13
CA GLU E 108 -0.02 22.88 -50.47
C GLU E 108 -1.28 23.71 -50.71
N ASN E 109 -2.28 23.55 -49.86
CA ASN E 109 -3.56 24.24 -50.00
C ASN E 109 -3.87 25.04 -48.75
N ILE E 110 -4.72 26.05 -48.91
CA ILE E 110 -5.13 26.94 -47.82
C ILE E 110 -6.64 26.93 -47.72
N PHE E 111 -7.15 26.79 -46.51
CA PHE E 111 -8.58 26.77 -46.24
C PHE E 111 -8.93 27.85 -45.23
N VAL E 112 -9.94 28.65 -45.54
CA VAL E 112 -10.43 29.70 -44.66
C VAL E 112 -11.62 29.15 -43.88
N CYS E 113 -11.43 28.91 -42.58
CA CYS E 113 -12.43 28.26 -41.74
C CYS E 113 -13.00 29.18 -40.66
N GLY E 114 -12.58 30.44 -40.61
CA GLY E 114 -12.83 31.30 -39.47
C GLY E 114 -14.27 31.74 -39.30
N GLY E 115 -14.48 32.83 -38.56
CA GLY E 115 -15.82 33.33 -38.28
C GLY E 115 -16.27 34.38 -39.28
N GLU E 116 -17.36 35.06 -38.92
CA GLU E 116 -17.93 36.10 -39.79
C GLU E 116 -16.89 37.17 -40.12
N SER E 117 -16.11 37.60 -39.13
CA SER E 117 -15.13 38.65 -39.38
C SER E 117 -14.07 38.18 -40.37
N ILE E 118 -13.62 36.92 -40.24
CA ILE E 118 -12.58 36.41 -41.12
C ILE E 118 -13.14 36.13 -42.51
N TYR E 119 -14.38 35.62 -42.58
CA TYR E 119 -15.00 35.39 -43.88
C TYR E 119 -15.22 36.69 -44.63
N ARG E 120 -15.66 37.74 -43.94
CA ARG E 120 -16.11 38.96 -44.60
C ARG E 120 -14.98 39.64 -45.36
N ASP E 121 -13.81 39.77 -44.73
CA ASP E 121 -12.68 40.42 -45.37
C ASP E 121 -11.71 39.43 -46.02
N ALA E 122 -12.05 38.15 -46.05
CA ALA E 122 -11.36 37.24 -46.95
C ALA E 122 -11.92 37.33 -48.36
N LEU E 123 -13.23 37.58 -48.49
CA LEU E 123 -13.83 37.83 -49.79
C LEU E 123 -13.65 39.27 -50.22
N LYS E 124 -13.72 40.21 -49.28
CA LYS E 124 -13.51 41.62 -49.61
C LYS E 124 -12.08 41.84 -50.11
N ASP E 125 -11.10 41.17 -49.50
CA ASP E 125 -9.72 41.27 -49.96
C ASP E 125 -9.45 40.43 -51.21
N ASN E 126 -10.43 39.65 -51.66
CA ASN E 126 -10.35 38.91 -52.92
C ASN E 126 -9.20 37.88 -52.89
N PHE E 127 -9.16 37.09 -51.81
CA PHE E 127 -8.17 36.03 -51.67
C PHE E 127 -8.72 34.64 -51.96
N VAL E 128 -10.03 34.49 -52.05
CA VAL E 128 -10.69 33.19 -52.07
C VAL E 128 -10.95 32.75 -53.50
N ASP E 129 -10.54 31.52 -53.83
CA ASP E 129 -10.77 30.92 -55.13
C ASP E 129 -12.00 30.03 -55.17
N ARG E 130 -12.29 29.32 -54.08
CA ARG E 130 -13.36 28.33 -54.06
C ARG E 130 -14.12 28.43 -52.75
N ILE E 131 -15.38 28.01 -52.77
CA ILE E 131 -16.25 28.03 -51.59
C ILE E 131 -16.91 26.67 -51.46
N TYR E 132 -16.70 26.01 -50.32
CA TYR E 132 -17.38 24.76 -49.96
C TYR E 132 -18.47 25.11 -48.96
N LEU E 133 -19.71 25.20 -49.42
CA LEU E 133 -20.84 25.62 -48.59
C LEU E 133 -21.71 24.43 -48.23
N THR E 134 -22.03 24.32 -46.94
CA THR E 134 -22.95 23.30 -46.43
C THR E 134 -24.22 24.02 -45.98
N ARG E 135 -25.27 23.95 -46.79
CA ARG E 135 -26.52 24.62 -46.49
C ARG E 135 -27.35 23.75 -45.55
N VAL E 136 -27.70 24.30 -44.39
CA VAL E 136 -28.47 23.58 -43.37
C VAL E 136 -29.88 24.15 -43.31
N ALA E 137 -30.87 23.27 -43.25
CA ALA E 137 -32.28 23.66 -43.29
C ALA E 137 -32.81 23.91 -41.87
N LEU E 138 -32.25 24.94 -41.24
CA LEU E 138 -32.70 25.38 -39.92
C LEU E 138 -32.76 26.91 -39.93
N GLU E 139 -33.94 27.47 -39.69
CA GLU E 139 -34.11 28.92 -39.80
C GLU E 139 -34.89 29.57 -38.67
N ASP E 140 -35.81 28.88 -38.01
CA ASP E 140 -36.59 29.50 -36.94
C ASP E 140 -35.90 29.39 -35.58
N ILE E 141 -34.58 29.56 -35.57
CA ILE E 141 -33.80 29.62 -34.33
C ILE E 141 -33.05 30.94 -34.29
N GLU E 142 -32.17 31.10 -33.30
CA GLU E 142 -31.47 32.37 -33.07
C GLU E 142 -30.01 32.25 -33.50
N PHE E 143 -29.54 33.25 -34.23
CA PHE E 143 -28.14 33.36 -34.63
C PHE E 143 -27.57 34.69 -34.17
N ASP E 144 -26.26 34.72 -33.94
CA ASP E 144 -25.53 35.95 -33.70
C ASP E 144 -24.32 36.09 -34.62
N THR E 145 -24.08 35.15 -35.51
CA THR E 145 -22.95 35.16 -36.43
C THR E 145 -23.41 34.60 -37.76
N TYR E 146 -23.16 35.34 -38.84
CA TYR E 146 -23.68 34.99 -40.15
C TYR E 146 -22.55 34.91 -41.17
N PHE E 147 -22.77 34.09 -42.20
CA PHE E 147 -21.86 34.04 -43.33
C PHE E 147 -22.22 35.14 -44.33
N PRO E 148 -21.26 35.97 -44.75
CA PRO E 148 -21.59 37.10 -45.63
C PRO E 148 -22.14 36.64 -46.98
N GLU E 149 -22.82 37.56 -47.65
CA GLU E 149 -23.38 37.27 -48.96
C GLU E 149 -22.27 36.95 -49.96
N ILE E 150 -22.47 35.90 -50.74
CA ILE E 150 -21.47 35.47 -51.72
C ILE E 150 -21.38 36.52 -52.83
N PRO E 151 -20.20 37.05 -53.14
CA PRO E 151 -20.10 38.06 -54.20
C PRO E 151 -20.46 37.48 -55.56
N GLU E 152 -20.90 38.36 -56.46
CA GLU E 152 -21.34 37.94 -57.78
C GLU E 152 -20.22 37.32 -58.61
N THR E 153 -18.97 37.48 -58.19
CA THR E 153 -17.85 36.89 -58.91
C THR E 153 -17.79 35.37 -58.76
N PHE E 154 -18.58 34.78 -57.87
CA PHE E 154 -18.64 33.34 -57.68
C PHE E 154 -19.87 32.77 -58.35
N LEU E 155 -19.73 31.55 -58.88
CA LEU E 155 -20.82 30.83 -59.51
C LEU E 155 -20.86 29.39 -59.02
N PRO E 156 -22.06 28.85 -58.76
CA PRO E 156 -22.14 27.46 -58.31
C PRO E 156 -21.82 26.49 -59.42
N VAL E 157 -21.01 25.47 -59.10
CA VAL E 157 -20.63 24.44 -60.03
C VAL E 157 -21.01 23.04 -59.57
N TYR E 158 -21.55 22.91 -58.35
CA TYR E 158 -21.92 21.61 -57.82
C TYR E 158 -22.97 21.78 -56.74
N MET E 159 -23.93 20.86 -56.70
CA MET E 159 -24.96 20.84 -55.66
C MET E 159 -25.31 19.38 -55.40
N SER E 160 -24.96 18.89 -54.21
CA SER E 160 -25.16 17.48 -53.90
C SER E 160 -26.64 17.19 -53.65
N GLN E 161 -26.94 15.90 -53.48
CA GLN E 161 -28.26 15.50 -53.04
C GLN E 161 -28.51 15.94 -51.60
N THR E 162 -29.79 15.92 -51.21
CA THR E 162 -30.14 16.29 -49.84
C THR E 162 -29.95 15.11 -48.90
N PHE E 163 -29.20 15.33 -47.83
CA PHE E 163 -28.96 14.33 -46.80
C PHE E 163 -29.77 14.65 -45.55
N CYS E 164 -29.81 13.69 -44.62
CA CYS E 164 -30.59 13.82 -43.40
C CYS E 164 -29.79 13.31 -42.21
N THR E 165 -29.76 14.10 -41.15
CA THR E 165 -29.16 13.71 -39.88
C THR E 165 -30.02 14.26 -38.76
N LYS E 166 -30.58 13.36 -37.95
CA LYS E 166 -31.48 13.73 -36.85
C LYS E 166 -32.65 14.59 -37.36
N ASN E 167 -33.21 14.17 -38.50
CA ASN E 167 -34.33 14.85 -39.15
C ASN E 167 -33.97 16.28 -39.59
N ILE E 168 -32.70 16.51 -39.90
CA ILE E 168 -32.25 17.81 -40.39
C ILE E 168 -31.72 17.63 -41.80
N SER E 169 -32.28 18.38 -42.75
CA SER E 169 -31.85 18.33 -44.13
C SER E 169 -30.67 19.28 -44.35
N TYR E 170 -29.74 18.86 -45.20
CA TYR E 170 -28.61 19.72 -45.54
C TYR E 170 -28.04 19.31 -46.89
N ASP E 171 -27.42 20.29 -47.57
CA ASP E 171 -26.85 20.12 -48.90
C ASP E 171 -25.35 20.36 -48.86
N PHE E 172 -24.70 20.05 -49.97
CA PHE E 172 -23.29 20.37 -50.19
C PHE E 172 -23.15 21.03 -51.55
N MET E 173 -22.66 22.27 -51.57
CA MET E 173 -22.49 23.05 -52.78
C MET E 173 -21.05 23.52 -52.91
N ILE E 174 -20.62 23.74 -54.15
CA ILE E 174 -19.31 24.29 -54.45
C ILE E 174 -19.51 25.53 -55.30
N PHE E 175 -18.89 26.64 -54.89
CA PHE E 175 -18.89 27.88 -55.65
C PHE E 175 -17.49 28.14 -56.18
N GLU E 176 -17.40 28.58 -57.43
CA GLU E 176 -16.14 28.85 -58.09
C GLU E 176 -16.10 30.28 -58.59
N LYS E 177 -14.92 30.89 -58.51
CA LYS E 177 -14.75 32.27 -58.95
C LYS E 177 -14.53 32.29 -60.46
N GLN E 178 -15.36 33.07 -61.16
CA GLN E 178 -15.29 33.15 -62.61
C GLN E 178 -14.08 33.99 -63.03
N GLU E 179 -13.18 33.38 -63.80
CA GLU E 179 -11.98 34.06 -64.26
C GLU E 179 -12.19 34.65 -65.65
N LEU E 193 -13.37 16.08 -75.92
CA LEU E 193 -12.47 16.59 -76.96
C LEU E 193 -13.28 17.29 -78.05
N LYS E 194 -12.66 18.31 -78.67
CA LYS E 194 -13.36 19.12 -79.66
C LYS E 194 -13.63 18.33 -80.95
N SER E 195 -12.82 17.32 -81.25
CA SER E 195 -13.02 16.56 -82.48
C SER E 195 -14.33 15.80 -82.48
N ILE E 196 -14.82 15.40 -81.31
CA ILE E 196 -16.10 14.72 -81.22
C ILE E 196 -17.26 15.71 -81.36
N ASP E 197 -17.16 16.85 -80.68
CA ASP E 197 -18.23 17.85 -80.75
C ASP E 197 -18.41 18.38 -82.17
N ASP E 198 -17.31 18.56 -82.90
CA ASP E 198 -17.42 19.05 -84.28
C ASP E 198 -18.07 18.03 -85.19
N THR E 199 -17.67 16.76 -85.07
CA THR E 199 -18.23 15.71 -85.91
C THR E 199 -19.73 15.57 -85.68
N VAL E 200 -20.17 15.68 -84.43
CA VAL E 200 -21.60 15.59 -84.14
C VAL E 200 -22.34 16.80 -84.70
N ASP E 201 -21.72 17.98 -84.62
CA ASP E 201 -22.34 19.17 -85.21
C ASP E 201 -22.47 19.04 -86.73
N LEU E 202 -21.42 18.54 -87.38
CA LEU E 202 -21.45 18.41 -88.84
C LEU E 202 -22.49 17.40 -89.29
N LEU E 203 -22.59 16.26 -88.61
CA LEU E 203 -23.63 15.29 -88.92
C LEU E 203 -25.02 15.85 -88.66
N GLY E 204 -25.15 16.77 -87.69
CA GLY E 204 -26.42 17.42 -87.45
C GLY E 204 -26.81 18.43 -88.50
N GLU E 205 -25.85 18.92 -89.28
CA GLU E 205 -26.15 19.80 -90.39
C GLU E 205 -26.56 19.00 -91.63
N ILE E 206 -25.94 17.84 -91.83
CA ILE E 206 -26.26 16.97 -92.95
C ILE E 206 -27.68 16.43 -92.79
N PHE E 207 -27.88 15.56 -91.81
CA PHE E 207 -29.21 15.07 -91.50
C PHE E 207 -29.95 16.10 -90.66
N GLY E 208 -31.19 16.38 -91.03
CA GLY E 208 -31.98 17.33 -90.26
C GLY E 208 -32.55 16.69 -89.02
N ILE E 209 -33.87 16.52 -88.98
CA ILE E 209 -34.51 15.77 -87.90
C ILE E 209 -34.35 14.28 -88.07
N ARG E 210 -33.61 13.82 -89.10
CA ARG E 210 -33.34 12.41 -89.26
C ARG E 210 -32.37 11.91 -88.19
N LYS E 211 -31.46 12.77 -87.72
CA LYS E 211 -30.57 12.43 -86.62
C LYS E 211 -31.32 12.62 -85.30
N MET E 212 -31.45 11.53 -84.53
CA MET E 212 -32.28 11.56 -83.34
C MET E 212 -31.80 12.59 -82.33
N GLY E 213 -30.50 12.88 -82.31
CA GLY E 213 -29.98 13.90 -81.40
C GLY E 213 -30.63 15.26 -81.61
N ASN E 214 -31.01 15.58 -82.84
CA ASN E 214 -31.64 16.87 -83.12
C ASN E 214 -33.07 16.94 -82.60
N ARG E 215 -33.72 15.81 -82.35
CA ARG E 215 -35.02 15.80 -81.70
C ARG E 215 -34.92 15.85 -80.19
N HIS E 216 -33.72 15.69 -79.63
CA HIS E 216 -33.47 15.79 -78.20
C HIS E 216 -32.35 16.80 -77.95
N LYS E 217 -32.58 18.04 -78.42
CA LYS E 217 -31.56 19.07 -78.31
C LYS E 217 -31.33 19.45 -76.85
N PHE E 218 -30.07 19.68 -76.50
CA PHE E 218 -29.74 20.10 -75.15
C PHE E 218 -30.34 21.48 -74.90
N PRO E 219 -30.90 21.71 -73.71
CA PRO E 219 -31.58 22.99 -73.46
C PRO E 219 -30.61 24.17 -73.52
N LYS E 220 -31.08 25.26 -74.11
CA LYS E 220 -30.31 26.49 -74.17
C LYS E 220 -30.11 27.07 -72.76
N GLU E 221 -29.06 27.88 -72.62
CA GLU E 221 -28.71 28.42 -71.32
C GLU E 221 -29.84 29.28 -70.74
N GLU E 222 -30.58 29.99 -71.60
CA GLU E 222 -31.62 30.89 -71.11
C GLU E 222 -32.79 30.16 -70.48
N ILE E 223 -32.90 28.84 -70.66
CA ILE E 223 -33.96 28.05 -70.05
C ILE E 223 -33.41 26.92 -69.19
N TYR E 224 -32.13 27.02 -68.81
CA TYR E 224 -31.48 26.00 -67.99
C TYR E 224 -31.34 26.56 -66.58
N ASN E 225 -31.92 25.85 -65.60
CA ASN E 225 -31.92 26.32 -64.23
C ASN E 225 -30.51 26.26 -63.66
N THR E 226 -30.03 27.41 -63.17
CA THR E 226 -28.68 27.57 -62.63
C THR E 226 -27.67 27.02 -63.63
N PRO E 227 -27.44 27.73 -64.75
CA PRO E 227 -26.66 27.13 -65.84
C PRO E 227 -25.21 26.85 -65.49
N SER E 228 -24.65 27.55 -64.50
CA SER E 228 -23.24 27.35 -64.17
C SER E 228 -22.96 25.95 -63.61
N ILE E 229 -23.96 25.28 -63.03
CA ILE E 229 -23.79 23.92 -62.55
C ILE E 229 -23.94 22.95 -63.72
N ARG E 230 -22.82 22.60 -64.35
CA ARG E 230 -22.84 21.78 -65.55
C ARG E 230 -22.65 20.30 -65.24
N PHE E 231 -21.59 19.95 -64.50
CA PHE E 231 -21.25 18.56 -64.25
C PHE E 231 -21.60 18.10 -62.84
N GLY E 232 -22.27 18.96 -62.05
CA GLY E 232 -22.60 18.61 -60.69
C GLY E 232 -24.07 18.77 -60.35
N ARG E 233 -24.94 18.31 -61.23
CA ARG E 233 -26.38 18.39 -61.01
C ARG E 233 -26.87 17.17 -60.22
N GLU E 234 -26.34 17.04 -59.01
CA GLU E 234 -26.65 15.87 -58.18
C GLU E 234 -27.99 16.01 -57.48
N HIS E 235 -28.35 17.22 -57.07
CA HIS E 235 -29.63 17.44 -56.39
C HIS E 235 -30.78 16.99 -57.28
N TYR E 236 -31.61 16.09 -56.76
CA TYR E 236 -32.63 15.43 -57.55
C TYR E 236 -33.85 16.30 -57.85
N GLU E 237 -33.87 17.55 -57.40
CA GLU E 237 -34.87 18.47 -57.92
C GLU E 237 -34.56 18.86 -59.36
N PHE E 238 -33.30 18.75 -59.78
CA PHE E 238 -32.94 18.97 -61.18
C PHE E 238 -33.60 17.96 -62.11
N GLN E 239 -33.95 16.77 -61.60
CA GLN E 239 -34.66 15.79 -62.41
C GLN E 239 -35.99 16.34 -62.89
N TYR E 240 -36.61 17.25 -62.13
CA TYR E 240 -37.83 17.91 -62.54
C TYR E 240 -37.57 19.20 -63.31
N LEU E 241 -36.60 20.00 -62.87
CA LEU E 241 -36.33 21.27 -63.54
C LEU E 241 -35.72 21.08 -64.91
N ASP E 242 -34.89 20.04 -65.09
CA ASP E 242 -34.31 19.81 -66.41
C ASP E 242 -35.35 19.27 -67.38
N LEU E 243 -36.38 18.58 -66.87
CA LEU E 243 -37.48 18.16 -67.73
C LEU E 243 -38.26 19.37 -68.25
N LEU E 244 -38.45 20.37 -67.40
CA LEU E 244 -39.04 21.63 -67.87
C LEU E 244 -38.20 22.23 -68.98
N SER E 245 -36.88 22.23 -68.81
CA SER E 245 -35.99 22.77 -69.83
C SER E 245 -36.07 21.98 -71.12
N ARG E 246 -36.11 20.65 -71.03
CA ARG E 246 -36.17 19.80 -72.21
C ARG E 246 -37.47 19.99 -72.98
N VAL E 247 -38.58 20.26 -72.27
CA VAL E 247 -39.84 20.52 -72.96
C VAL E 247 -39.82 21.88 -73.64
N LEU E 248 -39.28 22.90 -72.97
CA LEU E 248 -39.18 24.22 -73.59
C LEU E 248 -38.27 24.19 -74.81
N GLU E 249 -37.32 23.25 -74.87
CA GLU E 249 -36.37 23.19 -75.96
C GLU E 249 -36.89 22.38 -77.15
N ASN E 250 -37.49 21.21 -76.89
CA ASN E 250 -37.91 20.30 -77.95
C ASN E 250 -39.41 20.11 -78.04
N GLY E 251 -40.20 20.85 -77.26
CA GLY E 251 -41.63 20.62 -77.23
C GLY E 251 -42.30 21.06 -78.52
N ALA E 252 -43.08 20.16 -79.12
CA ALA E 252 -43.85 20.48 -80.31
C ALA E 252 -45.18 21.12 -79.90
N TYR E 253 -45.52 22.23 -80.54
CA TYR E 253 -46.79 22.90 -80.27
C TYR E 253 -47.94 22.04 -80.79
N ARG E 254 -48.79 21.59 -79.87
CA ARG E 254 -49.86 20.65 -80.21
C ARG E 254 -51.15 21.05 -79.54
N GLU E 255 -52.25 20.77 -80.22
CA GLU E 255 -53.59 21.02 -79.69
C GLU E 255 -54.12 19.77 -79.00
N ASN E 256 -54.96 19.97 -77.99
CA ASN E 256 -55.51 18.87 -77.22
C ASN E 256 -56.99 19.14 -76.97
N ARG E 257 -57.60 18.29 -76.13
CA ARG E 257 -59.03 18.39 -75.86
C ARG E 257 -59.43 19.70 -75.19
N THR E 258 -58.48 20.42 -74.60
CA THR E 258 -58.76 21.71 -74.00
C THR E 258 -58.44 22.84 -74.99
N GLY E 259 -58.97 24.02 -74.70
CA GLY E 259 -58.67 25.19 -75.52
C GLY E 259 -57.24 25.69 -75.39
N ILE E 260 -56.50 25.22 -74.39
CA ILE E 260 -55.14 25.66 -74.14
C ILE E 260 -54.19 24.64 -74.75
N SER E 261 -53.43 25.05 -75.76
CA SER E 261 -52.46 24.17 -76.40
C SER E 261 -51.22 24.02 -75.52
N THR E 262 -50.46 22.95 -75.79
CA THR E 262 -49.28 22.62 -75.01
C THR E 262 -48.07 22.46 -75.91
N TYR E 263 -46.89 22.47 -75.28
CA TYR E 263 -45.64 22.05 -75.90
C TYR E 263 -45.28 20.68 -75.33
N SER E 264 -45.15 19.68 -76.20
CA SER E 264 -45.12 18.29 -75.77
C SER E 264 -43.90 17.55 -76.32
N ILE E 265 -43.38 16.64 -75.50
CA ILE E 265 -42.40 15.64 -75.92
C ILE E 265 -42.85 14.30 -75.35
N PHE E 266 -42.29 13.23 -75.89
CA PHE E 266 -42.72 11.87 -75.57
C PHE E 266 -41.53 11.07 -75.04
N GLY E 267 -41.74 10.39 -73.91
CA GLY E 267 -40.72 9.52 -73.34
C GLY E 267 -39.69 10.20 -72.47
N GLN E 268 -40.00 10.38 -71.19
CA GLN E 268 -39.09 11.00 -70.23
C GLN E 268 -39.12 10.23 -68.93
N MET E 269 -38.18 10.55 -68.04
CA MET E 269 -38.10 9.88 -66.74
C MET E 269 -37.48 10.80 -65.72
N MET E 270 -37.79 10.53 -64.44
CA MET E 270 -37.25 11.27 -63.31
C MET E 270 -36.93 10.28 -62.19
N ARG E 271 -35.79 10.48 -61.53
CA ARG E 271 -35.42 9.70 -60.36
C ARG E 271 -35.44 10.60 -59.12
N PHE E 272 -35.84 10.02 -58.00
CA PHE E 272 -35.86 10.76 -56.74
C PHE E 272 -35.41 9.84 -55.61
N ASP E 273 -34.57 10.38 -54.73
CA ASP E 273 -34.20 9.67 -53.52
C ASP E 273 -35.25 9.93 -52.43
N MET E 274 -35.55 8.90 -51.65
CA MET E 274 -36.44 9.03 -50.51
C MET E 274 -35.83 8.54 -49.22
N ARG E 275 -34.58 8.08 -49.25
CA ARG E 275 -33.93 7.59 -48.03
C ARG E 275 -33.51 8.73 -47.12
N GLU E 276 -32.89 9.77 -47.68
CA GLU E 276 -32.32 10.86 -46.89
C GLU E 276 -33.07 12.18 -47.08
N SER E 277 -34.20 12.16 -47.78
CA SER E 277 -34.95 13.39 -48.02
C SER E 277 -36.31 13.01 -48.57
N PHE E 278 -37.16 14.03 -48.73
CA PHE E 278 -38.49 13.87 -49.30
C PHE E 278 -38.60 14.74 -50.55
N PRO E 279 -38.87 14.15 -51.73
CA PRO E 279 -38.85 14.93 -52.97
C PRO E 279 -40.03 15.89 -53.11
N LEU E 280 -40.08 16.92 -52.28
CA LEU E 280 -41.05 18.01 -52.40
C LEU E 280 -40.32 19.23 -52.95
N LEU E 281 -40.80 19.74 -54.08
CA LEU E 281 -40.11 20.82 -54.77
C LEU E 281 -39.93 22.04 -53.87
N THR E 282 -38.77 22.68 -53.97
CA THR E 282 -38.47 23.87 -53.20
C THR E 282 -38.57 25.15 -54.00
N THR E 283 -38.50 25.08 -55.32
CA THR E 283 -38.60 26.27 -56.17
C THR E 283 -40.02 26.82 -56.23
N LYS E 284 -40.99 26.14 -55.61
CA LYS E 284 -42.36 26.64 -55.52
C LYS E 284 -43.01 26.00 -54.30
N LYS E 285 -43.75 26.81 -53.55
CA LYS E 285 -44.49 26.29 -52.39
C LYS E 285 -45.62 25.40 -52.88
N VAL E 286 -45.53 24.11 -52.56
CA VAL E 286 -46.49 23.11 -53.03
C VAL E 286 -47.50 22.86 -51.91
N ALA E 287 -48.78 22.81 -52.27
CA ALA E 287 -49.83 22.53 -51.31
C ALA E 287 -49.76 21.08 -50.85
N ILE E 288 -48.97 20.82 -49.81
CA ILE E 288 -48.75 19.45 -49.36
C ILE E 288 -50.02 18.84 -48.77
N ARG E 289 -50.86 19.66 -48.14
CA ARG E 289 -52.08 19.13 -47.51
C ARG E 289 -53.06 18.62 -48.56
N SER E 290 -53.22 19.35 -49.66
CA SER E 290 -54.12 18.92 -50.73
C SER E 290 -53.62 17.64 -51.39
N ILE E 291 -52.31 17.46 -51.47
CA ILE E 291 -51.76 16.23 -52.03
C ILE E 291 -52.12 15.03 -51.18
N PHE E 292 -51.95 15.16 -49.85
CA PHE E 292 -52.26 14.06 -48.94
C PHE E 292 -53.75 13.74 -48.95
N GLU E 293 -54.59 14.78 -48.87
CA GLU E 293 -56.03 14.54 -48.79
C GLU E 293 -56.55 13.87 -50.06
N GLU E 294 -55.87 14.07 -51.19
CA GLU E 294 -56.22 13.36 -52.41
C GLU E 294 -55.74 11.91 -52.35
N LEU E 295 -54.56 11.67 -51.75
CA LEU E 295 -54.03 10.32 -51.69
C LEU E 295 -54.84 9.45 -50.74
N ILE E 296 -55.16 9.97 -49.56
CA ILE E 296 -56.00 9.21 -48.63
C ILE E 296 -57.40 9.04 -49.21
N TRP E 297 -57.83 9.97 -50.06
CA TRP E 297 -59.08 9.81 -50.78
C TRP E 297 -59.02 8.62 -51.74
N PHE E 298 -57.87 8.43 -52.38
CA PHE E 298 -57.67 7.25 -53.22
C PHE E 298 -57.60 5.98 -52.38
N ILE E 299 -56.79 6.01 -51.31
CA ILE E 299 -56.53 4.80 -50.53
C ILE E 299 -57.82 4.27 -49.90
N LYS E 300 -58.66 5.17 -49.39
CA LYS E 300 -59.91 4.76 -48.75
C LYS E 300 -60.92 4.19 -49.75
N GLY E 301 -60.64 4.25 -51.05
CA GLY E 301 -61.56 3.74 -52.03
C GLY E 301 -62.67 4.68 -52.42
N ASP E 302 -62.54 5.97 -52.12
CA ASP E 302 -63.62 6.92 -52.30
C ASP E 302 -63.56 7.56 -53.68
N THR E 303 -64.72 7.74 -54.30
CA THR E 303 -64.85 8.48 -55.55
C THR E 303 -65.79 9.68 -55.41
N ASN E 304 -66.25 9.99 -54.20
CA ASN E 304 -67.12 11.13 -53.96
C ASN E 304 -66.28 12.41 -53.98
N GLY E 305 -66.47 13.24 -55.01
CA GLY E 305 -65.71 14.47 -55.12
C GLY E 305 -66.06 15.51 -54.07
N ASN E 306 -67.21 15.36 -53.39
CA ASN E 306 -67.58 16.33 -52.37
C ASN E 306 -66.74 16.19 -51.11
N HIS E 307 -66.28 14.97 -50.79
CA HIS E 307 -65.47 14.77 -49.59
C HIS E 307 -64.17 15.54 -49.66
N LEU E 308 -63.67 15.80 -50.87
CA LEU E 308 -62.51 16.67 -51.04
C LEU E 308 -62.91 18.14 -50.91
N ILE E 309 -64.07 18.52 -51.44
CA ILE E 309 -64.53 19.90 -51.34
C ILE E 309 -64.88 20.23 -49.89
N GLU E 310 -65.42 19.27 -49.15
CA GLU E 310 -65.74 19.50 -47.75
C GLU E 310 -64.47 19.75 -46.93
N LYS E 311 -63.34 19.18 -47.35
CA LYS E 311 -62.06 19.39 -46.70
C LYS E 311 -61.26 20.51 -47.34
N LYS E 312 -61.93 21.40 -48.10
CA LYS E 312 -61.29 22.58 -48.71
C LYS E 312 -60.19 22.17 -49.69
N VAL E 313 -60.46 21.16 -50.50
CA VAL E 313 -59.55 20.71 -51.55
C VAL E 313 -60.31 20.79 -52.87
N TYR E 314 -59.91 21.73 -53.73
CA TYR E 314 -60.66 22.04 -54.94
C TYR E 314 -59.91 21.65 -56.21
N ILE E 315 -59.06 20.62 -56.13
CA ILE E 315 -58.30 20.24 -57.32
C ILE E 315 -59.16 19.47 -58.31
N TRP E 316 -60.21 18.79 -57.83
CA TRP E 316 -61.10 18.02 -58.69
C TRP E 316 -62.41 18.74 -58.96
N SER E 317 -62.46 20.06 -58.72
CA SER E 317 -63.69 20.80 -58.98
C SER E 317 -63.90 21.01 -60.47
N GLY E 318 -62.83 21.25 -61.22
CA GLY E 318 -62.96 21.52 -62.64
C GLY E 318 -63.47 20.31 -63.42
N ASN E 319 -62.91 19.14 -63.15
CA ASN E 319 -63.32 17.91 -63.82
C ASN E 319 -64.55 17.26 -63.17
N GLY E 320 -65.19 17.94 -62.22
CA GLY E 320 -66.37 17.43 -61.57
C GLY E 320 -67.48 18.45 -61.43
N SER E 321 -67.69 19.25 -62.46
CA SER E 321 -68.75 20.25 -62.48
C SER E 321 -69.89 19.79 -63.39
N LYS E 322 -71.05 20.43 -63.21
CA LYS E 322 -72.22 20.06 -64.01
C LYS E 322 -72.00 20.35 -65.49
N GLU E 323 -71.30 21.45 -65.80
CA GLU E 323 -71.06 21.80 -67.20
C GLU E 323 -70.05 20.85 -67.85
N TYR E 324 -69.05 20.42 -67.08
CA TYR E 324 -68.04 19.51 -67.62
C TYR E 324 -68.61 18.12 -67.82
N LEU E 325 -69.40 17.63 -66.85
CA LEU E 325 -69.93 16.28 -66.96
C LEU E 325 -70.93 16.16 -68.10
N GLU E 326 -71.78 17.18 -68.29
CA GLU E 326 -72.72 17.15 -69.41
C GLU E 326 -72.00 17.27 -70.75
N ARG E 327 -70.87 17.98 -70.78
CA ARG E 327 -70.14 18.16 -72.03
C ARG E 327 -69.46 16.87 -72.48
N ILE E 328 -68.98 16.06 -71.54
CA ILE E 328 -68.29 14.81 -71.89
C ILE E 328 -69.22 13.63 -71.99
N GLY E 329 -70.53 13.83 -71.84
CA GLY E 329 -71.49 12.76 -72.01
C GLY E 329 -72.00 12.12 -70.74
N LEU E 330 -71.83 12.76 -69.58
CA LEU E 330 -72.31 12.22 -68.32
C LEU E 330 -73.29 13.18 -67.65
N GLY E 331 -74.31 13.62 -68.39
CA GLY E 331 -75.26 14.57 -67.85
C GLY E 331 -76.13 14.01 -66.74
N HIS E 332 -76.39 12.70 -66.78
CA HIS E 332 -77.21 12.07 -65.74
C HIS E 332 -76.44 11.81 -64.45
N ARG E 333 -75.12 12.01 -64.45
CA ARG E 333 -74.31 11.84 -63.25
C ARG E 333 -74.50 13.01 -62.30
N GLU E 334 -74.39 12.72 -61.00
CA GLU E 334 -74.51 13.76 -59.98
C GLU E 334 -73.34 14.74 -60.09
N GLU E 335 -73.50 15.89 -59.43
CA GLU E 335 -72.58 17.03 -59.51
C GLU E 335 -71.11 16.63 -59.47
N ASN E 336 -70.65 16.11 -58.33
CA ASN E 336 -69.23 15.78 -58.15
C ASN E 336 -69.00 14.28 -58.09
N ASP E 337 -69.83 13.49 -58.78
CA ASP E 337 -69.64 12.05 -58.86
C ASP E 337 -68.70 11.76 -60.02
N LEU E 338 -67.43 11.51 -59.71
CA LEU E 338 -66.40 11.35 -60.73
C LEU E 338 -66.42 9.96 -61.37
N GLY E 339 -67.17 9.01 -60.83
CA GLY E 339 -67.23 7.68 -61.39
C GLY E 339 -66.06 6.83 -60.96
N PRO E 340 -65.93 5.64 -61.57
CA PRO E 340 -64.84 4.74 -61.18
C PRO E 340 -63.48 5.21 -61.67
N ILE E 341 -62.65 5.71 -60.76
CA ILE E 341 -61.36 6.30 -61.12
C ILE E 341 -60.34 5.77 -60.12
N TYR E 342 -59.24 6.51 -59.94
CA TYR E 342 -58.29 6.18 -58.88
C TYR E 342 -59.01 5.89 -57.58
N GLY E 343 -58.55 4.85 -56.89
CA GLY E 343 -59.17 4.39 -55.66
C GLY E 343 -60.40 3.54 -55.84
N PHE E 344 -60.97 3.47 -57.03
CA PHE E 344 -62.01 2.49 -57.28
C PHE E 344 -61.46 1.28 -58.01
N GLN E 345 -60.51 1.49 -58.92
CA GLN E 345 -59.74 0.39 -59.48
C GLN E 345 -58.71 -0.14 -58.50
N TRP E 346 -58.32 0.68 -57.51
CA TRP E 346 -57.38 0.22 -56.48
C TRP E 346 -58.02 -0.79 -55.56
N ARG E 347 -59.25 -0.52 -55.11
CA ARG E 347 -59.89 -1.34 -54.09
C ARG E 347 -60.98 -2.26 -54.63
N HIS E 348 -61.58 -1.93 -55.76
CA HIS E 348 -62.68 -2.70 -56.34
C HIS E 348 -62.52 -2.77 -57.86
N TYR E 349 -61.45 -3.41 -58.31
CA TYR E 349 -61.17 -3.48 -59.74
C TYR E 349 -62.19 -4.36 -60.46
N ASN E 350 -62.61 -3.90 -61.63
CA ASN E 350 -63.62 -4.53 -62.49
C ASN E 350 -65.02 -4.55 -61.88
N GLY E 351 -65.24 -3.84 -60.77
CA GLY E 351 -66.57 -3.76 -60.20
C GLY E 351 -67.42 -2.77 -60.98
N GLU E 352 -68.62 -3.20 -61.36
CA GLU E 352 -69.51 -2.34 -62.11
C GLU E 352 -69.97 -1.17 -61.25
N TYR E 353 -69.69 0.05 -61.70
CA TYR E 353 -69.98 1.24 -60.93
C TYR E 353 -71.44 1.65 -61.10
N LYS E 354 -72.05 2.06 -60.00
CA LYS E 354 -73.42 2.55 -60.01
C LYS E 354 -73.43 4.05 -59.72
N THR E 355 -73.34 4.41 -58.44
CA THR E 355 -73.20 5.79 -57.99
C THR E 355 -72.11 5.84 -56.92
N MET E 356 -71.86 7.04 -56.41
CA MET E 356 -70.88 7.24 -55.35
C MET E 356 -71.44 6.98 -53.96
N HIS E 357 -72.74 6.71 -53.85
CA HIS E 357 -73.38 6.50 -52.55
C HIS E 357 -73.53 5.02 -52.18
N ASP E 358 -73.40 4.12 -53.15
CA ASP E 358 -73.60 2.71 -52.87
C ASP E 358 -72.41 2.12 -52.11
N ASP E 359 -72.62 0.94 -51.56
CA ASP E 359 -71.60 0.22 -50.80
C ASP E 359 -70.93 -0.80 -51.72
N TYR E 360 -69.61 -0.68 -51.89
CA TYR E 360 -68.85 -1.56 -52.75
C TYR E 360 -67.91 -2.48 -51.99
N THR E 361 -68.04 -2.55 -50.67
CA THR E 361 -67.18 -3.40 -49.85
C THR E 361 -67.47 -4.85 -50.19
N GLY E 362 -66.52 -5.54 -50.82
CA GLY E 362 -66.64 -6.93 -51.19
C GLY E 362 -66.58 -7.18 -52.69
N VAL E 363 -67.05 -6.22 -53.48
CA VAL E 363 -67.07 -6.37 -54.94
C VAL E 363 -65.72 -5.95 -55.49
N GLY E 364 -65.31 -6.58 -56.60
CA GLY E 364 -64.07 -6.24 -57.25
C GLY E 364 -62.87 -6.89 -56.60
N VAL E 365 -61.72 -6.68 -57.23
CA VAL E 365 -60.44 -7.18 -56.74
C VAL E 365 -59.75 -6.05 -55.98
N ASP E 366 -59.39 -6.32 -54.72
CA ASP E 366 -58.73 -5.33 -53.88
C ASP E 366 -57.23 -5.43 -54.14
N GLN E 367 -56.76 -4.63 -55.11
CA GLN E 367 -55.34 -4.64 -55.45
C GLN E 367 -54.48 -4.14 -54.29
N LEU E 368 -54.92 -3.06 -53.64
CA LEU E 368 -54.12 -2.47 -52.57
C LEU E 368 -53.89 -3.46 -51.43
N ALA E 369 -54.92 -4.23 -51.07
CA ALA E 369 -54.75 -5.25 -50.04
C ALA E 369 -53.83 -6.37 -50.52
N LYS E 370 -54.05 -6.85 -51.74
CA LYS E 370 -53.17 -7.88 -52.29
C LYS E 370 -51.75 -7.37 -52.45
N LEU E 371 -51.59 -6.09 -52.75
CA LEU E 371 -50.25 -5.51 -52.85
C LEU E 371 -49.55 -5.53 -51.50
N ILE E 372 -50.24 -5.08 -50.45
CA ILE E 372 -49.64 -5.06 -49.11
C ILE E 372 -49.35 -6.48 -48.64
N GLU E 373 -50.29 -7.41 -48.86
CA GLU E 373 -50.08 -8.78 -48.44
C GLU E 373 -48.92 -9.43 -49.16
N THR E 374 -48.75 -9.11 -50.45
CA THR E 374 -47.65 -9.68 -51.21
C THR E 374 -46.32 -9.06 -50.83
N LEU E 375 -46.31 -7.79 -50.43
CA LEU E 375 -45.06 -7.11 -50.13
C LEU E 375 -44.34 -7.70 -48.93
N LYS E 376 -45.08 -8.17 -47.92
CA LYS E 376 -44.47 -8.73 -46.73
C LYS E 376 -44.47 -10.26 -46.70
N ASN E 377 -45.22 -10.92 -47.58
CA ASN E 377 -45.20 -12.37 -47.67
C ASN E 377 -44.25 -12.87 -48.76
N ASN E 378 -44.06 -12.11 -49.84
CA ASN E 378 -43.14 -12.48 -50.91
C ASN E 378 -42.45 -11.21 -51.39
N PRO E 379 -41.42 -10.75 -50.66
CA PRO E 379 -40.80 -9.46 -51.02
C PRO E 379 -40.06 -9.51 -52.35
N LYS E 380 -39.36 -10.59 -52.65
CA LYS E 380 -38.60 -10.70 -53.89
C LYS E 380 -39.48 -11.02 -55.10
N ASP E 381 -40.79 -11.03 -54.92
CA ASP E 381 -41.70 -11.21 -56.05
C ASP E 381 -41.59 -10.01 -57.00
N ARG E 382 -41.67 -10.29 -58.30
CA ARG E 382 -41.53 -9.26 -59.32
C ARG E 382 -42.88 -8.84 -59.92
N ARG E 383 -43.95 -8.91 -59.12
CA ARG E 383 -45.30 -8.62 -59.60
C ARG E 383 -46.05 -7.66 -58.68
N HIS E 384 -45.34 -6.88 -57.86
CA HIS E 384 -45.98 -5.89 -56.98
C HIS E 384 -46.46 -4.71 -57.83
N ILE E 385 -47.62 -4.90 -58.45
CA ILE E 385 -48.13 -3.96 -59.45
C ILE E 385 -49.51 -3.47 -59.02
N LEU E 386 -49.71 -2.16 -59.12
CA LEU E 386 -51.00 -1.52 -58.89
C LEU E 386 -51.37 -0.75 -60.14
N THR E 387 -52.48 -1.13 -60.77
CA THR E 387 -52.90 -0.53 -62.04
C THR E 387 -54.25 0.18 -61.87
N ALA E 388 -54.47 1.17 -62.74
CA ALA E 388 -55.73 1.89 -62.78
C ALA E 388 -56.35 1.94 -64.17
N TRP E 389 -55.67 1.41 -65.19
CA TRP E 389 -56.19 1.45 -66.55
C TRP E 389 -57.13 0.27 -66.76
N ASN E 390 -58.43 0.55 -66.80
CA ASN E 390 -59.45 -0.46 -67.04
C ASN E 390 -60.23 -0.10 -68.29
N PRO E 391 -59.96 -0.74 -69.43
CA PRO E 391 -60.68 -0.41 -70.67
C PRO E 391 -62.20 -0.56 -70.56
N SER E 392 -62.70 -1.39 -69.65
CA SER E 392 -64.15 -1.56 -69.53
C SER E 392 -64.82 -0.36 -68.88
N ALA E 393 -64.11 0.34 -67.99
CA ALA E 393 -64.67 1.44 -67.23
C ALA E 393 -64.23 2.80 -67.75
N LEU E 394 -63.45 2.86 -68.83
CA LEU E 394 -62.94 4.14 -69.33
C LEU E 394 -64.07 5.08 -69.71
N SER E 395 -65.14 4.55 -70.31
CA SER E 395 -66.25 5.38 -70.73
C SER E 395 -66.98 6.00 -69.54
N GLN E 396 -67.03 5.29 -68.42
CA GLN E 396 -67.72 5.78 -67.22
C GLN E 396 -66.91 6.81 -66.45
N MET E 397 -65.62 6.98 -66.74
CA MET E 397 -64.78 7.86 -65.96
C MET E 397 -64.97 9.32 -66.37
N ALA E 398 -64.91 10.21 -65.38
CA ALA E 398 -64.88 11.63 -65.67
C ALA E 398 -63.57 12.04 -66.33
N LEU E 399 -62.50 11.27 -66.11
CA LEU E 399 -61.19 11.52 -66.69
C LEU E 399 -60.36 10.25 -66.56
N PRO E 400 -59.80 9.72 -67.65
CA PRO E 400 -59.01 8.50 -67.58
C PRO E 400 -57.78 8.68 -66.69
N PRO E 401 -57.22 7.58 -66.16
CA PRO E 401 -56.09 7.72 -65.25
C PRO E 401 -54.86 8.28 -65.94
N CYS E 402 -54.21 9.24 -65.27
CA CYS E 402 -52.96 9.82 -65.76
C CYS E 402 -51.76 9.04 -65.22
N HIS E 403 -51.67 8.90 -63.90
CA HIS E 403 -50.75 7.93 -63.30
C HIS E 403 -51.41 6.57 -63.44
N VAL E 404 -50.95 5.80 -64.42
CA VAL E 404 -51.70 4.65 -64.93
C VAL E 404 -51.33 3.38 -64.19
N LEU E 405 -50.04 3.12 -64.02
CA LEU E 405 -49.59 1.86 -63.44
C LEU E 405 -48.33 2.09 -62.63
N SER E 406 -48.24 1.40 -61.49
CA SER E 406 -47.10 1.55 -60.60
C SER E 406 -46.62 0.18 -60.13
N GLN E 407 -45.31 0.03 -60.05
CA GLN E 407 -44.69 -1.20 -59.59
C GLN E 407 -43.80 -0.90 -58.39
N TYR E 408 -43.70 -1.87 -57.48
CA TYR E 408 -42.96 -1.69 -56.24
C TYR E 408 -41.96 -2.82 -56.06
N TYR E 409 -40.90 -2.53 -55.33
CA TYR E 409 -39.71 -3.37 -55.32
C TYR E 409 -39.06 -3.32 -53.96
N VAL E 410 -38.78 -4.48 -53.38
CA VAL E 410 -38.13 -4.59 -52.08
C VAL E 410 -36.67 -4.93 -52.31
N THR E 411 -35.78 -4.06 -51.82
CA THR E 411 -34.36 -4.28 -51.96
C THR E 411 -33.86 -5.28 -50.93
N ASN E 412 -32.60 -5.70 -51.09
CA ASN E 412 -32.02 -6.65 -50.15
C ASN E 412 -31.83 -6.05 -48.76
N ASP E 413 -31.75 -4.73 -48.64
CA ASP E 413 -31.66 -4.06 -47.34
C ASP E 413 -33.00 -3.53 -46.88
N ASN E 414 -34.09 -4.19 -47.26
CA ASN E 414 -35.43 -3.92 -46.73
C ASN E 414 -35.86 -2.47 -46.97
N CYS E 415 -35.68 -2.01 -48.20
CA CYS E 415 -36.20 -0.73 -48.66
C CYS E 415 -37.22 -0.96 -49.76
N LEU E 416 -38.20 -0.06 -49.84
CA LEU E 416 -39.29 -0.16 -50.81
C LEU E 416 -39.11 0.92 -51.87
N SER E 417 -38.84 0.50 -53.09
CA SER E 417 -38.75 1.41 -54.23
C SER E 417 -40.04 1.35 -55.04
N CYS E 418 -40.26 2.39 -55.85
CA CYS E 418 -41.47 2.53 -56.62
C CYS E 418 -41.15 3.04 -58.03
N ASN E 419 -41.81 2.43 -59.02
CA ASN E 419 -41.79 2.90 -60.39
C ASN E 419 -43.21 3.25 -60.79
N LEU E 420 -43.37 4.38 -61.50
CA LEU E 420 -44.68 4.83 -61.96
C LEU E 420 -44.60 5.20 -63.43
N TYR E 421 -45.56 4.72 -64.22
CA TYR E 421 -45.73 5.17 -65.59
C TYR E 421 -46.90 6.14 -65.67
N GLN E 422 -46.63 7.32 -66.24
CA GLN E 422 -47.61 8.39 -66.37
C GLN E 422 -47.83 8.67 -67.85
N ARG E 423 -49.07 8.44 -68.32
CA ARG E 423 -49.36 8.62 -69.73
C ARG E 423 -49.38 10.10 -70.13
N SER E 424 -49.83 10.97 -69.24
CA SER E 424 -49.93 12.40 -69.50
C SER E 424 -49.55 13.15 -68.24
N CYS E 425 -48.70 14.17 -68.39
CA CYS E 425 -48.12 14.86 -67.23
C CYS E 425 -48.16 16.35 -67.46
N ASP E 426 -49.07 17.04 -66.77
CA ASP E 426 -49.07 18.49 -66.72
C ASP E 426 -47.91 18.93 -65.82
N LEU E 427 -46.81 19.36 -66.44
CA LEU E 427 -45.61 19.70 -65.69
C LEU E 427 -45.79 20.92 -64.80
N GLY E 428 -46.82 21.74 -65.04
CA GLY E 428 -47.04 22.91 -64.23
C GLY E 428 -47.81 22.62 -62.96
N LEU E 429 -48.78 21.70 -63.04
CA LEU E 429 -49.66 21.41 -61.90
C LEU E 429 -49.60 19.95 -61.48
N GLY E 430 -49.87 19.02 -62.39
CA GLY E 430 -49.95 17.62 -62.00
C GLY E 430 -48.63 17.05 -61.54
N SER E 431 -47.54 17.42 -62.20
CA SER E 431 -46.24 16.83 -61.88
C SER E 431 -45.79 17.09 -60.45
N PRO E 432 -45.84 18.31 -59.92
CA PRO E 432 -45.48 18.48 -58.49
C PRO E 432 -46.38 17.68 -57.56
N PHE E 433 -47.65 17.51 -57.91
CA PHE E 433 -48.54 16.67 -57.10
C PHE E 433 -48.19 15.20 -57.25
N ASN E 434 -47.96 14.74 -58.49
CA ASN E 434 -47.69 13.33 -58.73
C ASN E 434 -46.39 12.89 -58.05
N ILE E 435 -45.38 13.76 -58.04
CA ILE E 435 -44.10 13.41 -57.43
C ILE E 435 -44.27 13.19 -55.93
N ALA E 436 -44.94 14.13 -55.25
CA ALA E 436 -45.09 14.03 -53.80
C ALA E 436 -46.11 12.96 -53.42
N SER E 437 -47.16 12.77 -54.22
CA SER E 437 -48.21 11.82 -53.85
C SER E 437 -47.68 10.40 -53.80
N TYR E 438 -47.01 9.96 -54.88
CA TYR E 438 -46.48 8.61 -54.90
C TYR E 438 -45.27 8.44 -53.98
N ALA E 439 -44.64 9.55 -53.56
CA ALA E 439 -43.62 9.44 -52.52
C ALA E 439 -44.26 9.13 -51.17
N ILE E 440 -45.35 9.82 -50.84
CA ILE E 440 -46.07 9.55 -49.60
C ILE E 440 -46.64 8.14 -49.61
N LEU E 441 -47.22 7.73 -50.74
CA LEU E 441 -47.81 6.40 -50.83
C LEU E 441 -46.75 5.31 -50.64
N THR E 442 -45.55 5.52 -51.17
CA THR E 442 -44.49 4.54 -50.98
C THR E 442 -44.05 4.47 -49.53
N MET E 443 -44.02 5.62 -48.84
CA MET E 443 -43.68 5.62 -47.42
C MET E 443 -44.76 4.97 -46.57
N MET E 444 -46.03 5.21 -46.92
CA MET E 444 -47.12 4.54 -46.21
C MET E 444 -47.03 3.03 -46.37
N LEU E 445 -46.87 2.56 -47.61
CA LEU E 445 -46.70 1.13 -47.85
C LEU E 445 -45.48 0.58 -47.14
N ALA E 446 -44.43 1.41 -46.98
CA ALA E 446 -43.22 0.95 -46.30
C ALA E 446 -43.46 0.73 -44.81
N GLN E 447 -44.18 1.64 -44.17
CA GLN E 447 -44.44 1.51 -42.74
C GLN E 447 -45.38 0.35 -42.44
N VAL E 448 -46.42 0.19 -43.25
CA VAL E 448 -47.38 -0.90 -43.02
C VAL E 448 -46.71 -2.26 -43.25
N CYS E 449 -45.72 -2.32 -44.15
CA CYS E 449 -45.03 -3.57 -44.45
C CYS E 449 -43.72 -3.72 -43.68
N GLY E 450 -43.31 -2.71 -42.92
CA GLY E 450 -42.10 -2.83 -42.12
C GLY E 450 -40.81 -2.63 -42.88
N TYR E 451 -40.81 -1.75 -43.88
CA TYR E 451 -39.62 -1.44 -44.67
C TYR E 451 -39.30 0.05 -44.53
N GLU E 452 -38.20 0.46 -45.16
CA GLU E 452 -37.83 1.86 -45.24
C GLU E 452 -38.06 2.40 -46.65
N PRO E 453 -38.28 3.71 -46.79
CA PRO E 453 -38.47 4.27 -48.13
C PRO E 453 -37.20 4.14 -48.97
N GLY E 454 -37.40 3.85 -50.26
CA GLY E 454 -36.29 3.66 -51.17
C GLY E 454 -36.16 4.76 -52.20
N GLU E 455 -36.38 4.43 -53.48
CA GLU E 455 -36.29 5.38 -54.56
C GLU E 455 -37.64 5.49 -55.26
N LEU E 456 -37.81 6.61 -55.97
CA LEU E 456 -39.02 6.86 -56.75
C LEU E 456 -38.62 7.22 -58.18
N ALA E 457 -39.10 6.43 -59.14
CA ALA E 457 -38.88 6.69 -60.55
C ALA E 457 -40.22 6.89 -61.23
N ILE E 458 -40.31 7.93 -62.06
CA ILE E 458 -41.54 8.28 -62.78
C ILE E 458 -41.22 8.31 -64.26
N PHE E 459 -41.85 7.40 -65.01
CA PHE E 459 -41.68 7.34 -66.46
C PHE E 459 -42.88 8.00 -67.11
N ILE E 460 -42.63 9.00 -67.94
CA ILE E 460 -43.66 9.88 -68.46
C ILE E 460 -43.80 9.67 -69.96
N GLY E 461 -45.04 9.51 -70.42
CA GLY E 461 -45.32 9.48 -71.84
C GLY E 461 -45.37 10.88 -72.42
N ASP E 462 -46.54 11.50 -72.41
CA ASP E 462 -46.72 12.84 -72.97
C ASP E 462 -46.44 13.87 -71.89
N ALA E 463 -45.19 14.29 -71.80
CA ALA E 463 -44.78 15.38 -70.93
C ALA E 463 -44.99 16.70 -71.66
N HIS E 464 -45.75 17.60 -71.05
CA HIS E 464 -46.15 18.81 -71.77
C HIS E 464 -46.27 19.98 -70.80
N ILE E 465 -46.31 21.19 -71.37
CA ILE E 465 -46.46 22.43 -70.63
C ILE E 465 -47.55 23.25 -71.31
N TYR E 466 -48.59 23.59 -70.56
CA TYR E 466 -49.65 24.43 -71.10
C TYR E 466 -49.14 25.85 -71.33
N GLU E 467 -49.60 26.46 -72.43
CA GLU E 467 -49.04 27.74 -72.87
C GLU E 467 -49.33 28.88 -71.91
N ASN E 468 -50.37 28.76 -71.08
CA ASN E 468 -50.63 29.78 -70.06
C ASN E 468 -49.74 29.62 -68.84
N HIS E 469 -48.89 28.59 -68.82
CA HIS E 469 -47.93 28.37 -67.75
C HIS E 469 -46.52 28.80 -68.13
N LEU E 470 -46.35 29.40 -69.31
CA LEU E 470 -45.01 29.71 -69.80
C LEU E 470 -44.33 30.78 -68.95
N THR E 471 -45.04 31.87 -68.67
CA THR E 471 -44.47 32.94 -67.85
C THR E 471 -44.16 32.44 -66.44
N GLN E 472 -45.06 31.63 -65.88
CA GLN E 472 -44.87 31.15 -64.52
C GLN E 472 -43.69 30.18 -64.42
N LEU E 473 -43.62 29.20 -65.33
CA LEU E 473 -42.57 28.20 -65.24
C LEU E 473 -41.19 28.79 -65.53
N LYS E 474 -41.11 29.81 -66.38
CA LYS E 474 -39.84 30.50 -66.57
C LYS E 474 -39.42 31.25 -65.31
N GLU E 475 -40.38 31.79 -64.56
CA GLU E 475 -40.07 32.37 -63.26
C GLU E 475 -39.56 31.31 -62.30
N GLN E 476 -40.20 30.14 -62.29
CA GLN E 476 -39.76 29.06 -61.42
C GLN E 476 -38.37 28.57 -61.77
N LEU E 477 -38.01 28.60 -63.06
CA LEU E 477 -36.68 28.19 -63.49
C LEU E 477 -35.58 29.16 -63.11
N SER E 478 -35.92 30.38 -62.70
CA SER E 478 -34.93 31.36 -62.28
C SER E 478 -34.52 31.22 -60.83
N ARG E 479 -35.12 30.28 -60.10
CA ARG E 479 -34.87 30.12 -58.67
C ARG E 479 -33.96 28.92 -58.44
N THR E 480 -32.82 29.15 -57.81
CA THR E 480 -31.89 28.07 -57.51
C THR E 480 -32.49 27.15 -56.47
N PRO E 481 -32.47 25.83 -56.68
CA PRO E 481 -33.13 24.92 -55.73
C PRO E 481 -32.50 24.95 -54.35
N ARG E 482 -33.31 24.57 -53.37
CA ARG E 482 -32.93 24.44 -51.98
C ARG E 482 -33.05 22.98 -51.56
N PRO E 483 -32.40 22.57 -50.47
CA PRO E 483 -32.43 21.15 -50.07
C PRO E 483 -33.85 20.67 -49.79
N PHE E 484 -34.08 19.40 -50.14
CA PHE E 484 -35.38 18.79 -49.91
C PHE E 484 -35.70 18.75 -48.42
N PRO E 485 -36.97 18.85 -48.04
CA PRO E 485 -37.33 18.70 -46.63
C PRO E 485 -37.34 17.25 -46.19
N GLN E 486 -37.81 16.99 -44.97
CA GLN E 486 -38.03 15.64 -44.47
C GLN E 486 -39.51 15.45 -44.17
N LEU E 487 -39.97 14.21 -44.29
CA LEU E 487 -41.35 13.86 -43.95
C LEU E 487 -41.33 12.60 -43.11
N LYS E 488 -41.82 12.71 -41.88
CA LYS E 488 -41.87 11.59 -40.96
C LYS E 488 -43.28 11.45 -40.42
N PHE E 489 -43.65 10.21 -40.11
CA PHE E 489 -44.95 9.91 -39.51
C PHE E 489 -44.83 9.92 -37.99
N LYS E 490 -45.86 10.45 -37.33
CA LYS E 490 -45.83 10.56 -35.87
C LYS E 490 -46.18 9.24 -35.17
N ARG E 491 -46.92 8.35 -35.82
CA ARG E 491 -47.30 7.08 -35.20
C ARG E 491 -47.29 5.99 -36.26
N LYS E 492 -47.21 4.75 -35.80
CA LYS E 492 -47.28 3.58 -36.67
C LYS E 492 -48.71 3.08 -36.68
N VAL E 493 -49.36 3.17 -37.84
CA VAL E 493 -50.73 2.71 -37.97
C VAL E 493 -50.75 1.19 -38.16
N GLU E 494 -51.92 0.59 -37.91
CA GLU E 494 -52.08 -0.83 -38.12
C GLU E 494 -52.62 -1.14 -39.51
N ASN E 495 -53.56 -0.32 -40.00
CA ASN E 495 -54.04 -0.43 -41.36
C ASN E 495 -53.74 0.88 -42.10
N ILE E 496 -53.46 0.75 -43.40
CA ILE E 496 -53.06 1.90 -44.20
C ILE E 496 -54.13 2.97 -44.28
N GLU E 497 -55.39 2.60 -44.08
CA GLU E 497 -56.50 3.56 -44.19
C GLU E 497 -56.57 4.52 -43.01
N ASP E 498 -55.82 4.27 -41.94
CA ASP E 498 -55.93 5.04 -40.70
C ASP E 498 -55.11 6.32 -40.70
N PHE E 499 -54.42 6.65 -41.78
CA PHE E 499 -53.59 7.85 -41.80
C PHE E 499 -54.45 9.11 -41.81
N LYS E 500 -54.03 10.10 -41.02
CA LYS E 500 -54.69 11.39 -40.95
C LYS E 500 -53.66 12.49 -41.19
N TRP E 501 -54.15 13.68 -41.55
CA TRP E 501 -53.25 14.80 -41.85
C TRP E 501 -52.44 15.20 -40.63
N GLU E 502 -52.96 14.98 -39.43
CA GLU E 502 -52.23 15.30 -38.21
C GLU E 502 -51.04 14.36 -37.99
N ASP E 503 -51.04 13.21 -38.66
CA ASP E 503 -49.98 12.21 -38.50
C ASP E 503 -48.71 12.56 -39.28
N ILE E 504 -48.73 13.60 -40.12
CA ILE E 504 -47.62 13.92 -40.99
C ILE E 504 -46.88 15.13 -40.43
N GLU E 505 -45.56 15.01 -40.32
CA GLU E 505 -44.70 16.09 -39.84
C GLU E 505 -43.75 16.49 -40.97
N LEU E 506 -43.84 17.74 -41.41
CA LEU E 506 -43.00 18.28 -42.48
C LEU E 506 -41.88 19.09 -41.86
N ILE E 507 -40.67 18.54 -41.87
CA ILE E 507 -39.53 19.10 -41.15
C ILE E 507 -38.60 19.78 -42.15
N GLY E 508 -38.33 21.07 -41.94
CA GLY E 508 -37.34 21.78 -42.71
C GLY E 508 -37.69 22.02 -44.16
N TYR E 509 -38.85 22.64 -44.41
CA TYR E 509 -39.29 22.96 -45.76
C TYR E 509 -39.34 24.48 -45.88
N TYR E 510 -38.40 25.04 -46.64
CA TYR E 510 -38.28 26.49 -46.84
C TYR E 510 -38.34 26.80 -48.32
N PRO E 511 -39.52 26.78 -48.93
CA PRO E 511 -39.64 26.94 -50.38
C PRO E 511 -39.69 28.40 -50.80
N TYR E 512 -39.49 28.61 -52.10
CA TYR E 512 -39.75 29.90 -52.70
C TYR E 512 -41.26 30.15 -52.75
N PRO E 513 -41.68 31.41 -52.88
CA PRO E 513 -43.12 31.71 -52.84
C PRO E 513 -43.90 30.94 -53.89
N THR E 514 -45.17 30.68 -53.58
CA THR E 514 -46.03 29.91 -54.47
C THR E 514 -46.29 30.68 -55.77
N ILE E 515 -46.56 29.94 -56.83
CA ILE E 515 -46.80 30.49 -58.16
C ILE E 515 -48.17 30.00 -58.63
N LYS E 516 -49.06 30.94 -58.97
CA LYS E 516 -50.41 30.59 -59.36
C LYS E 516 -50.45 30.16 -60.83
N MET E 517 -51.09 29.02 -61.09
CA MET E 517 -51.24 28.51 -62.44
C MET E 517 -52.63 27.89 -62.59
N ASP E 518 -53.34 28.30 -63.63
CA ASP E 518 -54.72 27.87 -63.83
C ASP E 518 -54.77 26.50 -64.50
N MET E 519 -55.70 25.66 -64.04
CA MET E 519 -55.87 24.33 -64.60
C MET E 519 -56.72 24.38 -65.87
N ALA E 520 -56.33 23.58 -66.86
CA ALA E 520 -57.10 23.45 -68.08
C ALA E 520 -58.18 22.39 -67.91
N VAL E 521 -59.43 22.77 -68.17
CA VAL E 521 -60.57 21.88 -67.98
C VAL E 521 -60.84 21.08 -69.25
#